data_4WHR
#
_entry.id   4WHR
#
_cell.length_a   128.437
_cell.length_b   140.644
_cell.length_c   168.291
_cell.angle_alpha   90.000
_cell.angle_beta   90.000
_cell.angle_gamma   90.000
#
_symmetry.space_group_name_H-M   'I 2 2 2'
#
loop_
_entity.id
_entity.type
_entity.pdbx_description
1 polymer 'Protocatechuate 3,4-dioxygenase alpha chain'
2 polymer 'Protocatechuate 3,4-dioxygenase beta chain'
3 polymer 'Protocatechuate 3,4-dioxygenase beta chain'
4 non-polymer 4-fluorobenzene-1,2-diol
5 non-polymer BETA-MERCAPTOETHANOL
6 non-polymer 'FE (III) ION'
7 non-polymer 2-AMINO-2-HYDROXYMETHYL-PROPANE-1,3-DIOL
8 non-polymer 4-fluorooxepine-2,7-dione
9 non-polymer 'CHLORIDE ION'
10 water water
#
loop_
_entity_poly.entity_id
_entity_poly.type
_entity_poly.pdbx_seq_one_letter_code
_entity_poly.pdbx_strand_id
1 'polypeptide(L)'
;PIELLPETPSQTAGPYVHIGLALEAAGNPTRDQEIWNRLAKPDAPGEHILLLGQVYDGNGHLVRDSFLEVWQADANGEYQ
DAYNLENAFNSFGRTATTFDAGEWTLHTVKPGVVNNAAGVPMAPHINISLFARGINIHLHTRLYFDDEAQANAKCPVLNL
IEQPQRRETLIAKRCEVDGKTAYRFDIRIQGEGETVFFDF
;
A,E,C
2 'polypeptide(L)'
;PAQDNSRFVIRDRNWHPKALTPDYKTSIARSPRQALVSIPQSISETTGPNFSHLGFGAHDHDLLLNFNNGGLPIGERIIV
AGRVVDQYGKPVPNTLVEMWQANAGGRYRHKNDRYLAPLDPNFGGVGR(CSO)LTDSDGYYSFRTIKPGPYPWRNGPNDW
RPAHIHFGISGPSIATKLITQLYFEGDPLIPMCPIVKSIANPEAVQQLIAKLDMNNANPMDCLAYRFDIVLRGQRKTHFE
NC
;
D,B
3 'polypeptide(L)'
;PAQDNSRFVIRDRNWHPKALTPDYKTSIARSPRQALVSIPQSISETTGPNFSHLGFGAHDHDLLLNFNNGGLPIGERIIV
AGRVVDQYGKPVPNTLVEMWQANAGGRYRHKNDRYLAPLDPNFGGVGR(CSO)LTDSDGYYSFRTIKPGPYPWRNGPNDW
RPAHIHFGISGPSIATKLITQLYFEGDPLIP(MHO)CPIVKSIANPEAVQQLIAKLDMNNANPMDCLAYRFDIVLRGQRK
THFENC
;
F
#
# COMPACT_ATOMS: atom_id res chain seq x y z
N PRO A 1 -9.59 -26.13 13.45
CA PRO A 1 -10.29 -26.59 12.24
C PRO A 1 -9.47 -27.61 11.46
N ILE A 2 -10.11 -28.27 10.49
CA ILE A 2 -9.44 -29.19 9.60
C ILE A 2 -8.55 -28.44 8.64
N GLU A 3 -7.29 -28.87 8.59
CA GLU A 3 -6.30 -28.28 7.70
C GLU A 3 -5.81 -29.35 6.75
N LEU A 4 -5.95 -29.12 5.43
CA LEU A 4 -5.44 -30.02 4.41
C LEU A 4 -3.97 -29.75 4.13
N LEU A 5 -3.37 -30.50 3.20
CA LEU A 5 -2.03 -30.15 2.74
C LEU A 5 -2.11 -28.76 2.10
N PRO A 6 -1.13 -27.88 2.36
CA PRO A 6 -1.17 -26.59 1.64
C PRO A 6 -0.84 -26.76 0.16
N GLU A 7 -1.49 -25.95 -0.67
CA GLU A 7 -1.22 -25.88 -2.10
C GLU A 7 0.22 -25.39 -2.30
N THR A 8 0.90 -25.94 -3.30
CA THR A 8 2.16 -25.35 -3.75
C THR A 8 1.94 -23.89 -4.14
N PRO A 9 2.78 -22.97 -3.61
CA PRO A 9 2.51 -21.57 -3.92
C PRO A 9 2.92 -21.16 -5.33
N SER A 10 2.18 -20.22 -5.88
CA SER A 10 2.46 -19.67 -7.21
C SER A 10 3.73 -18.84 -7.21
N GLN A 11 4.31 -18.70 -8.39
CA GLN A 11 5.38 -17.71 -8.62
C GLN A 11 5.15 -17.16 -10.02
N THR A 12 5.74 -16.00 -10.29
CA THR A 12 5.62 -15.40 -11.62
C THR A 12 6.10 -16.38 -12.70
N ALA A 13 5.46 -16.32 -13.86
CA ALA A 13 5.95 -17.05 -15.03
C ALA A 13 7.28 -16.45 -15.52
N GLY A 14 7.49 -15.17 -15.24
CA GLY A 14 8.78 -14.55 -15.54
C GLY A 14 8.87 -14.13 -16.99
N PRO A 15 9.92 -13.39 -17.35
CA PRO A 15 10.09 -12.86 -18.73
C PRO A 15 10.34 -13.93 -19.80
N TYR A 16 10.84 -15.10 -19.40
CA TYR A 16 11.23 -16.09 -20.38
C TYR A 16 10.27 -17.26 -20.43
N VAL A 17 9.03 -17.02 -19.95
CA VAL A 17 7.93 -18.00 -20.05
C VAL A 17 7.78 -18.66 -21.43
N HIS A 18 8.08 -17.91 -22.48
CA HIS A 18 7.89 -18.41 -23.85
C HIS A 18 8.77 -19.59 -24.20
N ILE A 19 9.95 -19.71 -23.60
CA ILE A 19 10.79 -20.85 -23.94
C ILE A 19 10.13 -22.15 -23.48
N GLY A 20 9.32 -22.11 -22.43
CA GLY A 20 8.62 -23.31 -21.94
C GLY A 20 7.24 -23.54 -22.55
N LEU A 21 6.51 -22.45 -22.83
CA LEU A 21 5.09 -22.48 -23.17
C LEU A 21 4.70 -21.79 -24.49
N ALA A 22 5.64 -21.12 -25.14
CA ALA A 22 5.39 -20.36 -26.39
C ALA A 22 6.66 -20.37 -27.23
N LEU A 23 7.11 -21.56 -27.60
CA LEU A 23 8.50 -21.79 -28.07
C LEU A 23 8.93 -20.90 -29.24
N GLU A 24 8.06 -20.78 -30.23
CA GLU A 24 8.29 -19.93 -31.40
C GLU A 24 8.54 -18.48 -31.00
N ALA A 25 7.74 -17.99 -30.04
CA ALA A 25 7.84 -16.60 -29.57
C ALA A 25 9.19 -16.29 -28.90
N ALA A 26 9.80 -17.27 -28.26
CA ALA A 26 11.12 -17.11 -27.65
C ALA A 26 12.25 -16.98 -28.70
N GLY A 27 11.95 -17.40 -29.92
CA GLY A 27 12.91 -17.43 -31.02
C GLY A 27 13.47 -18.82 -31.28
N ASN A 28 12.82 -19.86 -30.72
CA ASN A 28 13.38 -21.20 -30.70
C ASN A 28 12.64 -22.19 -31.60
N PRO A 29 13.27 -23.33 -31.92
CA PRO A 29 12.59 -24.42 -32.63
C PRO A 29 11.35 -24.91 -31.86
N THR A 30 10.41 -25.49 -32.60
CA THR A 30 9.20 -26.05 -32.00
C THR A 30 9.25 -27.56 -32.09
N ARG A 31 8.50 -28.22 -31.20
CA ARG A 31 8.37 -29.67 -31.24
C ARG A 31 7.28 -30.00 -32.23
N ASP A 32 7.10 -31.29 -32.53
CA ASP A 32 6.13 -31.71 -33.53
C ASP A 32 4.72 -31.26 -33.16
N GLN A 33 4.36 -31.38 -31.88
CA GLN A 33 3.05 -30.96 -31.40
C GLN A 33 3.18 -29.87 -30.32
N GLU A 34 2.54 -28.72 -30.58
CA GLU A 34 2.49 -27.60 -29.64
C GLU A 34 1.06 -27.17 -29.36
N ILE A 35 0.82 -26.72 -28.13
CA ILE A 35 -0.48 -26.20 -27.71
C ILE A 35 -0.48 -24.71 -28.02
N TRP A 36 -1.34 -24.27 -28.94
CA TRP A 36 -1.29 -22.88 -29.37
C TRP A 36 -2.69 -22.25 -29.66
N ASN A 37 -2.78 -21.32 -30.59
CA ASN A 37 -3.86 -20.33 -30.63
C ASN A 37 -4.97 -20.56 -31.66
N ARG A 38 -4.97 -21.74 -32.28
CA ARG A 38 -6.00 -22.13 -33.22
C ARG A 38 -6.85 -23.23 -32.62
N LEU A 39 -7.95 -22.83 -32.00
CA LEU A 39 -8.86 -23.76 -31.34
C LEU A 39 -9.74 -24.50 -32.35
N ALA A 40 -9.98 -23.90 -33.50
CA ALA A 40 -10.90 -24.45 -34.47
C ALA A 40 -10.24 -24.61 -35.82
N LYS A 41 -10.32 -25.81 -36.40
CA LYS A 41 -9.97 -26.02 -37.81
C LYS A 41 -11.11 -25.44 -38.64
N PRO A 42 -10.84 -25.15 -39.93
CA PRO A 42 -11.87 -24.57 -40.78
C PRO A 42 -13.22 -25.29 -40.78
N ASP A 43 -13.19 -26.61 -40.58
CA ASP A 43 -14.38 -27.46 -40.65
C ASP A 43 -15.16 -27.59 -39.35
N ALA A 44 -14.69 -26.98 -38.26
CA ALA A 44 -15.41 -27.04 -36.98
C ALA A 44 -16.77 -26.39 -37.13
N PRO A 45 -17.82 -26.97 -36.53
CA PRO A 45 -19.11 -26.29 -36.53
C PRO A 45 -19.10 -25.00 -35.69
N GLY A 46 -20.01 -24.10 -36.04
CA GLY A 46 -20.19 -22.84 -35.33
C GLY A 46 -19.75 -21.63 -36.14
N GLU A 47 -19.82 -20.46 -35.50
CA GLU A 47 -19.41 -19.21 -36.13
C GLU A 47 -17.93 -18.98 -35.88
N HIS A 48 -17.14 -19.05 -36.93
CA HIS A 48 -15.71 -18.82 -36.83
C HIS A 48 -15.38 -17.36 -36.58
N ILE A 49 -14.56 -17.14 -35.54
CA ILE A 49 -14.18 -15.79 -35.11
C ILE A 49 -12.68 -15.64 -34.84
N LEU A 50 -12.21 -14.42 -35.01
CA LEU A 50 -10.88 -13.98 -34.63
C LEU A 50 -11.01 -13.17 -33.34
N LEU A 51 -10.20 -13.50 -32.33
CA LEU A 51 -10.06 -12.66 -31.14
C LEU A 51 -8.68 -12.04 -31.13
N LEU A 52 -8.60 -10.78 -30.74
CA LEU A 52 -7.31 -10.15 -30.59
C LEU A 52 -7.36 -9.17 -29.45
N GLY A 53 -6.19 -8.81 -28.94
CA GLY A 53 -6.12 -7.83 -27.88
C GLY A 53 -4.72 -7.44 -27.48
N GLN A 54 -4.66 -6.40 -26.64
CA GLN A 54 -3.44 -5.93 -26.05
C GLN A 54 -3.62 -5.84 -24.56
N VAL A 55 -2.50 -5.88 -23.86
CA VAL A 55 -2.50 -5.92 -22.39
C VAL A 55 -1.71 -4.71 -21.90
N TYR A 56 -2.28 -3.97 -20.97
CA TYR A 56 -1.66 -2.75 -20.46
C TYR A 56 -1.36 -2.82 -18.96
N ASP A 57 -0.24 -2.23 -18.57
CA ASP A 57 0.10 -2.09 -17.16
C ASP A 57 -0.52 -0.82 -16.58
N GLY A 58 -0.26 -0.56 -15.31
CA GLY A 58 -0.87 0.56 -14.61
C GLY A 58 -0.40 1.95 -15.02
N ASN A 59 0.66 1.99 -15.80
CA ASN A 59 1.11 3.24 -16.39
C ASN A 59 0.62 3.43 -17.82
N GLY A 60 -0.23 2.53 -18.30
CA GLY A 60 -0.73 2.61 -19.67
C GLY A 60 0.17 2.07 -20.75
N HIS A 61 1.22 1.35 -20.34
CA HIS A 61 2.19 0.80 -21.28
C HIS A 61 1.90 -0.65 -21.60
N LEU A 62 2.21 -1.04 -22.83
CA LEU A 62 1.96 -2.39 -23.29
C LEU A 62 2.79 -3.40 -22.49
N VAL A 63 2.16 -4.52 -22.17
CA VAL A 63 2.83 -5.66 -21.56
C VAL A 63 3.16 -6.56 -22.71
N ARG A 64 4.41 -6.54 -23.10
CA ARG A 64 4.84 -7.18 -24.32
C ARG A 64 5.21 -8.63 -24.11
N ASP A 65 5.25 -9.09 -22.85
CA ASP A 65 5.68 -10.44 -22.52
C ASP A 65 4.59 -11.27 -21.80
N SER A 66 3.33 -11.04 -22.12
N SER A 66 3.33 -10.98 -22.14
CA SER A 66 2.26 -11.78 -21.46
CA SER A 66 2.12 -11.68 -21.62
C SER A 66 1.82 -13.01 -22.25
C SER A 66 1.96 -13.07 -22.23
N PHE A 67 1.32 -13.97 -21.48
CA PHE A 67 0.97 -15.27 -21.93
C PHE A 67 -0.48 -15.48 -21.45
N LEU A 68 -1.38 -15.92 -22.34
CA LEU A 68 -2.77 -16.16 -22.02
C LEU A 68 -3.16 -17.59 -22.29
N GLU A 69 -3.88 -18.18 -21.35
CA GLU A 69 -4.52 -19.47 -21.58
C GLU A 69 -6.02 -19.29 -21.61
N VAL A 70 -6.67 -19.95 -22.56
CA VAL A 70 -8.09 -19.78 -22.77
C VAL A 70 -8.81 -21.11 -22.70
N TRP A 71 -10.05 -21.07 -22.22
CA TRP A 71 -10.89 -22.24 -22.06
C TRP A 71 -12.32 -21.80 -22.38
N GLN A 72 -12.96 -22.47 -23.35
CA GLN A 72 -14.28 -22.09 -23.79
C GLN A 72 -15.07 -23.30 -24.24
N ALA A 73 -16.38 -23.16 -24.19
CA ALA A 73 -17.29 -24.19 -24.70
C ALA A 73 -17.25 -24.20 -26.23
N ASP A 74 -17.65 -25.34 -26.81
CA ASP A 74 -17.86 -25.43 -28.25
C ASP A 74 -19.13 -24.66 -28.64
N ALA A 75 -19.52 -24.72 -29.90
CA ALA A 75 -20.71 -23.97 -30.34
C ALA A 75 -22.04 -24.46 -29.71
N ASN A 76 -22.06 -25.71 -29.22
CA ASN A 76 -23.22 -26.27 -28.51
C ASN A 76 -23.27 -25.92 -27.01
N GLY A 77 -22.27 -25.21 -26.51
CA GLY A 77 -22.18 -24.95 -25.10
C GLY A 77 -21.69 -26.13 -24.27
N GLU A 78 -20.85 -26.98 -24.88
CA GLU A 78 -20.20 -28.09 -24.18
C GLU A 78 -18.69 -27.93 -24.19
N TYR A 79 -18.07 -28.20 -23.04
CA TYR A 79 -16.64 -28.14 -22.87
C TYR A 79 -16.05 -29.47 -23.34
N GLN A 80 -15.02 -29.37 -24.16
CA GLN A 80 -14.36 -30.54 -24.77
C GLN A 80 -12.98 -30.69 -24.18
N ASP A 81 -12.83 -31.60 -23.23
CA ASP A 81 -11.58 -31.71 -22.50
C ASP A 81 -10.53 -32.64 -23.13
N ALA A 82 -10.92 -33.42 -24.14
CA ALA A 82 -9.98 -34.36 -24.73
C ALA A 82 -9.11 -33.66 -25.77
N TYR A 83 -8.00 -33.11 -25.30
CA TYR A 83 -7.16 -32.26 -26.14
C TYR A 83 -6.41 -33.10 -27.16
N ASN A 84 -6.54 -32.76 -28.44
CA ASN A 84 -5.87 -33.50 -29.50
C ASN A 84 -5.75 -32.58 -30.71
N LEU A 85 -4.55 -32.50 -31.29
CA LEU A 85 -4.33 -31.65 -32.44
C LEU A 85 -5.09 -32.19 -33.67
N GLU A 86 -5.56 -33.43 -33.60
CA GLU A 86 -6.39 -34.00 -34.66
C GLU A 86 -7.85 -33.49 -34.63
N ASN A 87 -8.27 -32.91 -33.52
CA ASN A 87 -9.66 -32.49 -33.37
C ASN A 87 -9.98 -31.30 -34.22
N ALA A 88 -11.20 -31.26 -34.78
CA ALA A 88 -11.68 -30.05 -35.45
C ALA A 88 -11.80 -28.90 -34.47
N PHE A 89 -12.07 -29.20 -33.21
CA PHE A 89 -12.19 -28.16 -32.19
C PHE A 89 -11.59 -28.64 -30.86
N ASN A 90 -10.84 -27.75 -30.22
CA ASN A 90 -10.41 -27.92 -28.83
C ASN A 90 -10.92 -26.76 -28.01
N SER A 91 -11.35 -27.04 -26.79
CA SER A 91 -11.81 -26.00 -25.87
C SER A 91 -10.69 -25.17 -25.25
N PHE A 92 -9.45 -25.66 -25.34
CA PHE A 92 -8.28 -25.04 -24.72
C PHE A 92 -7.31 -24.48 -25.75
N GLY A 93 -6.71 -23.34 -25.44
CA GLY A 93 -5.57 -22.89 -26.21
C GLY A 93 -4.70 -21.93 -25.44
N ARG A 94 -3.62 -21.51 -26.11
CA ARG A 94 -2.62 -20.60 -25.59
C ARG A 94 -2.30 -19.53 -26.64
N THR A 95 -2.00 -18.32 -26.18
CA THR A 95 -1.50 -17.26 -27.04
C THR A 95 -0.56 -16.36 -26.22
N ALA A 96 0.11 -15.44 -26.89
CA ALA A 96 1.06 -14.56 -26.24
C ALA A 96 1.09 -13.25 -26.99
N THR A 97 1.49 -12.20 -26.29
CA THR A 97 1.62 -10.89 -26.94
C THR A 97 2.93 -10.85 -27.75
N THR A 98 2.91 -10.30 -28.96
N THR A 98 2.90 -10.28 -28.96
CA THR A 98 4.17 -10.12 -29.70
CA THR A 98 4.13 -10.05 -29.73
C THR A 98 4.98 -9.00 -29.05
C THR A 98 4.99 -9.00 -29.02
N PHE A 99 6.31 -9.13 -29.10
CA PHE A 99 7.21 -8.20 -28.39
C PHE A 99 7.26 -6.81 -29.01
N ASP A 100 7.00 -6.71 -30.31
CA ASP A 100 6.98 -5.40 -30.99
C ASP A 100 5.65 -4.64 -30.85
N ALA A 101 4.53 -5.29 -31.16
CA ALA A 101 3.21 -4.64 -31.20
C ALA A 101 2.40 -4.89 -29.92
N GLY A 102 2.70 -5.98 -29.23
CA GLY A 102 2.01 -6.29 -27.99
C GLY A 102 0.66 -6.96 -28.21
N GLU A 103 0.37 -7.41 -29.43
CA GLU A 103 -0.96 -7.94 -29.71
C GLU A 103 -0.96 -9.48 -29.70
N TRP A 104 -1.95 -10.07 -29.03
CA TRP A 104 -2.20 -11.53 -29.14
C TRP A 104 -3.37 -11.77 -30.07
N THR A 105 -3.42 -12.96 -30.66
CA THR A 105 -4.54 -13.41 -31.47
C THR A 105 -4.98 -14.84 -31.13
N LEU A 106 -6.26 -15.11 -31.36
CA LEU A 106 -6.83 -16.46 -31.21
C LEU A 106 -7.83 -16.71 -32.33
N HIS A 107 -7.79 -17.91 -32.88
CA HIS A 107 -8.71 -18.32 -33.92
C HIS A 107 -9.61 -19.42 -33.35
N THR A 108 -10.91 -19.16 -33.32
CA THR A 108 -11.84 -20.05 -32.64
C THR A 108 -13.25 -20.00 -33.22
N VAL A 109 -14.22 -20.55 -32.51
CA VAL A 109 -15.63 -20.35 -32.80
C VAL A 109 -16.28 -19.71 -31.58
N LYS A 110 -17.38 -19.01 -31.80
CA LYS A 110 -18.10 -18.42 -30.70
C LYS A 110 -18.69 -19.51 -29.83
N PRO A 111 -18.44 -19.45 -28.52
CA PRO A 111 -18.98 -20.50 -27.66
C PRO A 111 -20.47 -20.39 -27.47
N GLY A 112 -21.13 -21.54 -27.32
CA GLY A 112 -22.52 -21.57 -26.93
C GLY A 112 -22.73 -21.31 -25.44
N VAL A 113 -24.00 -21.22 -25.07
CA VAL A 113 -24.43 -20.90 -23.72
C VAL A 113 -24.21 -22.09 -22.78
N VAL A 114 -23.70 -21.82 -21.59
N VAL A 114 -23.73 -21.77 -21.59
CA VAL A 114 -23.61 -22.84 -20.56
CA VAL A 114 -23.48 -22.70 -20.51
C VAL A 114 -24.17 -22.30 -19.24
C VAL A 114 -24.28 -22.23 -19.27
N ASN A 115 -24.92 -23.15 -18.54
CA ASN A 115 -25.57 -22.78 -17.28
C ASN A 115 -24.57 -22.79 -16.13
N ASN A 116 -24.81 -21.91 -15.16
CA ASN A 116 -24.11 -21.95 -13.90
C ASN A 116 -24.61 -23.13 -13.06
N ALA A 117 -24.07 -23.28 -11.85
CA ALA A 117 -24.34 -24.48 -11.05
C ALA A 117 -25.79 -24.51 -10.59
N ALA A 118 -26.43 -23.34 -10.52
CA ALA A 118 -27.84 -23.21 -10.16
C ALA A 118 -28.83 -23.32 -11.35
N GLY A 119 -28.30 -23.60 -12.55
CA GLY A 119 -29.12 -23.77 -13.75
C GLY A 119 -29.49 -22.47 -14.48
N VAL A 120 -28.84 -21.37 -14.12
CA VAL A 120 -29.08 -20.09 -14.77
C VAL A 120 -28.09 -19.88 -15.93
N PRO A 121 -28.59 -19.54 -17.14
CA PRO A 121 -27.67 -19.45 -18.26
C PRO A 121 -26.69 -18.29 -18.17
N MET A 122 -25.43 -18.57 -18.44
CA MET A 122 -24.41 -17.54 -18.54
C MET A 122 -24.33 -17.07 -19.98
N ALA A 123 -24.02 -15.79 -20.14
CA ALA A 123 -23.82 -15.26 -21.50
C ALA A 123 -22.59 -15.96 -22.11
N PRO A 124 -22.54 -16.04 -23.45
CA PRO A 124 -21.35 -16.65 -24.08
C PRO A 124 -20.03 -16.00 -23.62
N HIS A 125 -19.04 -16.80 -23.26
CA HIS A 125 -17.80 -16.27 -22.69
C HIS A 125 -16.63 -17.19 -22.94
N ILE A 126 -15.45 -16.60 -22.96
CA ILE A 126 -14.20 -17.32 -22.98
C ILE A 126 -13.50 -17.06 -21.64
N ASN A 127 -13.12 -18.13 -20.94
CA ASN A 127 -12.36 -17.98 -19.68
C ASN A 127 -10.90 -17.75 -20.03
N ILE A 128 -10.29 -16.74 -19.40
CA ILE A 128 -8.92 -16.36 -19.67
C ILE A 128 -8.10 -16.36 -18.39
N SER A 129 -6.91 -16.96 -18.44
CA SER A 129 -5.91 -16.81 -17.38
C SER A 129 -4.70 -16.10 -17.96
N LEU A 130 -4.29 -15.02 -17.30
CA LEU A 130 -3.21 -14.15 -17.75
C LEU A 130 -1.97 -14.31 -16.87
N PHE A 131 -0.84 -14.60 -17.50
CA PHE A 131 0.46 -14.80 -16.87
C PHE A 131 1.45 -13.82 -17.47
N ALA A 132 2.45 -13.40 -16.69
CA ALA A 132 3.51 -12.53 -17.17
C ALA A 132 4.53 -12.27 -16.10
N ARG A 133 5.73 -11.88 -16.51
N ARG A 133 5.71 -11.86 -16.54
CA ARG A 133 6.67 -11.31 -15.58
CA ARG A 133 6.66 -11.17 -15.68
C ARG A 133 5.98 -10.18 -14.82
C ARG A 133 5.91 -10.17 -14.81
N GLY A 134 6.17 -10.20 -13.50
CA GLY A 134 5.56 -9.25 -12.58
C GLY A 134 4.20 -9.63 -12.05
N ILE A 135 3.62 -10.71 -12.58
CA ILE A 135 2.32 -11.23 -12.12
C ILE A 135 2.60 -12.49 -11.27
N ASN A 136 2.49 -12.35 -9.96
CA ASN A 136 2.93 -13.39 -9.04
C ASN A 136 2.04 -14.63 -9.01
N ILE A 137 0.75 -14.39 -9.17
CA ILE A 137 -0.26 -15.41 -9.40
C ILE A 137 -1.15 -14.96 -10.55
N HIS A 138 -1.42 -15.86 -11.48
CA HIS A 138 -2.18 -15.53 -12.67
C HIS A 138 -3.53 -14.92 -12.36
N LEU A 139 -3.96 -14.07 -13.28
CA LEU A 139 -5.20 -13.31 -13.18
C LEU A 139 -6.27 -13.98 -14.03
N HIS A 140 -7.42 -14.23 -13.42
CA HIS A 140 -8.55 -14.84 -14.10
C HIS A 140 -9.50 -13.76 -14.58
N THR A 141 -9.93 -13.85 -15.82
CA THR A 141 -10.98 -12.96 -16.31
C THR A 141 -11.89 -13.70 -17.31
N ARG A 142 -12.87 -12.99 -17.86
CA ARG A 142 -13.72 -13.55 -18.89
C ARG A 142 -13.88 -12.55 -20.01
N LEU A 143 -13.89 -13.06 -21.23
CA LEU A 143 -14.17 -12.29 -22.42
C LEU A 143 -15.62 -12.59 -22.81
N TYR A 144 -16.49 -11.59 -22.74
CA TYR A 144 -17.85 -11.67 -23.27
C TYR A 144 -17.91 -10.86 -24.57
N PHE A 145 -19.06 -10.90 -25.25
CA PHE A 145 -19.17 -10.32 -26.61
C PHE A 145 -20.19 -9.17 -26.70
N ASP A 146 -19.84 -8.09 -27.37
CA ASP A 146 -20.75 -6.93 -27.42
C ASP A 146 -21.99 -7.13 -28.32
N ASP A 147 -21.98 -8.18 -29.14
CA ASP A 147 -23.16 -8.60 -29.91
C ASP A 147 -24.06 -9.58 -29.14
N GLU A 148 -23.82 -9.71 -27.85
CA GLU A 148 -24.66 -10.51 -26.93
C GLU A 148 -25.22 -9.66 -25.79
N ALA A 149 -25.52 -8.39 -26.08
CA ALA A 149 -25.84 -7.46 -24.99
C ALA A 149 -27.02 -7.93 -24.15
N GLN A 150 -28.03 -8.53 -24.77
CA GLN A 150 -29.23 -8.92 -24.04
C GLN A 150 -28.90 -10.09 -23.11
N ALA A 151 -28.10 -11.01 -23.61
CA ALA A 151 -27.64 -12.14 -22.77
C ALA A 151 -26.73 -11.65 -21.65
N ASN A 152 -25.83 -10.74 -21.98
CA ASN A 152 -24.88 -10.22 -20.99
C ASN A 152 -25.62 -9.57 -19.83
N ALA A 153 -26.70 -8.86 -20.14
CA ALA A 153 -27.44 -8.12 -19.11
C ALA A 153 -28.04 -9.05 -18.03
N LYS A 154 -28.27 -10.31 -18.39
CA LYS A 154 -28.85 -11.31 -17.49
C LYS A 154 -27.83 -12.34 -16.96
N CYS A 155 -26.55 -12.19 -17.29
CA CYS A 155 -25.57 -13.20 -16.90
C CYS A 155 -25.38 -13.17 -15.41
N PRO A 156 -25.52 -14.35 -14.75
CA PRO A 156 -25.36 -14.33 -13.29
C PRO A 156 -23.94 -14.10 -12.79
N VAL A 157 -22.94 -14.27 -13.64
CA VAL A 157 -21.59 -13.95 -13.27
C VAL A 157 -21.35 -12.44 -13.45
N LEU A 158 -21.75 -11.87 -14.59
CA LEU A 158 -21.61 -10.41 -14.75
C LEU A 158 -22.38 -9.68 -13.66
N ASN A 159 -23.52 -10.24 -13.24
CA ASN A 159 -24.33 -9.58 -12.20
C ASN A 159 -23.73 -9.62 -10.80
N LEU A 160 -22.68 -10.42 -10.59
CA LEU A 160 -21.91 -10.43 -9.35
C LEU A 160 -20.92 -9.28 -9.26
N ILE A 161 -20.69 -8.60 -10.38
CA ILE A 161 -19.87 -7.41 -10.40
C ILE A 161 -20.80 -6.26 -10.03
N GLU A 162 -20.53 -5.59 -8.90
CA GLU A 162 -21.52 -4.69 -8.31
C GLU A 162 -21.81 -3.46 -9.19
N GLN A 163 -20.77 -2.91 -9.83
CA GLN A 163 -20.91 -1.73 -10.68
C GLN A 163 -21.01 -2.02 -12.18
N PRO A 164 -22.10 -1.56 -12.84
CA PRO A 164 -22.21 -1.71 -14.30
C PRO A 164 -21.00 -1.22 -15.08
N GLN A 165 -20.37 -0.13 -14.62
CA GLN A 165 -19.19 0.40 -15.27
C GLN A 165 -18.08 -0.64 -15.30
N ARG A 166 -17.95 -1.43 -14.25
CA ARG A 166 -16.92 -2.46 -14.26
C ARG A 166 -17.28 -3.64 -15.17
N ARG A 167 -18.57 -3.94 -15.32
CA ARG A 167 -19.00 -5.03 -16.22
C ARG A 167 -18.55 -4.73 -17.64
N GLU A 168 -18.54 -3.44 -18.00
CA GLU A 168 -18.17 -3.05 -19.36
C GLU A 168 -16.74 -3.47 -19.74
N THR A 169 -15.88 -3.66 -18.71
CA THR A 169 -14.50 -4.02 -18.95
C THR A 169 -14.37 -5.42 -19.53
N LEU A 170 -15.41 -6.24 -19.40
CA LEU A 170 -15.33 -7.61 -19.87
C LEU A 170 -15.95 -7.82 -21.23
N ILE A 171 -16.37 -6.76 -21.89
CA ILE A 171 -17.10 -6.90 -23.14
C ILE A 171 -16.21 -6.57 -24.35
N ALA A 172 -15.95 -7.58 -25.17
CA ALA A 172 -15.11 -7.44 -26.35
C ALA A 172 -15.91 -6.75 -27.45
N LYS A 173 -15.20 -5.95 -28.25
CA LYS A 173 -15.80 -5.12 -29.29
C LYS A 173 -15.70 -5.77 -30.68
N ARG A 174 -16.83 -6.08 -31.28
CA ARG A 174 -16.89 -6.68 -32.60
C ARG A 174 -16.40 -5.73 -33.68
N CYS A 175 -15.69 -6.30 -34.62
CA CYS A 175 -15.10 -5.57 -35.73
C CYS A 175 -14.91 -6.55 -36.88
N GLU A 176 -14.27 -6.09 -37.95
CA GLU A 176 -13.91 -6.97 -39.06
C GLU A 176 -12.41 -6.87 -39.31
N VAL A 177 -11.78 -8.02 -39.50
CA VAL A 177 -10.36 -8.09 -39.82
C VAL A 177 -10.22 -9.00 -41.03
N ASP A 178 -9.67 -8.46 -42.11
CA ASP A 178 -9.56 -9.17 -43.40
C ASP A 178 -10.82 -9.97 -43.72
N GLY A 179 -11.97 -9.32 -43.65
CA GLY A 179 -13.25 -9.96 -43.98
C GLY A 179 -13.73 -11.06 -43.05
N LYS A 180 -13.09 -11.22 -41.88
CA LYS A 180 -13.51 -12.19 -40.87
C LYS A 180 -14.09 -11.45 -39.66
N THR A 181 -15.16 -11.99 -39.09
CA THR A 181 -15.71 -11.45 -37.84
C THR A 181 -14.64 -11.58 -36.76
N ALA A 182 -14.40 -10.48 -36.06
CA ALA A 182 -13.37 -10.40 -35.04
C ALA A 182 -13.91 -9.65 -33.83
N TYR A 183 -13.27 -9.87 -32.68
CA TYR A 183 -13.56 -9.08 -31.48
C TYR A 183 -12.25 -8.66 -30.82
N ARG A 184 -12.16 -7.39 -30.43
CA ARG A 184 -11.01 -6.89 -29.69
C ARG A 184 -11.32 -6.90 -28.22
N PHE A 185 -10.40 -7.49 -27.44
CA PHE A 185 -10.51 -7.53 -25.98
C PHE A 185 -9.19 -7.09 -25.38
N ASP A 186 -9.13 -5.83 -24.97
CA ASP A 186 -7.97 -5.31 -24.27
C ASP A 186 -8.12 -5.55 -22.76
N ILE A 187 -7.00 -5.81 -22.11
CA ILE A 187 -6.95 -6.00 -20.66
C ILE A 187 -6.09 -4.89 -20.06
N ARG A 188 -6.62 -4.25 -19.03
CA ARG A 188 -5.91 -3.21 -18.29
C ARG A 188 -5.72 -3.75 -16.87
N ILE A 189 -4.47 -4.02 -16.53
CA ILE A 189 -4.21 -4.74 -15.27
C ILE A 189 -4.51 -3.85 -14.07
N GLN A 190 -4.32 -2.55 -14.24
CA GLN A 190 -4.31 -1.61 -13.14
C GLN A 190 -4.72 -0.22 -13.58
N GLY A 191 -5.54 0.43 -12.78
CA GLY A 191 -5.84 1.85 -12.93
C GLY A 191 -7.11 2.12 -13.69
N GLU A 192 -7.07 3.15 -14.52
CA GLU A 192 -8.28 3.56 -15.21
C GLU A 192 -8.74 2.44 -16.13
N GLY A 193 -10.01 2.06 -16.00
CA GLY A 193 -10.60 1.00 -16.82
C GLY A 193 -10.07 -0.37 -16.44
N GLU A 194 -9.59 -0.52 -15.22
CA GLU A 194 -9.01 -1.79 -14.76
C GLU A 194 -9.99 -2.94 -15.03
N THR A 195 -9.50 -3.99 -15.67
CA THR A 195 -10.32 -5.14 -16.03
C THR A 195 -10.71 -5.89 -14.77
N VAL A 196 -11.95 -6.35 -14.74
CA VAL A 196 -12.40 -7.21 -13.62
C VAL A 196 -11.62 -8.52 -13.62
N PHE A 197 -11.09 -8.90 -12.47
CA PHE A 197 -10.40 -10.19 -12.29
C PHE A 197 -11.15 -10.98 -11.23
N PHE A 198 -11.25 -12.29 -11.42
CA PHE A 198 -12.07 -13.13 -10.57
C PHE A 198 -11.24 -14.00 -9.63
N ASP A 199 -11.87 -14.37 -8.51
CA ASP A 199 -11.39 -15.47 -7.68
C ASP A 199 -12.46 -16.55 -7.67
N PHE A 200 -12.02 -17.81 -7.73
CA PHE A 200 -12.93 -18.93 -7.62
C PHE A 200 -12.16 -20.17 -7.22
N PRO B 1 6.52 3.74 29.96
CA PRO B 1 5.56 4.84 30.16
C PRO B 1 4.27 4.32 30.78
N ILE B 2 3.38 5.26 31.13
CA ILE B 2 2.08 4.93 31.67
C ILE B 2 1.14 4.46 30.58
N GLU B 3 0.54 3.31 30.79
CA GLU B 3 -0.44 2.78 29.86
C GLU B 3 -1.78 2.59 30.55
N LEU B 4 -2.82 3.20 29.96
CA LEU B 4 -4.18 3.08 30.47
C LEU B 4 -4.82 1.80 29.94
N LEU B 5 -6.06 1.53 30.32
CA LEU B 5 -6.80 0.44 29.66
C LEU B 5 -6.94 0.77 28.18
N PRO B 6 -6.73 -0.21 27.29
CA PRO B 6 -6.93 0.09 25.87
C PRO B 6 -8.39 0.29 25.52
N GLU B 7 -8.66 1.19 24.58
CA GLU B 7 -9.99 1.43 24.09
C GLU B 7 -10.46 0.16 23.36
N THR B 8 -11.74 -0.15 23.48
CA THR B 8 -12.35 -1.20 22.65
C THR B 8 -12.16 -0.82 21.19
N PRO B 9 -11.61 -1.73 20.37
CA PRO B 9 -11.37 -1.36 18.96
C PRO B 9 -12.64 -1.25 18.12
N SER B 10 -12.61 -0.35 17.15
CA SER B 10 -13.69 -0.16 16.23
C SER B 10 -13.80 -1.35 15.26
N GLN B 11 -14.99 -1.49 14.70
CA GLN B 11 -15.23 -2.37 13.57
C GLN B 11 -16.19 -1.66 12.63
N THR B 12 -16.22 -2.12 11.39
CA THR B 12 -17.17 -1.58 10.44
C THR B 12 -18.60 -1.65 10.94
N ALA B 13 -19.39 -0.63 10.61
CA ALA B 13 -20.83 -0.69 10.88
C ALA B 13 -21.52 -1.76 10.01
N GLY B 14 -20.92 -2.04 8.85
CA GLY B 14 -21.40 -3.14 8.02
C GLY B 14 -22.62 -2.75 7.21
N PRO B 15 -22.98 -3.58 6.21
CA PRO B 15 -24.10 -3.30 5.28
C PRO B 15 -25.49 -3.24 5.90
N TYR B 16 -25.70 -3.85 7.07
CA TYR B 16 -27.03 -3.90 7.68
C TYR B 16 -27.12 -3.00 8.89
N VAL B 17 -26.23 -2.00 8.97
CA VAL B 17 -26.25 -0.99 10.03
C VAL B 17 -27.64 -0.38 10.29
N HIS B 18 -28.45 -0.24 9.25
CA HIS B 18 -29.76 0.42 9.39
C HIS B 18 -30.75 -0.34 10.26
N ILE B 19 -30.64 -1.67 10.34
CA ILE B 19 -31.54 -2.42 11.21
C ILE B 19 -31.41 -1.93 12.66
N GLY B 20 -30.20 -1.55 13.06
CA GLY B 20 -29.93 -1.10 14.43
C GLY B 20 -30.10 0.40 14.65
N LEU B 21 -29.77 1.19 13.62
CA LEU B 21 -29.63 2.66 13.79
C LEU B 21 -30.50 3.48 12.82
N ALA B 22 -31.20 2.81 11.92
CA ALA B 22 -31.97 3.52 10.88
C ALA B 22 -33.07 2.58 10.42
N LEU B 23 -34.01 2.31 11.33
CA LEU B 23 -34.93 1.18 11.20
C LEU B 23 -35.79 1.19 9.93
N GLU B 24 -36.29 2.37 9.57
CA GLU B 24 -37.11 2.54 8.35
C GLU B 24 -36.36 2.11 7.09
N ALA B 25 -35.09 2.52 6.97
CA ALA B 25 -34.28 2.24 5.78
C ALA B 25 -34.01 0.74 5.57
N ALA B 26 -34.06 -0.05 6.65
CA ALA B 26 -33.89 -1.50 6.54
C ALA B 26 -35.14 -2.20 5.99
N GLY B 27 -36.24 -1.47 5.96
CA GLY B 27 -37.54 -2.00 5.57
C GLY B 27 -38.33 -2.53 6.75
N ASN B 28 -37.94 -2.14 7.97
CA ASN B 28 -38.53 -2.67 9.20
C ASN B 28 -39.42 -1.67 9.91
N PRO B 29 -40.29 -2.16 10.83
CA PRO B 29 -41.07 -1.24 11.66
C PRO B 29 -40.18 -0.45 12.61
N THR B 30 -40.64 0.74 12.99
CA THR B 30 -39.88 1.60 13.89
C THR B 30 -40.52 1.58 15.26
N ARG B 31 -39.76 2.03 16.26
CA ARG B 31 -40.23 2.09 17.62
C ARG B 31 -40.92 3.43 17.80
N ASP B 32 -41.50 3.66 18.98
CA ASP B 32 -42.25 4.90 19.22
C ASP B 32 -41.36 6.14 19.15
N GLN B 33 -40.14 6.06 19.69
CA GLN B 33 -39.16 7.16 19.59
C GLN B 33 -37.88 6.71 18.87
N GLU B 34 -37.53 7.44 17.80
CA GLU B 34 -36.33 7.20 17.01
C GLU B 34 -35.51 8.48 16.85
N ILE B 35 -34.20 8.30 16.71
CA ILE B 35 -33.24 9.39 16.51
C ILE B 35 -33.03 9.53 15.01
N TRP B 36 -33.39 10.66 14.44
CA TRP B 36 -33.34 10.80 12.99
C TRP B 36 -32.94 12.23 12.51
N ASN B 37 -33.46 12.65 11.37
CA ASN B 37 -32.80 13.70 10.55
C ASN B 37 -33.43 15.09 10.57
N ARG B 38 -34.39 15.31 11.46
CA ARG B 38 -35.02 16.62 11.59
C ARG B 38 -34.60 17.18 12.95
N LEU B 39 -33.53 17.98 12.95
CA LEU B 39 -32.99 18.57 14.17
C LEU B 39 -33.86 19.70 14.70
N ALA B 40 -34.55 20.39 13.80
CA ALA B 40 -35.38 21.54 14.17
C ALA B 40 -36.84 21.37 13.77
N LYS B 41 -37.74 21.61 14.73
CA LYS B 41 -39.14 21.78 14.43
C LYS B 41 -39.29 23.19 13.83
N PRO B 42 -40.37 23.43 13.08
CA PRO B 42 -40.58 24.73 12.42
C PRO B 42 -40.43 25.97 13.31
N ASP B 43 -40.76 25.85 14.59
CA ASP B 43 -40.72 27.00 15.50
C ASP B 43 -39.33 27.34 16.08
N ALA B 44 -38.32 26.52 15.82
CA ALA B 44 -36.99 26.78 16.37
C ALA B 44 -36.42 28.08 15.81
N PRO B 45 -35.75 28.89 16.67
CA PRO B 45 -35.11 30.11 16.17
C PRO B 45 -33.94 29.83 15.23
N GLY B 46 -33.69 30.75 14.31
CA GLY B 46 -32.60 30.62 13.36
C GLY B 46 -33.08 30.52 11.93
N GLU B 47 -32.12 30.44 11.02
CA GLU B 47 -32.40 30.25 9.60
C GLU B 47 -32.56 28.76 9.31
N HIS B 48 -33.78 28.38 8.97
CA HIS B 48 -34.06 27.00 8.63
C HIS B 48 -33.46 26.63 7.29
N ILE B 49 -32.72 25.53 7.29
CA ILE B 49 -32.04 25.08 6.08
C ILE B 49 -32.20 23.58 5.86
N LEU B 50 -32.14 23.20 4.59
CA LEU B 50 -32.02 21.80 4.19
C LEU B 50 -30.57 21.54 3.85
N LEU B 51 -30.03 20.44 4.34
CA LEU B 51 -28.70 19.98 3.94
C LEU B 51 -28.90 18.68 3.19
N LEU B 52 -28.13 18.47 2.12
CA LEU B 52 -28.20 17.22 1.40
C LEU B 52 -26.87 16.91 0.76
N GLY B 53 -26.65 15.64 0.43
CA GLY B 53 -25.41 15.26 -0.18
C GLY B 53 -25.37 13.81 -0.56
N GLN B 54 -24.31 13.47 -1.30
CA GLN B 54 -24.02 12.10 -1.73
C GLN B 54 -22.60 11.76 -1.30
N VAL B 55 -22.33 10.47 -1.21
CA VAL B 55 -21.07 9.95 -0.72
C VAL B 55 -20.46 9.08 -1.81
N TYR B 56 -19.22 9.36 -2.17
CA TYR B 56 -18.53 8.64 -3.24
C TYR B 56 -17.32 7.84 -2.77
N ASP B 57 -17.13 6.65 -3.35
CA ASP B 57 -15.95 5.86 -3.08
C ASP B 57 -14.80 6.26 -4.01
N GLY B 58 -13.70 5.52 -3.94
CA GLY B 58 -12.50 5.86 -4.70
C GLY B 58 -12.57 5.66 -6.20
N ASN B 59 -13.60 4.94 -6.66
CA ASN B 59 -13.82 4.76 -8.08
C ASN B 59 -14.89 5.71 -8.62
N GLY B 60 -15.27 6.70 -7.81
CA GLY B 60 -16.33 7.62 -8.19
C GLY B 60 -17.77 7.11 -8.12
N HIS B 61 -17.98 5.98 -7.43
CA HIS B 61 -19.28 5.37 -7.35
C HIS B 61 -19.98 5.70 -6.04
N LEU B 62 -21.30 5.87 -6.12
CA LEU B 62 -22.10 6.16 -4.92
C LEU B 62 -21.99 5.10 -3.82
N VAL B 63 -21.86 5.55 -2.59
CA VAL B 63 -21.91 4.69 -1.40
C VAL B 63 -23.35 4.77 -0.95
N ARG B 64 -24.12 3.72 -1.22
CA ARG B 64 -25.56 3.77 -1.00
C ARG B 64 -25.98 3.31 0.37
N ASP B 65 -25.03 2.77 1.14
CA ASP B 65 -25.29 2.26 2.48
C ASP B 65 -24.55 3.03 3.58
N SER B 66 -24.29 4.33 3.34
CA SER B 66 -23.67 5.25 4.32
C SER B 66 -24.67 5.66 5.40
N PHE B 67 -24.15 5.90 6.61
CA PHE B 67 -24.90 6.35 7.77
C PHE B 67 -24.09 7.54 8.34
N LEU B 68 -24.73 8.68 8.55
CA LEU B 68 -24.06 9.87 9.07
C LEU B 68 -24.68 10.30 10.38
N GLU B 69 -23.82 10.68 11.32
CA GLU B 69 -24.25 11.30 12.56
C GLU B 69 -23.71 12.72 12.58
N VAL B 70 -24.55 13.65 13.00
CA VAL B 70 -24.21 15.05 12.98
C VAL B 70 -24.38 15.70 14.36
N TRP B 71 -23.57 16.71 14.60
CA TRP B 71 -23.56 17.42 15.86
C TRP B 71 -23.28 18.87 15.55
N GLN B 72 -24.20 19.76 15.93
CA GLN B 72 -24.05 21.20 15.61
C GLN B 72 -24.60 22.10 16.71
N ALA B 73 -24.06 23.30 16.81
CA ALA B 73 -24.63 24.32 17.68
C ALA B 73 -26.01 24.80 17.17
N ASP B 74 -26.84 25.32 18.08
CA ASP B 74 -28.07 25.98 17.66
C ASP B 74 -27.75 27.34 17.02
N ALA B 75 -28.78 28.10 16.67
CA ALA B 75 -28.56 29.38 16.00
C ALA B 75 -27.76 30.38 16.85
N ASN B 76 -27.83 30.24 18.18
CA ASN B 76 -27.11 31.11 19.09
C ASN B 76 -25.68 30.62 19.44
N GLY B 77 -25.22 29.57 18.76
CA GLY B 77 -23.88 29.04 19.00
C GLY B 77 -23.70 28.23 20.27
N GLU B 78 -24.79 27.65 20.76
CA GLU B 78 -24.76 26.80 21.96
C GLU B 78 -25.12 25.34 21.58
N TYR B 79 -24.35 24.38 22.09
CA TYR B 79 -24.67 22.98 21.89
C TYR B 79 -25.71 22.53 22.90
N GLN B 80 -26.72 21.85 22.40
CA GLN B 80 -27.84 21.37 23.24
C GLN B 80 -27.76 19.87 23.37
N ASP B 81 -27.20 19.40 24.48
CA ASP B 81 -26.97 17.96 24.66
C ASP B 81 -28.14 17.17 25.25
N ALA B 82 -29.18 17.86 25.74
CA ALA B 82 -30.33 17.16 26.31
C ALA B 82 -31.25 16.69 25.22
N TYR B 83 -30.98 15.52 24.65
CA TYR B 83 -31.72 15.05 23.51
C TYR B 83 -33.13 14.68 23.94
N ASN B 84 -34.12 15.18 23.22
CA ASN B 84 -35.53 14.93 23.52
C ASN B 84 -36.35 15.26 22.28
N LEU B 85 -37.18 14.32 21.84
CA LEU B 85 -38.03 14.55 20.67
C LEU B 85 -39.03 15.70 20.86
N GLU B 86 -39.29 16.08 22.12
CA GLU B 86 -40.15 17.23 22.42
C GLU B 86 -39.50 18.60 22.13
N ASN B 87 -38.17 18.64 22.10
CA ASN B 87 -37.42 19.90 21.92
C ASN B 87 -37.69 20.55 20.58
N ALA B 88 -37.71 21.87 20.55
CA ALA B 88 -37.80 22.59 19.28
C ALA B 88 -36.52 22.36 18.46
N PHE B 89 -35.40 22.14 19.15
CA PHE B 89 -34.13 21.92 18.47
C PHE B 89 -33.28 20.91 19.23
N ASN B 90 -32.70 19.97 18.48
CA ASN B 90 -31.67 19.10 18.99
C ASN B 90 -30.39 19.31 18.20
N SER B 91 -29.27 19.31 18.91
CA SER B 91 -27.95 19.47 18.31
C SER B 91 -27.48 18.23 17.58
N PHE B 92 -28.09 17.08 17.90
CA PHE B 92 -27.69 15.78 17.35
C PHE B 92 -28.74 15.22 16.40
N GLY B 93 -28.27 14.58 15.34
CA GLY B 93 -29.14 13.81 14.46
C GLY B 93 -28.40 12.73 13.69
N ARG B 94 -29.19 11.94 12.98
CA ARG B 94 -28.72 10.85 12.14
C ARG B 94 -29.41 10.93 10.80
N THR B 95 -28.68 10.54 9.76
CA THR B 95 -29.28 10.34 8.46
C THR B 95 -28.57 9.19 7.74
N ALA B 96 -29.07 8.84 6.58
CA ALA B 96 -28.52 7.73 5.79
C ALA B 96 -28.77 7.99 4.32
N THR B 97 -27.93 7.43 3.47
CA THR B 97 -28.16 7.53 2.03
C THR B 97 -29.24 6.54 1.56
N THR B 98 -30.18 6.98 0.72
N THR B 98 -30.15 6.99 0.70
CA THR B 98 -31.18 6.04 0.18
CA THR B 98 -31.15 6.12 0.07
C THR B 98 -30.53 5.09 -0.83
C THR B 98 -30.45 5.06 -0.79
N PHE B 99 -30.99 3.84 -0.86
CA PHE B 99 -30.36 2.77 -1.68
C PHE B 99 -30.46 2.92 -3.20
N ASP B 100 -31.38 3.76 -3.68
CA ASP B 100 -31.59 3.97 -5.11
C ASP B 100 -30.83 5.19 -5.65
N ALA B 101 -30.97 6.31 -4.96
CA ALA B 101 -30.37 7.59 -5.38
C ALA B 101 -29.05 7.90 -4.67
N GLY B 102 -28.91 7.43 -3.43
CA GLY B 102 -27.68 7.64 -2.66
C GLY B 102 -27.65 8.97 -1.93
N GLU B 103 -28.78 9.65 -1.79
CA GLU B 103 -28.74 10.98 -1.21
C GLU B 103 -29.24 10.93 0.23
N TRP B 104 -28.54 11.65 1.11
CA TRP B 104 -29.03 11.90 2.46
C TRP B 104 -29.54 13.32 2.58
N THR B 105 -30.45 13.52 3.52
CA THR B 105 -31.00 14.84 3.82
C THR B 105 -31.03 15.07 5.33
N LEU B 106 -30.96 16.34 5.69
CA LEU B 106 -31.04 16.79 7.07
C LEU B 106 -31.85 18.09 7.08
N HIS B 107 -32.69 18.26 8.08
CA HIS B 107 -33.49 19.47 8.25
C HIS B 107 -33.06 20.09 9.55
N THR B 108 -32.54 21.30 9.48
CA THR B 108 -31.92 21.91 10.64
C THR B 108 -31.96 23.43 10.51
N VAL B 109 -31.20 24.11 11.37
CA VAL B 109 -30.99 25.54 11.27
C VAL B 109 -29.49 25.78 11.12
N LYS B 110 -29.12 26.91 10.54
CA LYS B 110 -27.72 27.23 10.38
C LYS B 110 -27.09 27.50 11.75
N PRO B 111 -26.00 26.79 12.09
CA PRO B 111 -25.43 26.98 13.42
C PRO B 111 -24.77 28.32 13.59
N GLY B 112 -24.86 28.88 14.80
CA GLY B 112 -24.11 30.07 15.16
C GLY B 112 -22.63 29.77 15.39
N VAL B 113 -21.87 30.85 15.53
CA VAL B 113 -20.44 30.76 15.81
C VAL B 113 -20.13 30.27 17.22
N VAL B 114 -19.17 29.35 17.32
CA VAL B 114 -18.62 28.89 18.61
C VAL B 114 -17.09 29.03 18.60
N ASN B 115 -16.54 29.41 19.76
CA ASN B 115 -15.11 29.64 19.91
C ASN B 115 -14.39 28.32 20.17
N ASN B 116 -13.16 28.20 19.67
CA ASN B 116 -12.29 27.08 20.05
C ASN B 116 -11.77 27.24 21.48
N ALA B 117 -10.94 26.31 21.93
CA ALA B 117 -10.50 26.29 23.32
C ALA B 117 -9.60 27.49 23.69
N ALA B 118 -8.96 28.11 22.69
CA ALA B 118 -8.15 29.33 22.89
C ALA B 118 -8.95 30.65 22.77
N GLY B 119 -10.26 30.53 22.58
CA GLY B 119 -11.14 31.69 22.48
C GLY B 119 -11.23 32.30 21.08
N VAL B 120 -10.76 31.58 20.08
CA VAL B 120 -10.80 32.07 18.70
C VAL B 120 -12.06 31.55 18.01
N PRO B 121 -12.85 32.45 17.40
CA PRO B 121 -14.08 32.02 16.75
C PRO B 121 -13.87 31.05 15.59
N MET B 122 -14.63 29.97 15.59
CA MET B 122 -14.64 29.05 14.44
C MET B 122 -15.77 29.47 13.50
N ALA B 123 -15.60 29.24 12.21
CA ALA B 123 -16.68 29.50 11.26
C ALA B 123 -17.85 28.55 11.52
N PRO B 124 -19.09 28.96 11.18
CA PRO B 124 -20.23 28.06 11.39
C PRO B 124 -20.01 26.69 10.76
N HIS B 125 -20.24 25.62 11.52
CA HIS B 125 -19.96 24.28 11.02
C HIS B 125 -20.88 23.23 11.61
N ILE B 126 -21.01 22.13 10.88
CA ILE B 126 -21.68 20.96 11.39
C ILE B 126 -20.62 19.87 11.44
N ASN B 127 -20.52 19.20 12.59
CA ASN B 127 -19.62 18.09 12.78
C ASN B 127 -20.29 16.83 12.25
N ILE B 128 -19.57 16.09 11.42
CA ILE B 128 -20.08 14.90 10.79
C ILE B 128 -19.19 13.69 11.11
N SER B 129 -19.84 12.57 11.44
CA SER B 129 -19.18 11.27 11.52
C SER B 129 -19.83 10.34 10.51
N LEU B 130 -19.00 9.74 9.65
CA LEU B 130 -19.44 8.89 8.56
C LEU B 130 -19.08 7.43 8.82
N PHE B 131 -20.12 6.58 8.77
CA PHE B 131 -20.03 5.15 8.95
C PHE B 131 -20.58 4.43 7.72
N ALA B 132 -20.03 3.26 7.44
CA ALA B 132 -20.52 2.42 6.33
C ALA B 132 -19.78 1.11 6.28
N ARG B 133 -20.41 0.16 5.60
CA ARG B 133 -19.74 -1.04 5.16
C ARG B 133 -18.42 -0.64 4.52
N GLY B 134 -17.35 -1.32 4.90
CA GLY B 134 -16.04 -1.03 4.35
C GLY B 134 -15.24 0.05 5.06
N ILE B 135 -15.88 0.78 5.97
CA ILE B 135 -15.23 1.82 6.76
C ILE B 135 -14.96 1.24 8.15
N ASN B 136 -13.70 0.97 8.45
CA ASN B 136 -13.36 0.19 9.67
C ASN B 136 -13.48 0.98 10.95
N ILE B 137 -13.14 2.27 10.86
CA ILE B 137 -13.36 3.22 11.92
C ILE B 137 -13.96 4.44 11.24
N HIS B 138 -14.97 5.05 11.88
CA HIS B 138 -15.71 6.14 11.27
C HIS B 138 -14.82 7.34 10.95
N LEU B 139 -15.23 8.10 9.93
CA LEU B 139 -14.46 9.23 9.44
C LEU B 139 -15.13 10.51 9.93
N HIS B 140 -14.31 11.41 10.50
CA HIS B 140 -14.79 12.67 11.04
C HIS B 140 -14.56 13.77 10.00
N THR B 141 -15.56 14.59 9.75
CA THR B 141 -15.34 15.79 8.90
C THR B 141 -16.20 16.93 9.41
N ARG B 142 -16.11 18.08 8.73
CA ARG B 142 -16.97 19.21 9.05
C ARG B 142 -17.56 19.75 7.79
N LEU B 143 -18.79 20.22 7.90
CA LEU B 143 -19.48 20.92 6.82
C LEU B 143 -19.51 22.38 7.18
N TYR B 144 -18.87 23.21 6.36
CA TYR B 144 -18.93 24.67 6.47
C TYR B 144 -19.78 25.21 5.29
N PHE B 145 -20.05 26.52 5.29
CA PHE B 145 -21.01 27.11 4.34
C PHE B 145 -20.33 28.11 3.40
N ASP B 146 -20.67 28.05 2.11
CA ASP B 146 -19.99 28.91 1.10
C ASP B 146 -20.39 30.37 1.22
N ASP B 147 -21.47 30.65 1.93
CA ASP B 147 -21.86 32.06 2.19
C ASP B 147 -21.28 32.62 3.49
N GLU B 148 -20.30 31.92 4.06
CA GLU B 148 -19.57 32.40 5.25
C GLU B 148 -18.09 32.59 4.92
N ALA B 149 -17.81 33.05 3.70
CA ALA B 149 -16.42 33.13 3.23
C ALA B 149 -15.49 33.89 4.17
N GLN B 150 -15.93 35.04 4.68
CA GLN B 150 -15.08 35.83 5.58
C GLN B 150 -14.72 35.04 6.85
N ALA B 151 -15.70 34.37 7.43
CA ALA B 151 -15.50 33.55 8.63
C ALA B 151 -14.64 32.34 8.31
N ASN B 152 -14.90 31.68 7.18
CA ASN B 152 -14.15 30.48 6.81
C ASN B 152 -12.65 30.77 6.67
N ALA B 153 -12.34 31.89 6.03
CA ALA B 153 -10.95 32.33 5.87
C ALA B 153 -10.19 32.49 7.18
N LYS B 154 -10.91 32.82 8.25
CA LYS B 154 -10.31 33.04 9.57
C LYS B 154 -10.47 31.85 10.53
N CYS B 155 -11.11 30.78 10.09
CA CYS B 155 -11.35 29.64 11.00
C CYS B 155 -10.06 28.93 11.41
N PRO B 156 -9.82 28.84 12.73
CA PRO B 156 -8.58 28.22 13.20
C PRO B 156 -8.52 26.72 12.90
N VAL B 157 -9.67 26.09 12.67
CA VAL B 157 -9.66 24.66 12.26
C VAL B 157 -9.40 24.52 10.76
N LEU B 158 -10.12 25.27 9.94
CA LEU B 158 -9.83 25.27 8.50
C LEU B 158 -8.35 25.63 8.24
N ASN B 159 -7.79 26.56 9.01
CA ASN B 159 -6.40 26.96 8.78
C ASN B 159 -5.36 25.91 9.18
N LEU B 160 -5.79 24.83 9.85
CA LEU B 160 -4.89 23.71 10.12
C LEU B 160 -4.73 22.76 8.93
N ILE B 161 -5.60 22.91 7.94
CA ILE B 161 -5.46 22.20 6.68
C ILE B 161 -4.43 22.98 5.86
N GLU B 162 -3.31 22.33 5.55
CA GLU B 162 -2.13 23.00 4.96
C GLU B 162 -2.41 23.61 3.60
N GLN B 163 -3.19 22.90 2.78
CA GLN B 163 -3.46 23.34 1.40
C GLN B 163 -4.86 23.97 1.23
N PRO B 164 -4.92 25.21 0.71
CA PRO B 164 -6.24 25.79 0.44
C PRO B 164 -7.16 24.95 -0.44
N GLN B 165 -6.59 24.22 -1.40
CA GLN B 165 -7.35 23.36 -2.27
C GLN B 165 -8.10 22.34 -1.43
N ARG B 166 -7.47 21.85 -0.35
CA ARG B 166 -8.14 20.85 0.47
C ARG B 166 -9.21 21.47 1.36
N ARG B 167 -9.02 22.72 1.78
CA ARG B 167 -10.05 23.40 2.56
C ARG B 167 -11.36 23.49 1.80
N GLU B 168 -11.26 23.66 0.47
CA GLU B 168 -12.45 23.77 -0.39
C GLU B 168 -13.35 22.54 -0.31
N THR B 169 -12.78 21.39 0.06
CA THR B 169 -13.58 20.17 0.16
C THR B 169 -14.60 20.22 1.30
N LEU B 170 -14.42 21.13 2.26
CA LEU B 170 -15.34 21.19 3.40
C LEU B 170 -16.41 22.26 3.27
N ILE B 171 -16.50 22.90 2.10
CA ILE B 171 -17.44 24.01 1.93
C ILE B 171 -18.68 23.55 1.15
N ALA B 172 -19.83 23.57 1.81
CA ALA B 172 -21.09 23.20 1.18
C ALA B 172 -21.60 24.33 0.29
N LYS B 173 -22.32 23.95 -0.76
CA LYS B 173 -22.75 24.87 -1.79
C LYS B 173 -24.21 25.25 -1.62
N ARG B 174 -24.46 26.54 -1.44
CA ARG B 174 -25.83 27.02 -1.27
C ARG B 174 -26.61 26.84 -2.57
N CYS B 175 -27.86 26.44 -2.43
CA CYS B 175 -28.77 26.29 -3.54
C CYS B 175 -30.20 26.46 -3.02
N GLU B 176 -31.18 26.14 -3.85
CA GLU B 176 -32.57 26.11 -3.43
C GLU B 176 -33.20 24.79 -3.86
N VAL B 177 -33.87 24.12 -2.92
CA VAL B 177 -34.54 22.86 -3.18
C VAL B 177 -36.02 23.05 -2.90
N ASP B 178 -36.85 22.83 -3.92
CA ASP B 178 -38.26 23.25 -3.95
C ASP B 178 -38.55 24.45 -3.03
N GLY B 179 -37.92 25.58 -3.36
CA GLY B 179 -38.21 26.86 -2.72
C GLY B 179 -37.48 27.17 -1.42
N LYS B 180 -36.89 26.16 -0.77
CA LYS B 180 -36.26 26.35 0.54
C LYS B 180 -34.74 26.50 0.39
N THR B 181 -34.12 27.25 1.29
CA THR B 181 -32.68 27.43 1.27
C THR B 181 -32.03 26.08 1.58
N ALA B 182 -31.09 25.66 0.74
CA ALA B 182 -30.39 24.39 0.98
C ALA B 182 -28.89 24.51 0.72
N TYR B 183 -28.13 23.56 1.23
CA TYR B 183 -26.70 23.46 0.94
C TYR B 183 -26.38 22.02 0.61
N ARG B 184 -25.59 21.82 -0.47
CA ARG B 184 -25.16 20.50 -0.89
C ARG B 184 -23.74 20.25 -0.40
N PHE B 185 -23.54 19.07 0.19
CA PHE B 185 -22.25 18.71 0.73
C PHE B 185 -21.96 17.28 0.36
N ASP B 186 -21.23 17.11 -0.73
CA ASP B 186 -20.79 15.78 -1.16
C ASP B 186 -19.51 15.42 -0.44
N ILE B 187 -19.35 14.13 -0.15
CA ILE B 187 -18.15 13.62 0.47
C ILE B 187 -17.53 12.64 -0.50
N ARG B 188 -16.24 12.80 -0.74
CA ARG B 188 -15.47 11.87 -1.57
C ARG B 188 -14.45 11.19 -0.66
N ILE B 189 -14.63 9.88 -0.45
CA ILE B 189 -13.80 9.18 0.53
C ILE B 189 -12.35 9.07 0.09
N GLN B 190 -12.14 8.98 -1.21
CA GLN B 190 -10.87 8.61 -1.73
C GLN B 190 -10.66 9.17 -3.12
N GLY B 191 -9.48 9.74 -3.35
CA GLY B 191 -9.02 10.05 -4.70
C GLY B 191 -9.19 11.51 -5.04
N GLU B 192 -9.58 11.80 -6.28
CA GLU B 192 -9.70 13.19 -6.71
C GLU B 192 -10.77 13.90 -5.88
N GLY B 193 -10.41 15.05 -5.33
CA GLY B 193 -11.33 15.84 -4.51
C GLY B 193 -11.59 15.22 -3.15
N GLU B 194 -10.69 14.36 -2.70
CA GLU B 194 -10.87 13.65 -1.42
C GLU B 194 -11.17 14.62 -0.28
N THR B 195 -12.27 14.35 0.42
CA THR B 195 -12.71 15.19 1.54
C THR B 195 -11.72 15.12 2.69
N VAL B 196 -11.42 16.27 3.28
CA VAL B 196 -10.60 16.29 4.49
C VAL B 196 -11.31 15.53 5.62
N PHE B 197 -10.59 14.60 6.24
CA PHE B 197 -11.06 13.91 7.46
C PHE B 197 -10.12 14.24 8.60
N PHE B 198 -10.68 14.37 9.81
CA PHE B 198 -9.93 14.81 10.97
C PHE B 198 -9.67 13.69 11.98
N ASP B 199 -8.63 13.90 12.77
CA ASP B 199 -8.37 13.12 13.97
C ASP B 199 -8.34 14.11 15.11
N PHE B 200 -8.98 13.72 16.20
CA PHE B 200 -8.93 14.51 17.42
C PHE B 200 -9.23 13.62 18.60
N PRO C 1 25.88 -16.33 4.49
CA PRO C 1 26.69 -15.46 3.64
C PRO C 1 27.48 -14.46 4.45
N ILE C 2 28.40 -13.76 3.78
CA ILE C 2 29.19 -12.70 4.42
C ILE C 2 28.36 -11.46 4.67
N GLU C 3 28.31 -11.02 5.92
CA GLU C 3 27.57 -9.82 6.30
C GLU C 3 28.56 -8.80 6.81
N LEU C 4 28.59 -7.62 6.20
CA LEU C 4 29.44 -6.53 6.65
C LEU C 4 28.73 -5.75 7.76
N LEU C 5 29.39 -4.71 8.27
CA LEU C 5 28.70 -3.86 9.23
C LEU C 5 27.51 -3.23 8.51
N PRO C 6 26.34 -3.13 9.18
CA PRO C 6 25.24 -2.43 8.53
C PRO C 6 25.47 -0.93 8.42
N GLU C 7 25.03 -0.36 7.29
CA GLU C 7 25.05 1.08 7.10
C GLU C 7 24.15 1.73 8.15
N THR C 8 24.56 2.88 8.67
CA THR C 8 23.67 3.71 9.48
C THR C 8 22.41 4.06 8.66
N PRO C 9 21.21 3.82 9.21
CA PRO C 9 20.01 4.06 8.42
C PRO C 9 19.69 5.55 8.25
N SER C 10 19.11 5.87 7.09
CA SER C 10 18.69 7.23 6.77
C SER C 10 17.49 7.63 7.61
N GLN C 11 17.33 8.93 7.78
CA GLN C 11 16.11 9.51 8.31
C GLN C 11 15.83 10.76 7.49
N THR C 12 14.59 11.22 7.53
CA THR C 12 14.22 12.46 6.88
C THR C 12 15.11 13.63 7.30
N ALA C 13 15.38 14.50 6.35
CA ALA C 13 16.07 15.74 6.66
C ALA C 13 15.19 16.68 7.50
N GLY C 14 13.87 16.52 7.39
CA GLY C 14 12.93 17.27 8.24
C GLY C 14 12.71 18.68 7.74
N PRO C 15 11.65 19.37 8.22
CA PRO C 15 11.34 20.74 7.76
C PRO C 15 12.37 21.82 8.05
N TYR C 16 13.25 21.58 9.01
CA TYR C 16 14.21 22.60 9.45
C TYR C 16 15.62 22.29 9.03
N VAL C 17 15.76 21.47 7.97
CA VAL C 17 17.05 21.16 7.32
C VAL C 17 17.90 22.40 7.00
N HIS C 18 17.24 23.53 6.75
CA HIS C 18 17.92 24.76 6.35
C HIS C 18 18.82 25.31 7.44
N ILE C 19 18.48 25.10 8.71
N ILE C 19 18.44 25.09 8.70
CA ILE C 19 19.32 25.66 9.76
CA ILE C 19 19.27 25.48 9.86
C ILE C 19 20.71 25.00 9.75
C ILE C 19 20.69 25.02 9.65
N GLY C 20 20.82 23.76 9.30
CA GLY C 20 22.11 23.09 9.17
C GLY C 20 22.77 23.25 7.83
N LEU C 21 21.98 23.28 6.76
CA LEU C 21 22.51 23.17 5.40
C LEU C 21 22.12 24.31 4.44
N ALA C 22 21.26 25.24 4.88
CA ALA C 22 20.85 26.39 4.05
C ALA C 22 20.50 27.56 4.97
N LEU C 23 21.53 28.03 5.68
CA LEU C 23 21.37 28.92 6.86
C LEU C 23 20.60 30.21 6.57
N GLU C 24 21.00 30.88 5.49
CA GLU C 24 20.30 32.05 4.97
C GLU C 24 18.79 31.79 4.86
N ALA C 25 18.42 30.65 4.26
CA ALA C 25 17.02 30.31 4.00
C ALA C 25 16.20 30.04 5.28
N ALA C 26 16.86 29.62 6.35
CA ALA C 26 16.20 29.44 7.66
C ALA C 26 15.82 30.78 8.32
N GLY C 27 16.39 31.86 7.79
CA GLY C 27 16.26 33.19 8.37
C GLY C 27 17.40 33.54 9.30
N ASN C 28 18.51 32.81 9.18
CA ASN C 28 19.60 32.90 10.13
C ASN C 28 20.87 33.55 9.55
N PRO C 29 21.76 34.04 10.43
CA PRO C 29 23.10 34.48 10.01
C PRO C 29 23.87 33.35 9.33
N THR C 30 24.76 33.69 8.40
CA THR C 30 25.61 32.71 7.77
C THR C 30 27.03 32.82 8.31
N ARG C 31 27.81 31.75 8.08
CA ARG C 31 29.19 31.69 8.49
C ARG C 31 30.04 32.26 7.36
N ASP C 32 31.34 32.46 7.63
CA ASP C 32 32.22 33.06 6.64
C ASP C 32 32.16 32.33 5.29
N GLN C 33 32.17 31.00 5.33
CA GLN C 33 32.12 30.17 4.12
C GLN C 33 30.95 29.19 4.15
N GLU C 34 30.12 29.24 3.11
CA GLU C 34 28.97 28.33 2.96
C GLU C 34 28.97 27.64 1.61
N ILE C 35 28.50 26.40 1.61
CA ILE C 35 28.37 25.58 0.41
C ILE C 35 27.01 25.89 -0.19
N TRP C 36 26.97 26.50 -1.36
CA TRP C 36 25.70 26.95 -1.90
C TRP C 36 25.60 26.79 -3.46
N ASN C 37 24.89 27.69 -4.13
CA ASN C 37 24.30 27.40 -5.45
C ASN C 37 24.95 28.08 -6.64
N ARG C 38 26.11 28.68 -6.42
CA ARG C 38 26.87 29.26 -7.52
C ARG C 38 28.13 28.43 -7.75
N LEU C 39 28.06 27.51 -8.74
CA LEU C 39 29.13 26.56 -8.99
C LEU C 39 30.27 27.21 -9.77
N ALA C 40 29.96 28.24 -10.53
CA ALA C 40 30.95 28.81 -11.44
C ALA C 40 31.21 30.29 -11.18
N LYS C 41 32.48 30.67 -11.06
CA LYS C 41 32.87 32.08 -11.08
C LYS C 41 32.59 32.57 -12.50
N PRO C 42 32.36 33.89 -12.67
CA PRO C 42 32.06 34.42 -13.99
C PRO C 42 33.03 34.02 -15.13
N ASP C 43 34.30 33.82 -14.82
CA ASP C 43 35.30 33.50 -15.84
C ASP C 43 35.61 32.00 -15.94
N ALA C 44 34.75 31.14 -15.38
CA ALA C 44 34.95 29.70 -15.47
C ALA C 44 34.78 29.28 -16.93
N PRO C 45 35.56 28.29 -17.40
CA PRO C 45 35.38 27.84 -18.78
C PRO C 45 34.01 27.22 -19.04
N GLY C 46 33.52 27.37 -20.26
CA GLY C 46 32.26 26.73 -20.67
C GLY C 46 31.09 27.68 -20.84
N GLU C 47 29.93 27.10 -21.13
CA GLU C 47 28.70 27.84 -21.34
C GLU C 47 27.97 28.02 -20.01
N HIS C 48 27.91 29.26 -19.56
CA HIS C 48 27.22 29.61 -18.31
C HIS C 48 25.72 29.52 -18.48
N ILE C 49 25.08 28.82 -17.55
CA ILE C 49 23.66 28.56 -17.60
C ILE C 49 23.07 28.67 -16.20
N LEU C 50 21.78 28.99 -16.17
CA LEU C 50 20.97 28.95 -14.96
C LEU C 50 20.13 27.71 -15.03
N LEU C 51 20.08 26.98 -13.92
CA LEU C 51 19.12 25.89 -13.77
C LEU C 51 18.09 26.33 -12.74
N LEU C 52 16.84 25.96 -12.94
CA LEU C 52 15.80 26.24 -11.94
C LEU C 52 14.69 25.22 -12.03
N GLY C 53 13.92 25.12 -10.96
CA GLY C 53 12.83 24.18 -10.96
C GLY C 53 12.00 24.23 -9.71
N GLN C 54 10.88 23.53 -9.77
CA GLN C 54 9.95 23.39 -8.65
C GLN C 54 9.75 21.89 -8.42
N VAL C 55 9.36 21.56 -7.20
CA VAL C 55 9.21 20.18 -6.77
C VAL C 55 7.75 19.98 -6.34
N TYR C 56 7.11 18.93 -6.86
CA TYR C 56 5.70 18.67 -6.59
C TYR C 56 5.47 17.34 -5.88
N ASP C 57 4.52 17.36 -4.96
CA ASP C 57 4.11 16.13 -4.29
C ASP C 57 3.04 15.41 -5.11
N GLY C 58 2.58 14.30 -4.56
CA GLY C 58 1.61 13.46 -5.24
C GLY C 58 0.24 14.06 -5.45
N ASN C 59 -0.06 15.15 -4.74
CA ASN C 59 -1.28 15.89 -4.96
C ASN C 59 -1.11 17.08 -5.89
N GLY C 60 0.07 17.22 -6.48
CA GLY C 60 0.35 18.35 -7.39
C GLY C 60 0.68 19.66 -6.70
N HIS C 61 0.96 19.58 -5.40
CA HIS C 61 1.28 20.74 -4.57
C HIS C 61 2.79 20.93 -4.42
N LEU C 62 3.20 22.19 -4.43
CA LEU C 62 4.61 22.50 -4.27
C LEU C 62 5.19 22.00 -2.94
N VAL C 63 6.38 21.44 -3.01
CA VAL C 63 7.19 21.06 -1.86
C VAL C 63 8.14 22.23 -1.62
N ARG C 64 7.73 23.07 -0.69
CA ARG C 64 8.37 24.33 -0.47
C ARG C 64 9.59 24.25 0.41
N ASP C 65 9.83 23.09 1.04
CA ASP C 65 10.93 22.88 1.95
C ASP C 65 11.96 21.87 1.46
N SER C 66 12.10 21.72 0.15
N SER C 66 12.07 21.76 0.13
CA SER C 66 13.06 20.75 -0.37
CA SER C 66 13.05 20.89 -0.57
C SER C 66 14.45 21.35 -0.53
C SER C 66 14.48 21.39 -0.42
N PHE C 67 15.43 20.46 -0.43
CA PHE C 67 16.84 20.77 -0.39
C PHE C 67 17.48 19.82 -1.45
N LEU C 68 18.29 20.37 -2.35
CA LEU C 68 18.93 19.61 -3.44
C LEU C 68 20.43 19.71 -3.36
N GLU C 69 21.09 18.58 -3.58
CA GLU C 69 22.54 18.56 -3.76
C GLU C 69 22.84 18.14 -5.18
N VAL C 70 23.81 18.82 -5.78
CA VAL C 70 24.13 18.57 -7.19
C VAL C 70 25.61 18.25 -7.35
N TRP C 71 25.91 17.46 -8.37
CA TRP C 71 27.25 16.99 -8.68
C TRP C 71 27.30 16.86 -10.18
N GLN C 72 28.21 17.59 -10.81
CA GLN C 72 28.30 17.60 -12.27
C GLN C 72 29.74 17.77 -12.73
N ALA C 73 30.03 17.27 -13.92
CA ALA C 73 31.32 17.58 -14.52
C ALA C 73 31.42 19.05 -14.91
N ASP C 74 32.65 19.52 -14.99
CA ASP C 74 32.89 20.85 -15.57
C ASP C 74 32.73 20.81 -17.09
N ALA C 75 33.01 21.92 -17.75
CA ALA C 75 32.79 22.02 -19.18
C ALA C 75 33.66 21.06 -20.00
N ASN C 76 34.80 20.70 -19.43
CA ASN C 76 35.76 19.79 -20.06
C ASN C 76 35.53 18.35 -19.65
N GLY C 77 34.43 18.08 -18.95
CA GLY C 77 34.05 16.73 -18.61
C GLY C 77 34.85 16.17 -17.44
N GLU C 78 35.39 17.06 -16.60
CA GLU C 78 36.18 16.66 -15.43
C GLU C 78 35.41 16.96 -14.15
N TYR C 79 35.39 15.99 -13.24
CA TYR C 79 34.79 16.22 -11.91
C TYR C 79 35.81 16.88 -10.97
N GLN C 80 35.48 18.09 -10.52
CA GLN C 80 36.35 18.89 -9.64
C GLN C 80 35.92 18.68 -8.19
N ASP C 81 36.63 17.77 -7.52
CA ASP C 81 36.24 17.33 -6.17
C ASP C 81 36.88 18.08 -5.03
N ALA C 82 37.89 18.91 -5.30
CA ALA C 82 38.56 19.62 -4.22
C ALA C 82 37.81 20.91 -3.96
N TYR C 83 36.71 20.78 -3.22
CA TYR C 83 35.80 21.89 -2.99
C TYR C 83 36.48 23.09 -2.35
N ASN C 84 36.24 24.28 -2.91
CA ASN C 84 36.92 25.48 -2.46
C ASN C 84 36.14 26.68 -2.99
N LEU C 85 35.78 27.60 -2.12
CA LEU C 85 35.04 28.78 -2.57
C LEU C 85 35.85 29.66 -3.54
N GLU C 86 37.17 29.49 -3.56
CA GLU C 86 38.05 30.23 -4.47
C GLU C 86 38.20 29.55 -5.85
N ASN C 87 37.67 28.34 -6.02
CA ASN C 87 37.76 27.66 -7.32
C ASN C 87 36.98 28.42 -8.38
N ALA C 88 37.52 28.46 -9.59
CA ALA C 88 36.77 28.92 -10.74
C ALA C 88 35.48 28.08 -10.91
N PHE C 89 35.58 26.79 -10.63
CA PHE C 89 34.43 25.90 -10.74
C PHE C 89 34.42 24.85 -9.67
N ASN C 90 33.26 24.69 -9.04
CA ASN C 90 33.01 23.54 -8.17
C ASN C 90 31.98 22.61 -8.82
N SER C 91 32.31 21.32 -8.83
CA SER C 91 31.40 20.30 -9.36
C SER C 91 30.22 20.05 -8.41
N PHE C 92 30.39 20.45 -7.14
CA PHE C 92 29.35 20.27 -6.12
C PHE C 92 28.64 21.58 -5.77
N GLY C 93 27.34 21.49 -5.54
CA GLY C 93 26.59 22.58 -4.96
C GLY C 93 25.36 22.15 -4.20
N ARG C 94 24.75 23.12 -3.55
CA ARG C 94 23.50 22.94 -2.82
C ARG C 94 22.53 24.07 -3.18
N THR C 95 21.24 23.74 -3.15
CA THR C 95 20.21 24.73 -3.36
C THR C 95 18.95 24.28 -2.61
N ALA C 96 17.99 25.17 -2.50
CA ALA C 96 16.79 24.90 -1.76
C ALA C 96 15.64 25.64 -2.42
N THR C 97 14.44 25.10 -2.28
CA THR C 97 13.27 25.82 -2.79
C THR C 97 12.96 27.01 -1.89
N THR C 98 12.61 28.15 -2.50
CA THR C 98 12.09 29.31 -1.78
C THR C 98 10.74 28.96 -1.21
N PHE C 99 10.40 29.51 -0.05
CA PHE C 99 9.16 29.09 0.60
C PHE C 99 7.92 29.70 -0.06
N ASP C 100 8.05 30.92 -0.58
CA ASP C 100 6.97 31.61 -1.31
C ASP C 100 6.60 30.89 -2.60
N ALA C 101 7.56 30.81 -3.52
CA ALA C 101 7.33 30.31 -4.87
C ALA C 101 7.69 28.84 -5.04
N GLY C 102 8.46 28.31 -4.10
CA GLY C 102 8.88 26.91 -4.18
C GLY C 102 9.89 26.64 -5.26
N GLU C 103 10.68 27.64 -5.64
CA GLU C 103 11.57 27.49 -6.76
C GLU C 103 13.02 27.47 -6.30
N TRP C 104 13.82 26.52 -6.78
CA TRP C 104 15.25 26.51 -6.56
C TRP C 104 15.98 27.02 -7.80
N THR C 105 17.17 27.56 -7.59
CA THR C 105 18.04 28.03 -8.70
C THR C 105 19.48 27.55 -8.48
N LEU C 106 20.18 27.36 -9.59
CA LEU C 106 21.59 26.97 -9.58
C LEU C 106 22.28 27.70 -10.70
N HIS C 107 23.45 28.28 -10.42
CA HIS C 107 24.25 28.97 -11.45
C HIS C 107 25.49 28.12 -11.75
N THR C 108 25.65 27.73 -13.00
CA THR C 108 26.70 26.74 -13.31
C THR C 108 27.13 26.86 -14.76
N VAL C 109 27.79 25.82 -15.27
CA VAL C 109 28.10 25.72 -16.70
C VAL C 109 27.51 24.42 -17.19
N LYS C 110 27.30 24.31 -18.49
CA LYS C 110 26.81 23.06 -19.05
C LYS C 110 27.91 22.00 -18.94
N PRO C 111 27.58 20.83 -18.37
CA PRO C 111 28.64 19.87 -18.18
C PRO C 111 29.10 19.19 -19.47
N GLY C 112 30.39 18.90 -19.55
CA GLY C 112 30.93 18.06 -20.60
C GLY C 112 30.59 16.59 -20.46
N VAL C 113 30.77 15.86 -21.54
CA VAL C 113 30.49 14.44 -21.61
C VAL C 113 31.54 13.66 -20.82
N VAL C 114 31.06 12.67 -20.06
CA VAL C 114 31.89 11.71 -19.33
C VAL C 114 31.47 10.28 -19.72
N ASN C 115 32.44 9.36 -19.76
CA ASN C 115 32.14 7.97 -20.09
C ASN C 115 31.70 7.18 -18.88
N ASN C 116 30.85 6.17 -19.12
CA ASN C 116 30.49 5.21 -18.07
C ASN C 116 31.64 4.22 -17.87
N ALA C 117 31.43 3.23 -17.01
CA ALA C 117 32.52 2.35 -16.61
C ALA C 117 32.96 1.43 -17.76
N ALA C 118 32.09 1.20 -18.73
CA ALA C 118 32.41 0.41 -19.91
C ALA C 118 32.98 1.23 -21.08
N GLY C 119 33.23 2.52 -20.85
CA GLY C 119 33.81 3.44 -21.85
C GLY C 119 32.79 4.08 -22.80
N VAL C 120 31.50 3.94 -22.52
CA VAL C 120 30.43 4.46 -23.39
C VAL C 120 30.08 5.87 -22.93
N PRO C 121 30.09 6.84 -23.85
CA PRO C 121 29.77 8.22 -23.43
C PRO C 121 28.35 8.36 -22.89
N MET C 122 28.22 9.07 -21.78
CA MET C 122 26.92 9.44 -21.26
C MET C 122 26.56 10.84 -21.76
N ALA C 123 25.27 11.11 -21.92
CA ALA C 123 24.85 12.44 -22.35
C ALA C 123 25.15 13.43 -21.22
N PRO C 124 25.34 14.72 -21.55
CA PRO C 124 25.61 15.70 -20.50
C PRO C 124 24.51 15.65 -19.41
N HIS C 125 24.92 15.63 -18.15
CA HIS C 125 23.95 15.48 -17.06
C HIS C 125 24.43 16.07 -15.77
N ILE C 126 23.47 16.45 -14.92
CA ILE C 126 23.73 16.87 -13.55
C ILE C 126 23.15 15.79 -12.65
N ASN C 127 23.95 15.28 -11.72
CA ASN C 127 23.45 14.34 -10.71
C ASN C 127 22.78 15.12 -9.58
N ILE C 128 21.56 14.73 -9.20
CA ILE C 128 20.80 15.44 -8.18
C ILE C 128 20.39 14.49 -7.08
N SER C 129 20.52 14.93 -5.83
CA SER C 129 19.93 14.23 -4.70
C SER C 129 18.96 15.17 -4.01
N LEU C 130 17.73 14.69 -3.82
CA LEU C 130 16.63 15.45 -3.30
C LEU C 130 16.30 15.01 -1.87
N PHE C 131 16.28 15.99 -0.96
CA PHE C 131 15.98 15.80 0.46
C PHE C 131 14.80 16.70 0.82
N ALA C 132 13.99 16.26 1.80
CA ALA C 132 12.90 17.06 2.31
C ALA C 132 12.20 16.38 3.47
N ARG C 133 11.52 17.19 4.28
CA ARG C 133 10.50 16.71 5.18
C ARG C 133 9.63 15.69 4.42
N GLY C 134 9.43 14.52 5.00
CA GLY C 134 8.60 13.53 4.36
C GLY C 134 9.32 12.54 3.48
N ILE C 135 10.57 12.83 3.16
CA ILE C 135 11.38 11.95 2.33
C ILE C 135 12.37 11.22 3.26
N ASN C 136 12.12 9.94 3.50
CA ASN C 136 12.86 9.21 4.53
C ASN C 136 14.30 8.88 4.14
N ILE C 137 14.50 8.64 2.85
CA ILE C 137 15.82 8.49 2.26
C ILE C 137 15.83 9.28 0.97
N HIS C 138 16.91 10.04 0.76
CA HIS C 138 16.97 10.94 -0.37
C HIS C 138 16.77 10.22 -1.70
N LEU C 139 16.23 10.97 -2.65
CA LEU C 139 15.92 10.49 -3.99
C LEU C 139 16.99 10.96 -4.96
N HIS C 140 17.54 10.03 -5.73
CA HIS C 140 18.57 10.33 -6.72
C HIS C 140 17.91 10.48 -8.09
N THR C 141 18.33 11.50 -8.83
CA THR C 141 17.88 11.62 -10.22
C THR C 141 19.00 12.28 -11.06
N ARG C 142 18.72 12.48 -12.34
CA ARG C 142 19.65 13.17 -13.22
C ARG C 142 18.87 14.16 -14.04
N LEU C 143 19.50 15.31 -14.27
CA LEU C 143 18.99 16.34 -15.15
C LEU C 143 19.81 16.25 -16.45
N TYR C 144 19.14 15.95 -17.55
CA TYR C 144 19.70 16.04 -18.91
C TYR C 144 19.11 17.25 -19.63
N PHE C 145 19.56 17.53 -20.86
CA PHE C 145 19.25 18.79 -21.55
C PHE C 145 18.51 18.55 -22.85
N ASP C 146 17.44 19.31 -23.10
CA ASP C 146 16.60 19.06 -24.28
C ASP C 146 17.30 19.43 -25.59
N ASP C 147 18.39 20.17 -25.54
CA ASP C 147 19.16 20.51 -26.75
C ASP C 147 20.34 19.55 -26.97
N GLU C 148 20.29 18.40 -26.30
CA GLU C 148 21.27 17.34 -26.49
C GLU C 148 20.57 16.04 -26.94
N ALA C 149 19.54 16.18 -27.76
CA ALA C 149 18.71 15.02 -28.15
C ALA C 149 19.49 13.85 -28.74
N GLN C 150 20.48 14.13 -29.59
CA GLN C 150 21.29 13.07 -30.20
C GLN C 150 22.06 12.30 -29.14
N ALA C 151 22.68 13.03 -28.21
CA ALA C 151 23.41 12.38 -27.13
C ALA C 151 22.47 11.63 -26.19
N ASN C 152 21.33 12.23 -25.90
CA ASN C 152 20.38 11.62 -24.96
C ASN C 152 19.87 10.27 -25.45
N ALA C 153 19.60 10.20 -26.76
CA ALA C 153 19.09 8.99 -27.38
C ALA C 153 20.06 7.81 -27.26
N LYS C 154 21.36 8.10 -27.16
CA LYS C 154 22.42 7.09 -27.06
C LYS C 154 22.96 6.88 -25.62
N CYS C 155 22.44 7.59 -24.64
CA CYS C 155 22.99 7.50 -23.28
C CYS C 155 22.72 6.13 -22.65
N PRO C 156 23.79 5.45 -22.20
CA PRO C 156 23.61 4.13 -21.60
C PRO C 156 22.89 4.15 -20.26
N VAL C 157 22.74 5.31 -19.64
CA VAL C 157 21.95 5.38 -18.42
C VAL C 157 20.49 5.64 -18.77
N LEU C 158 20.21 6.64 -19.63
CA LEU C 158 18.81 6.82 -20.06
C LEU C 158 18.21 5.55 -20.68
N ASN C 159 19.04 4.79 -21.39
CA ASN C 159 18.56 3.58 -22.03
C ASN C 159 18.22 2.43 -21.07
N LEU C 160 18.61 2.54 -19.80
CA LEU C 160 18.18 1.59 -18.77
C LEU C 160 16.78 1.84 -18.25
N ILE C 161 16.19 2.97 -18.60
CA ILE C 161 14.79 3.24 -18.28
C ILE C 161 13.99 2.60 -19.39
N GLU C 162 13.17 1.61 -19.04
CA GLU C 162 12.48 0.78 -20.04
C GLU C 162 11.58 1.59 -21.00
N GLN C 163 10.82 2.54 -20.46
CA GLN C 163 9.83 3.31 -21.22
C GLN C 163 10.32 4.69 -21.65
N PRO C 164 10.29 4.97 -22.98
CA PRO C 164 10.64 6.31 -23.45
C PRO C 164 9.87 7.44 -22.76
N GLN C 165 8.59 7.21 -22.47
CA GLN C 165 7.79 8.22 -21.78
C GLN C 165 8.43 8.60 -20.45
N ARG C 166 9.02 7.63 -19.76
CA ARG C 166 9.66 7.93 -18.47
C ARG C 166 11.00 8.64 -18.65
N ARG C 167 11.72 8.35 -19.74
CA ARG C 167 12.97 9.04 -20.03
C ARG C 167 12.73 10.55 -20.16
N GLU C 168 11.57 10.92 -20.71
CA GLU C 168 11.22 12.34 -20.91
C GLU C 168 11.20 13.12 -19.60
N THR C 169 10.96 12.45 -18.48
CA THR C 169 10.90 13.10 -17.16
C THR C 169 12.25 13.66 -16.73
N LEU C 170 13.35 13.20 -17.34
CA LEU C 170 14.70 13.63 -16.96
C LEU C 170 15.27 14.72 -17.87
N ILE C 171 14.46 15.20 -18.82
CA ILE C 171 14.96 16.16 -19.80
C ILE C 171 14.51 17.59 -19.44
N ALA C 172 15.46 18.45 -19.08
CA ALA C 172 15.20 19.82 -18.72
C ALA C 172 14.92 20.62 -19.98
N LYS C 173 14.05 21.60 -19.83
CA LYS C 173 13.53 22.40 -20.95
C LYS C 173 14.30 23.71 -21.04
N ARG C 174 14.91 23.96 -22.19
CA ARG C 174 15.67 25.19 -22.39
C ARG C 174 14.69 26.37 -22.41
N CYS C 175 15.10 27.45 -21.77
CA CYS C 175 14.29 28.66 -21.63
C CYS C 175 15.24 29.82 -21.38
N GLU C 176 14.68 30.99 -21.06
CA GLU C 176 15.48 32.16 -20.74
C GLU C 176 14.93 32.84 -19.50
N VAL C 177 15.84 33.14 -18.59
CA VAL C 177 15.52 33.83 -17.34
C VAL C 177 16.35 35.10 -17.31
N ASP C 178 15.67 36.25 -17.22
CA ASP C 178 16.28 37.58 -17.38
C ASP C 178 17.21 37.67 -18.60
N GLY C 179 16.77 37.04 -19.69
CA GLY C 179 17.48 37.07 -20.95
C GLY C 179 18.65 36.09 -21.09
N LYS C 180 18.89 35.30 -20.05
CA LYS C 180 20.05 34.44 -19.98
C LYS C 180 19.63 32.99 -20.19
N THR C 181 20.53 32.21 -20.79
CA THR C 181 20.26 30.83 -21.07
C THR C 181 19.96 30.09 -19.78
N ALA C 182 18.90 29.30 -19.81
CA ALA C 182 18.46 28.59 -18.61
C ALA C 182 17.82 27.28 -19.01
N TYR C 183 17.75 26.35 -18.06
CA TYR C 183 16.97 25.13 -18.28
C TYR C 183 16.12 24.89 -17.04
N ARG C 184 14.87 24.53 -17.27
CA ARG C 184 13.92 24.23 -16.19
C ARG C 184 13.77 22.74 -16.00
N PHE C 185 13.93 22.30 -14.76
CA PHE C 185 13.85 20.88 -14.40
C PHE C 185 12.91 20.75 -13.20
N ASP C 186 11.63 20.55 -13.47
CA ASP C 186 10.66 20.27 -12.42
C ASP C 186 10.72 18.78 -12.06
N ILE C 187 10.54 18.49 -10.78
CA ILE C 187 10.51 17.12 -10.25
C ILE C 187 9.10 16.85 -9.71
N ARG C 188 8.55 15.71 -10.10
CA ARG C 188 7.24 15.25 -9.60
C ARG C 188 7.55 13.98 -8.84
N ILE C 189 7.39 14.05 -7.53
CA ILE C 189 7.79 12.92 -6.68
C ILE C 189 6.88 11.71 -6.90
N GLN C 190 5.62 11.96 -7.24
CA GLN C 190 4.61 10.93 -7.22
C GLN C 190 3.49 11.26 -8.16
N GLY C 191 3.05 10.25 -8.90
CA GLY C 191 1.84 10.34 -9.67
C GLY C 191 2.08 10.60 -11.14
N GLU C 192 1.20 11.39 -11.75
CA GLU C 192 1.32 11.64 -13.19
C GLU C 192 2.63 12.38 -13.42
N GLY C 193 3.37 11.91 -14.41
CA GLY C 193 4.65 12.48 -14.75
C GLY C 193 5.73 12.25 -13.73
N GLU C 194 5.56 11.25 -12.88
CA GLU C 194 6.51 10.98 -11.81
C GLU C 194 7.95 10.91 -12.37
N THR C 195 8.84 11.70 -11.80
CA THR C 195 10.24 11.72 -12.19
C THR C 195 10.93 10.38 -11.91
N VAL C 196 11.74 9.92 -12.84
CA VAL C 196 12.56 8.73 -12.61
C VAL C 196 13.56 8.98 -11.48
N PHE C 197 13.62 8.04 -10.54
CA PHE C 197 14.58 8.09 -9.46
C PHE C 197 15.42 6.81 -9.55
N PHE C 198 16.70 6.94 -9.25
CA PHE C 198 17.68 5.89 -9.41
C PHE C 198 18.11 5.24 -8.10
N ASP C 199 18.57 3.99 -8.20
CA ASP C 199 19.30 3.32 -7.16
C ASP C 199 20.64 2.92 -7.76
N PHE C 200 21.68 3.10 -6.98
CA PHE C 200 23.03 2.68 -7.36
C PHE C 200 23.88 2.58 -6.12
N PRO D 1 41.63 16.26 -10.98
CA PRO D 1 40.20 15.96 -10.91
C PRO D 1 39.94 14.54 -10.43
N ALA D 2 38.68 14.25 -10.13
CA ALA D 2 38.30 12.99 -9.52
C ALA D 2 38.38 11.84 -10.52
N GLN D 3 38.73 10.65 -10.02
CA GLN D 3 38.80 9.44 -10.83
C GLN D 3 37.87 8.36 -10.30
N ASP D 4 37.34 7.54 -11.21
CA ASP D 4 36.58 6.35 -10.84
C ASP D 4 37.56 5.25 -10.41
N ASN D 5 37.73 5.06 -9.11
CA ASN D 5 38.71 4.08 -8.63
C ASN D 5 38.15 3.06 -7.63
N SER D 6 36.83 3.03 -7.47
CA SER D 6 36.22 2.23 -6.43
C SER D 6 34.73 2.00 -6.67
N ARG D 7 34.19 1.04 -5.94
CA ARG D 7 32.79 0.72 -5.95
C ARG D 7 32.28 0.68 -4.52
N PHE D 8 31.00 0.94 -4.39
CA PHE D 8 30.35 1.06 -3.09
C PHE D 8 29.28 0.00 -2.97
N VAL D 9 29.35 -0.74 -1.87
CA VAL D 9 28.41 -1.83 -1.60
C VAL D 9 26.97 -1.35 -1.72
N ILE D 10 26.12 -2.15 -2.36
CA ILE D 10 24.75 -1.76 -2.63
C ILE D 10 23.98 -1.56 -1.32
N ARG D 11 23.15 -0.52 -1.30
CA ARG D 11 22.38 -0.24 -0.08
C ARG D 11 21.34 -1.30 0.15
N ASP D 12 21.09 -1.59 1.42
CA ASP D 12 19.98 -2.44 1.82
C ASP D 12 18.78 -1.56 2.11
N ARG D 13 17.87 -1.49 1.15
CA ARG D 13 16.69 -0.61 1.27
C ARG D 13 15.55 -1.21 2.09
N ASN D 14 15.81 -2.36 2.72
CA ASN D 14 14.96 -2.83 3.83
C ASN D 14 15.53 -2.61 5.22
N TRP D 15 16.76 -2.11 5.27
CA TRP D 15 17.43 -1.68 6.49
C TRP D 15 17.17 -0.19 6.70
N HIS D 16 17.48 0.60 5.68
CA HIS D 16 16.94 1.95 5.60
C HIS D 16 15.42 1.97 5.66
N PRO D 17 14.85 3.12 6.06
CA PRO D 17 13.42 3.26 5.96
C PRO D 17 12.95 3.22 4.50
N LYS D 18 11.79 2.62 4.24
CA LYS D 18 11.15 2.72 2.94
C LYS D 18 10.57 4.13 2.76
N ALA D 19 10.27 4.48 1.51
CA ALA D 19 9.71 5.80 1.23
C ALA D 19 8.29 5.97 1.81
N LEU D 20 7.41 4.98 1.59
CA LEU D 20 6.01 5.09 2.03
C LEU D 20 5.85 4.45 3.40
N THR D 21 5.69 5.30 4.41
CA THR D 21 5.54 4.87 5.80
C THR D 21 4.39 5.70 6.40
N PRO D 22 3.14 5.27 6.17
CA PRO D 22 2.00 6.20 6.35
C PRO D 22 1.74 6.74 7.74
N ASP D 23 2.24 6.10 8.77
CA ASP D 23 2.10 6.70 10.11
C ASP D 23 2.87 8.02 10.21
N TYR D 24 3.90 8.17 9.38
CA TYR D 24 4.58 9.46 9.20
C TYR D 24 3.85 10.11 8.04
N LYS D 25 2.89 10.97 8.37
CA LYS D 25 1.85 11.38 7.42
C LYS D 25 2.41 12.07 6.20
N THR D 26 3.41 12.93 6.37
CA THR D 26 3.94 13.66 5.23
C THR D 26 4.61 12.73 4.21
N SER D 27 4.98 11.52 4.61
CA SER D 27 5.59 10.58 3.65
C SER D 27 4.60 10.09 2.59
N ILE D 28 3.30 10.16 2.87
CA ILE D 28 2.30 9.57 1.96
C ILE D 28 2.38 10.22 0.59
N ALA D 29 2.36 11.55 0.55
CA ALA D 29 2.38 12.28 -0.72
C ALA D 29 3.79 12.58 -1.26
N ARG D 30 4.84 12.27 -0.50
CA ARG D 30 6.22 12.58 -0.87
C ARG D 30 7.07 11.34 -1.07
N SER D 31 6.39 10.25 -1.39
CA SER D 31 7.03 8.97 -1.70
C SER D 31 6.72 8.58 -3.16
N PRO D 32 7.73 8.06 -3.88
CA PRO D 32 7.42 7.60 -5.22
C PRO D 32 6.39 6.45 -5.20
N ARG D 33 5.69 6.30 -6.32
CA ARG D 33 4.88 5.11 -6.55
C ARG D 33 5.40 4.21 -7.67
N GLN D 34 6.46 4.63 -8.35
CA GLN D 34 7.20 3.77 -9.28
C GLN D 34 8.47 3.27 -8.64
N ALA D 35 8.91 2.09 -9.08
CA ALA D 35 10.14 1.53 -8.62
C ALA D 35 11.32 2.41 -8.98
N LEU D 36 12.30 2.47 -8.08
CA LEU D 36 13.62 3.02 -8.40
C LEU D 36 14.21 2.23 -9.57
N VAL D 37 14.91 2.93 -10.43
CA VAL D 37 15.61 2.32 -11.54
C VAL D 37 17.06 2.09 -11.16
N SER D 38 17.50 0.84 -11.12
CA SER D 38 18.88 0.53 -10.80
C SER D 38 19.82 0.83 -11.96
N ILE D 39 20.95 1.45 -11.66
CA ILE D 39 21.98 1.73 -12.66
C ILE D 39 23.35 1.34 -12.13
N PRO D 40 24.27 0.93 -13.02
CA PRO D 40 25.62 0.59 -12.60
C PRO D 40 26.38 1.83 -12.12
N GLN D 41 27.36 1.65 -11.25
CA GLN D 41 28.20 2.76 -10.81
C GLN D 41 29.11 3.21 -11.94
N SER D 42 29.12 4.52 -12.15
CA SER D 42 30.08 5.18 -13.04
C SER D 42 30.82 6.22 -12.24
N ILE D 43 31.75 6.91 -12.89
CA ILE D 43 32.45 8.02 -12.27
C ILE D 43 31.47 9.07 -11.68
N SER D 44 30.29 9.22 -12.26
CA SER D 44 29.29 10.19 -11.74
C SER D 44 28.86 9.84 -10.33
N GLU D 45 28.77 8.55 -10.04
CA GLU D 45 28.30 8.09 -8.72
C GLU D 45 29.41 7.75 -7.71
N THR D 46 30.58 7.39 -8.20
CA THR D 46 31.64 6.89 -7.34
C THR D 46 32.64 7.98 -6.90
N THR D 47 32.36 9.20 -7.34
CA THR D 47 33.12 10.39 -6.92
C THR D 47 32.17 11.36 -6.16
N GLY D 48 32.77 12.35 -5.52
CA GLY D 48 32.01 13.35 -4.80
C GLY D 48 32.96 14.38 -4.19
N PRO D 49 32.39 15.44 -3.63
CA PRO D 49 33.22 16.50 -3.06
C PRO D 49 34.02 16.08 -1.86
N ASN D 50 35.23 16.63 -1.75
CA ASN D 50 36.04 16.54 -0.55
C ASN D 50 36.14 17.96 -0.03
N PHE D 51 35.96 18.12 1.28
CA PHE D 51 35.86 19.43 1.90
C PHE D 51 37.09 19.85 2.72
N SER D 52 38.22 19.19 2.50
CA SER D 52 39.46 19.54 3.18
C SER D 52 39.86 21.01 3.03
N HIS D 53 39.49 21.65 1.93
CA HIS D 53 39.86 23.05 1.68
C HIS D 53 38.73 24.04 1.95
N LEU D 54 37.68 23.59 2.62
CA LEU D 54 36.59 24.47 3.03
C LEU D 54 37.12 25.26 4.25
N GLY D 55 36.81 26.54 4.34
CA GLY D 55 37.28 27.35 5.47
C GLY D 55 36.36 27.17 6.65
N PHE D 56 36.81 26.47 7.69
CA PHE D 56 36.05 26.33 8.93
C PHE D 56 36.44 27.43 9.93
N GLY D 57 35.44 28.04 10.55
CA GLY D 57 35.68 28.90 11.71
C GLY D 57 36.13 28.11 12.93
N ALA D 58 36.78 28.82 13.84
CA ALA D 58 37.32 28.26 15.07
C ALA D 58 36.29 27.52 15.92
N HIS D 59 35.05 28.02 15.92
CA HIS D 59 34.00 27.49 16.78
C HIS D 59 32.93 26.76 15.99
N ASP D 60 33.21 26.36 14.76
CA ASP D 60 32.18 25.77 13.92
C ASP D 60 31.62 24.47 14.50
N HIS D 61 32.44 23.80 15.29
CA HIS D 61 32.07 22.52 15.92
C HIS D 61 31.58 22.71 17.34
N ASP D 62 31.53 23.94 17.84
CA ASP D 62 31.23 24.20 19.25
C ASP D 62 29.98 25.09 19.38
N LEU D 63 28.84 24.46 19.55
CA LEU D 63 27.57 25.17 19.63
C LEU D 63 27.38 25.97 20.94
N LEU D 64 28.26 25.77 21.91
N LEU D 64 28.27 25.80 21.91
CA LEU D 64 28.28 26.59 23.13
CA LEU D 64 28.24 26.61 23.13
C LEU D 64 28.80 27.99 22.87
C LEU D 64 28.92 27.96 22.96
N LEU D 65 29.65 28.13 21.86
CA LEU D 65 30.37 29.37 21.57
C LEU D 65 30.07 29.99 20.22
N ASN D 66 29.48 29.24 19.29
CA ASN D 66 29.35 29.72 17.93
C ASN D 66 28.13 30.61 17.63
N PHE D 67 27.31 30.87 18.65
CA PHE D 67 26.17 31.79 18.58
C PHE D 67 26.18 32.67 19.85
N ASN D 68 27.32 33.29 20.11
CA ASN D 68 27.59 33.97 21.37
C ASN D 68 27.02 35.38 21.33
N ASN D 69 25.93 35.60 22.07
CA ASN D 69 25.31 36.91 22.22
C ASN D 69 25.32 37.45 23.66
N GLY D 70 26.41 37.19 24.37
CA GLY D 70 26.62 37.71 25.73
C GLY D 70 26.66 36.66 26.83
N GLY D 71 26.45 35.41 26.47
CA GLY D 71 26.46 34.37 27.48
C GLY D 71 26.44 32.97 26.92
N LEU D 72 26.39 32.01 27.83
CA LEU D 72 26.31 30.59 27.50
C LEU D 72 24.88 30.17 27.28
N PRO D 73 24.64 29.21 26.38
CA PRO D 73 23.31 28.61 26.31
C PRO D 73 22.90 27.90 27.60
N ILE D 74 21.61 27.90 27.85
CA ILE D 74 20.99 27.15 28.95
C ILE D 74 20.75 25.73 28.48
N GLY D 75 21.20 24.76 29.25
CA GLY D 75 20.86 23.37 28.93
C GLY D 75 21.98 22.42 29.29
N GLU D 76 21.73 21.14 29.02
CA GLU D 76 22.63 20.07 29.42
C GLU D 76 23.87 20.07 28.54
N ARG D 77 25.01 20.50 29.08
CA ARG D 77 26.26 20.58 28.30
C ARG D 77 26.76 19.19 27.97
N ILE D 78 26.95 18.93 26.67
CA ILE D 78 27.40 17.62 26.18
C ILE D 78 28.38 17.70 25.02
N ILE D 79 29.34 16.77 25.02
CA ILE D 79 30.12 16.45 23.84
C ILE D 79 29.42 15.33 23.08
N VAL D 80 29.32 15.47 21.76
CA VAL D 80 28.83 14.41 20.88
C VAL D 80 30.00 14.07 19.96
N ALA D 81 30.50 12.84 20.05
CA ALA D 81 31.69 12.45 19.34
C ALA D 81 31.56 11.04 18.85
N GLY D 82 32.35 10.70 17.85
CA GLY D 82 32.35 9.34 17.35
C GLY D 82 33.29 9.20 16.19
N ARG D 83 33.16 8.07 15.52
CA ARG D 83 34.02 7.73 14.40
C ARG D 83 33.13 7.45 13.20
N VAL D 84 33.56 7.91 12.03
CA VAL D 84 32.93 7.54 10.77
C VAL D 84 33.80 6.45 10.15
N VAL D 85 33.18 5.31 9.88
CA VAL D 85 33.84 4.17 9.23
C VAL D 85 32.95 3.69 8.09
N ASP D 86 33.50 2.87 7.19
CA ASP D 86 32.66 2.21 6.20
C ASP D 86 32.32 0.79 6.63
N GLN D 87 31.56 0.08 5.80
CA GLN D 87 31.03 -1.22 6.21
C GLN D 87 32.11 -2.26 6.38
N TYR D 88 33.29 -2.03 5.76
CA TYR D 88 34.45 -2.92 5.97
C TYR D 88 35.21 -2.57 7.26
N GLY D 89 34.75 -1.55 7.99
CA GLY D 89 35.44 -1.09 9.19
C GLY D 89 36.56 -0.09 9.00
N LYS D 90 36.74 0.40 7.79
CA LYS D 90 37.83 1.33 7.52
C LYS D 90 37.42 2.75 7.85
N PRO D 91 38.30 3.48 8.56
CA PRO D 91 37.94 4.86 8.86
C PRO D 91 37.74 5.71 7.62
N VAL D 92 36.87 6.72 7.75
CA VAL D 92 36.59 7.66 6.67
C VAL D 92 37.17 9.01 7.10
N PRO D 93 38.43 9.28 6.75
CA PRO D 93 39.10 10.51 7.18
C PRO D 93 38.72 11.74 6.35
N ASN D 94 38.88 12.93 6.94
CA ASN D 94 38.70 14.19 6.20
C ASN D 94 37.34 14.30 5.50
N THR D 95 36.30 13.82 6.18
CA THR D 95 34.93 13.85 5.67
C THR D 95 34.09 14.86 6.43
N LEU D 96 33.13 15.45 5.74
CA LEU D 96 32.30 16.51 6.32
C LEU D 96 31.14 15.94 7.12
N VAL D 97 31.09 16.33 8.40
CA VAL D 97 29.97 16.00 9.27
C VAL D 97 29.29 17.32 9.67
N GLU D 98 28.01 17.41 9.39
CA GLU D 98 27.20 18.58 9.72
C GLU D 98 26.10 18.16 10.64
N MET D 99 25.70 19.07 11.54
CA MET D 99 24.62 18.75 12.44
C MET D 99 23.76 19.98 12.73
N TRP D 100 22.49 19.73 13.02
CA TRP D 100 21.55 20.76 13.42
C TRP D 100 20.49 20.26 14.37
N GLN D 101 20.05 21.13 15.27
CA GLN D 101 19.21 20.70 16.39
C GLN D 101 18.43 21.87 16.95
N ALA D 102 17.41 21.52 17.72
CA ALA D 102 16.68 22.46 18.55
C ALA D 102 17.46 22.77 19.83
N ASN D 103 16.98 23.78 20.56
CA ASN D 103 17.58 24.14 21.84
C ASN D 103 17.09 23.23 22.97
N ALA D 104 17.45 23.56 24.22
CA ALA D 104 17.16 22.70 25.36
C ALA D 104 15.65 22.48 25.57
N GLY D 105 14.82 23.38 25.06
CA GLY D 105 13.38 23.25 25.21
C GLY D 105 12.65 22.73 23.99
N GLY D 106 13.39 22.30 22.98
CA GLY D 106 12.79 21.77 21.78
C GLY D 106 12.39 22.83 20.74
N ARG D 107 12.90 24.05 20.88
CA ARG D 107 12.62 25.12 19.91
C ARG D 107 13.76 25.24 18.90
N TYR D 108 13.41 25.24 17.62
CA TYR D 108 14.39 25.48 16.56
C TYR D 108 14.49 26.95 16.22
N ARG D 109 15.72 27.37 15.91
CA ARG D 109 15.97 28.73 15.41
C ARG D 109 15.75 28.77 13.91
N HIS D 110 14.47 28.72 13.52
CA HIS D 110 14.03 28.68 12.13
C HIS D 110 12.69 29.41 12.06
N LYS D 111 12.52 30.24 11.04
CA LYS D 111 11.31 31.06 10.95
C LYS D 111 10.00 30.26 10.77
N ASN D 112 10.10 28.98 10.39
CA ASN D 112 8.91 28.15 10.21
C ASN D 112 8.52 27.34 11.46
N ASP D 113 9.30 27.42 12.54
CA ASP D 113 8.95 26.67 13.76
C ASP D 113 7.94 27.46 14.59
N ARG D 114 6.71 26.97 14.68
CA ARG D 114 5.65 27.67 15.43
C ARG D 114 5.48 27.18 16.89
N TYR D 115 6.35 26.29 17.35
CA TYR D 115 6.33 25.88 18.76
C TYR D 115 6.66 27.08 19.62
N LEU D 116 5.87 27.28 20.68
CA LEU D 116 5.97 28.53 21.42
C LEU D 116 7.01 28.49 22.56
N ALA D 117 7.70 27.37 22.75
CA ALA D 117 8.84 27.32 23.68
C ALA D 117 9.88 28.34 23.23
N PRO D 118 10.53 29.04 24.20
CA PRO D 118 11.36 30.18 23.79
C PRO D 118 12.67 29.82 23.12
N LEU D 119 13.12 30.71 22.25
CA LEU D 119 14.47 30.72 21.77
C LEU D 119 15.43 31.03 22.92
N ASP D 120 16.66 30.54 22.78
CA ASP D 120 17.75 30.78 23.70
C ASP D 120 18.66 31.78 22.97
N PRO D 121 18.81 33.00 23.52
CA PRO D 121 19.59 34.02 22.80
C PRO D 121 21.07 33.69 22.54
N ASN D 122 21.61 32.70 23.25
CA ASN D 122 22.97 32.27 23.05
C ASN D 122 23.10 30.91 22.36
N PHE D 123 22.02 30.43 21.72
CA PHE D 123 22.06 29.15 21.02
C PHE D 123 21.52 29.26 19.61
N GLY D 124 22.32 28.77 18.66
CA GLY D 124 21.97 28.77 17.24
C GLY D 124 21.46 27.41 16.76
N GLY D 125 22.26 26.37 17.01
CA GLY D 125 21.84 25.01 16.70
C GLY D 125 22.50 24.35 15.50
N VAL D 126 23.56 24.95 14.94
CA VAL D 126 24.28 24.35 13.80
C VAL D 126 25.74 24.16 14.08
N GLY D 127 26.27 23.02 13.65
CA GLY D 127 27.68 22.77 13.73
C GLY D 127 28.18 22.03 12.53
N ARG D 128 29.48 22.12 12.31
CA ARG D 128 30.13 21.28 11.33
C ARG D 128 31.56 21.01 11.71
N LEU D 130 35.20 18.40 10.17
N LEU D 130 35.20 18.47 10.10
CA LEU D 130 35.77 17.44 9.26
CA LEU D 130 35.81 17.40 9.34
C LEU D 130 36.42 16.34 10.10
C LEU D 130 36.23 16.29 10.29
N THR D 131 36.10 15.05 9.83
CA THR D 131 36.72 13.97 10.57
C THR D 131 38.25 14.06 10.45
N ASP D 132 38.94 13.64 11.49
CA ASP D 132 40.39 13.64 11.50
C ASP D 132 40.94 12.47 10.68
N SER D 133 42.27 12.34 10.66
CA SER D 133 42.93 11.34 9.83
C SER D 133 42.59 9.89 10.22
N ASP D 134 41.98 9.71 11.40
CA ASP D 134 41.59 8.40 11.92
C ASP D 134 40.06 8.21 11.92
N GLY D 135 39.32 9.16 11.34
CA GLY D 135 37.88 9.04 11.22
C GLY D 135 37.04 9.66 12.32
N TYR D 136 37.67 10.34 13.28
CA TYR D 136 36.93 10.82 14.44
C TYR D 136 36.42 12.25 14.26
N TYR D 137 35.24 12.51 14.77
CA TYR D 137 34.66 13.87 14.81
C TYR D 137 34.26 14.18 16.27
N SER D 138 34.10 15.46 16.57
CA SER D 138 33.63 15.89 17.90
C SER D 138 32.90 17.22 17.79
N PHE D 139 31.74 17.31 18.45
CA PHE D 139 31.00 18.56 18.65
C PHE D 139 30.79 18.80 20.14
N ARG D 140 30.61 20.06 20.53
CA ARG D 140 30.13 20.36 21.87
C ARG D 140 28.83 21.13 21.71
N THR D 141 27.82 20.79 22.52
CA THR D 141 26.48 21.35 22.35
C THR D 141 25.70 21.24 23.67
N ILE D 142 24.42 21.59 23.62
CA ILE D 142 23.49 21.27 24.70
C ILE D 142 22.55 20.17 24.20
N LYS D 143 22.07 19.33 25.10
CA LYS D 143 21.13 18.29 24.68
C LYS D 143 19.81 18.92 24.26
N PRO D 144 19.35 18.63 23.04
CA PRO D 144 18.08 19.21 22.59
C PRO D 144 16.88 18.62 23.34
N GLY D 145 15.81 19.37 23.49
CA GLY D 145 14.58 18.86 24.03
C GLY D 145 13.69 18.19 23.00
N PRO D 146 12.76 17.33 23.45
CA PRO D 146 11.75 16.80 22.57
C PRO D 146 10.88 17.92 22.08
N TYR D 147 10.15 17.67 21.01
CA TYR D 147 9.16 18.67 20.69
C TYR D 147 7.98 18.12 19.93
N PRO D 148 6.88 18.83 20.08
CA PRO D 148 5.63 18.37 19.58
C PRO D 148 5.52 18.74 18.12
N TRP D 149 4.77 17.94 17.38
CA TRP D 149 4.59 18.20 15.97
C TRP D 149 3.25 17.71 15.48
N ARG D 150 2.78 18.33 14.39
CA ARG D 150 1.44 18.09 13.86
C ARG D 150 1.38 16.87 12.94
N ASN D 151 1.61 15.71 13.54
CA ASN D 151 1.44 14.44 12.86
C ASN D 151 0.10 13.89 13.40
N GLY D 152 0.12 12.97 14.33
CA GLY D 152 -1.08 12.66 15.12
C GLY D 152 -1.38 13.76 16.11
N PRO D 153 -2.50 13.63 16.85
CA PRO D 153 -2.89 14.71 17.77
C PRO D 153 -2.05 14.90 19.05
N ASN D 154 -1.17 13.96 19.39
CA ASN D 154 -0.26 14.08 20.53
C ASN D 154 1.06 13.37 20.25
N ASP D 155 1.73 13.78 19.17
CA ASP D 155 3.01 13.22 18.77
C ASP D 155 4.14 14.17 19.16
N TRP D 156 5.22 13.56 19.63
CA TRP D 156 6.39 14.28 20.12
C TRP D 156 7.63 13.60 19.58
N ARG D 157 8.52 14.35 18.94
CA ARG D 157 9.81 13.78 18.56
C ARG D 157 10.63 13.54 19.80
N PRO D 158 11.35 12.41 19.87
CA PRO D 158 12.34 12.28 20.93
C PRO D 158 13.41 13.36 20.75
N ALA D 159 14.17 13.64 21.78
CA ALA D 159 15.34 14.48 21.65
C ALA D 159 16.21 13.94 20.52
N HIS D 160 16.62 14.80 19.60
CA HIS D 160 17.44 14.33 18.47
C HIS D 160 18.32 15.43 17.88
N ILE D 161 19.41 15.00 17.25
CA ILE D 161 20.29 15.89 16.49
C ILE D 161 20.29 15.36 15.08
N HIS D 162 20.02 16.21 14.11
CA HIS D 162 20.11 15.84 12.70
C HIS D 162 21.59 15.83 12.27
N PHE D 163 21.97 14.84 11.46
CA PHE D 163 23.34 14.69 10.99
C PHE D 163 23.33 14.54 9.49
N GLY D 164 24.32 15.17 8.86
CA GLY D 164 24.63 14.90 7.46
C GLY D 164 26.11 14.54 7.34
N ILE D 165 26.41 13.50 6.55
CA ILE D 165 27.77 13.02 6.37
C ILE D 165 28.02 12.85 4.88
N SER D 166 29.09 13.47 4.37
CA SER D 166 29.38 13.40 2.92
C SER D 166 29.96 12.04 2.50
N GLY D 167 31.04 11.61 3.15
CA GLY D 167 31.76 10.42 2.74
C GLY D 167 32.51 10.65 1.44
N PRO D 168 33.12 9.59 0.91
CA PRO D 168 33.97 9.71 -0.28
C PRO D 168 33.28 9.93 -1.63
N SER D 169 31.97 9.75 -1.72
CA SER D 169 31.26 9.92 -2.98
C SER D 169 29.83 10.38 -2.77
N ILE D 170 29.16 10.79 -3.84
CA ILE D 170 27.74 11.09 -3.72
C ILE D 170 26.93 9.81 -3.40
N ALA D 171 27.52 8.65 -3.67
CA ALA D 171 26.85 7.38 -3.35
C ALA D 171 26.82 7.13 -1.85
N THR D 172 27.74 7.73 -1.12
CA THR D 172 27.83 7.52 0.35
C THR D 172 27.14 8.57 1.18
N LYS D 173 26.80 9.70 0.59
CA LYS D 173 26.20 10.78 1.34
C LYS D 173 24.96 10.27 2.09
N LEU D 174 24.81 10.72 3.34
CA LEU D 174 23.72 10.26 4.18
C LEU D 174 23.24 11.40 5.06
N ILE D 175 21.92 11.50 5.21
CA ILE D 175 21.33 12.29 6.29
C ILE D 175 20.62 11.33 7.22
N THR D 176 20.81 11.56 8.51
CA THR D 176 20.19 10.70 9.52
C THR D 176 19.89 11.53 10.77
N GLN D 177 19.47 10.87 11.84
CA GLN D 177 19.21 11.53 13.13
C GLN D 177 19.79 10.67 14.23
N LEU D 178 20.37 11.34 15.21
CA LEU D 178 20.89 10.75 16.44
C LEU D 178 19.82 10.91 17.53
N TYR D 179 19.57 9.83 18.27
CA TYR D 179 18.69 9.82 19.44
C TYR D 179 19.55 9.47 20.66
N PHE D 180 18.97 9.64 21.85
CA PHE D 180 19.74 9.50 23.08
C PHE D 180 19.32 8.27 23.91
N GLU D 181 20.33 7.54 24.36
CA GLU D 181 20.15 6.36 25.18
C GLU D 181 19.05 6.52 26.25
N GLY D 182 18.10 5.60 26.22
CA GLY D 182 17.03 5.48 27.21
C GLY D 182 15.80 6.34 27.02
N ASP D 183 15.79 7.20 26.01
CA ASP D 183 14.67 8.14 25.85
C ASP D 183 13.36 7.38 25.59
N PRO D 184 12.37 7.52 26.49
CA PRO D 184 11.15 6.73 26.32
C PRO D 184 10.28 7.15 25.13
N LEU D 185 10.59 8.27 24.50
CA LEU D 185 9.87 8.70 23.32
C LEU D 185 10.29 7.92 22.07
N ILE D 186 11.47 7.30 22.07
CA ILE D 186 12.00 6.68 20.85
C ILE D 186 11.03 5.63 20.25
N PRO D 187 10.56 4.66 21.07
CA PRO D 187 9.69 3.64 20.48
C PRO D 187 8.32 4.12 20.01
N MET D 188 7.95 5.36 20.36
CA MET D 188 6.66 5.93 20.07
C MET D 188 6.64 6.79 18.80
N CYS D 189 7.81 7.09 18.24
CA CYS D 189 7.88 8.09 17.18
C CYS D 189 7.69 7.46 15.80
N PRO D 190 6.73 7.99 15.01
CA PRO D 190 6.52 7.43 13.66
C PRO D 190 7.68 7.69 12.67
N ILE D 191 8.54 8.66 12.96
CA ILE D 191 9.73 8.90 12.14
C ILE D 191 10.80 7.87 12.48
N VAL D 192 11.05 7.64 13.77
CA VAL D 192 11.91 6.52 14.15
C VAL D 192 11.41 5.23 13.49
N LYS D 193 10.11 4.96 13.63
CA LYS D 193 9.48 3.73 13.15
C LYS D 193 9.28 3.66 11.63
N SER D 194 9.72 4.69 10.91
CA SER D 194 9.87 4.57 9.46
C SER D 194 10.90 3.48 9.13
N ILE D 195 11.81 3.21 10.08
CA ILE D 195 12.76 2.12 10.00
C ILE D 195 12.05 0.90 10.52
N ALA D 196 11.87 -0.12 9.67
CA ALA D 196 11.08 -1.28 10.03
C ALA D 196 11.78 -2.24 11.00
N ASN D 197 13.10 -2.32 10.92
CA ASN D 197 13.90 -3.27 11.69
C ASN D 197 14.36 -2.62 12.99
N PRO D 198 13.89 -3.09 14.15
CA PRO D 198 14.35 -2.45 15.39
C PRO D 198 15.88 -2.45 15.62
N GLU D 199 16.60 -3.43 15.08
CA GLU D 199 18.07 -3.46 15.17
C GLU D 199 18.69 -2.29 14.43
N ALA D 200 18.04 -1.84 13.35
CA ALA D 200 18.53 -0.67 12.62
C ALA D 200 18.31 0.60 13.45
N VAL D 201 17.18 0.70 14.11
CA VAL D 201 16.94 1.84 15.01
C VAL D 201 18.01 1.92 16.09
N GLN D 202 18.44 0.78 16.62
CA GLN D 202 19.46 0.78 17.65
C GLN D 202 20.75 1.47 17.21
N GLN D 203 21.04 1.44 15.91
CA GLN D 203 22.21 2.09 15.36
C GLN D 203 22.17 3.62 15.40
N LEU D 204 20.98 4.18 15.61
CA LEU D 204 20.80 5.60 15.71
C LEU D 204 20.79 6.11 17.15
N ILE D 205 21.00 5.22 18.12
CA ILE D 205 20.92 5.62 19.52
C ILE D 205 22.34 5.85 20.07
N ALA D 206 22.62 7.10 20.41
CA ALA D 206 23.88 7.47 20.98
C ALA D 206 23.97 6.99 22.44
N LYS D 207 25.14 6.51 22.81
CA LYS D 207 25.34 5.96 24.15
C LYS D 207 26.06 6.96 25.04
N LEU D 208 25.62 7.05 26.30
CA LEU D 208 26.32 7.88 27.28
C LEU D 208 27.76 7.38 27.37
N ASP D 209 28.72 8.31 27.35
CA ASP D 209 30.13 7.99 27.25
C ASP D 209 30.88 8.72 28.35
N MET D 210 30.86 8.16 29.55
CA MET D 210 31.47 8.84 30.71
C MET D 210 32.96 9.09 30.59
N ASN D 211 33.65 8.26 29.81
CA ASN D 211 35.09 8.33 29.64
C ASN D 211 35.48 9.60 28.88
N ASN D 212 34.53 10.13 28.11
CA ASN D 212 34.77 11.33 27.29
C ASN D 212 34.21 12.59 27.93
N ALA D 213 33.55 12.45 29.07
CA ALA D 213 33.05 13.60 29.79
C ALA D 213 34.19 14.44 30.39
N ASN D 214 33.91 15.72 30.56
CA ASN D 214 34.79 16.62 31.28
C ASN D 214 34.17 16.81 32.65
N PRO D 215 34.81 16.26 33.69
CA PRO D 215 34.25 16.45 35.03
C PRO D 215 33.97 17.92 35.40
N MET D 216 32.88 18.09 36.14
CA MET D 216 32.44 19.39 36.61
C MET D 216 32.13 20.36 35.47
N ASP D 217 31.85 19.81 34.28
CA ASP D 217 31.73 20.63 33.08
C ASP D 217 30.66 20.09 32.14
N CYS D 218 30.92 18.96 31.49
CA CYS D 218 30.00 18.43 30.51
C CYS D 218 30.03 16.93 30.41
N LEU D 219 28.87 16.36 30.06
CA LEU D 219 28.75 14.92 29.78
C LEU D 219 29.14 14.67 28.33
N ALA D 220 29.07 13.42 27.91
CA ALA D 220 29.45 13.07 26.55
C ALA D 220 28.61 11.89 26.09
N TYR D 221 28.35 11.86 24.78
CA TYR D 221 27.63 10.79 24.11
C TYR D 221 28.47 10.35 22.91
N ARG D 222 28.41 9.06 22.59
CA ARG D 222 29.14 8.49 21.46
C ARG D 222 28.17 8.08 20.37
N PHE D 223 28.46 8.50 19.13
CA PHE D 223 27.64 8.15 17.97
C PHE D 223 28.54 7.82 16.80
N ASP D 224 28.71 6.54 16.54
CA ASP D 224 29.52 6.09 15.40
C ASP D 224 28.61 5.97 14.20
N ILE D 225 29.17 6.28 13.04
CA ILE D 225 28.46 6.31 11.78
C ILE D 225 29.15 5.35 10.83
N VAL D 226 28.34 4.53 10.15
CA VAL D 226 28.83 3.56 9.16
C VAL D 226 28.28 3.91 7.79
N LEU D 227 29.19 4.25 6.87
CA LEU D 227 28.87 4.51 5.46
C LEU D 227 29.07 3.26 4.61
N ARG D 228 28.55 3.30 3.39
CA ARG D 228 28.68 2.15 2.49
C ARG D 228 30.11 1.72 2.33
N GLY D 229 30.34 0.43 2.35
CA GLY D 229 31.65 -0.10 2.13
C GLY D 229 32.20 0.28 0.77
N GLN D 230 33.47 0.64 0.76
CA GLN D 230 34.20 1.00 -0.46
C GLN D 230 35.24 -0.08 -0.79
N ARG D 231 35.20 -0.59 -2.03
CA ARG D 231 36.22 -1.54 -2.47
C ARG D 231 36.77 -1.16 -3.83
N LYS D 232 37.95 -1.68 -4.13
CA LYS D 232 38.53 -1.53 -5.45
C LYS D 232 37.68 -2.29 -6.45
N THR D 233 37.64 -1.80 -7.69
CA THR D 233 37.06 -2.57 -8.77
C THR D 233 37.90 -3.84 -8.99
N HIS D 234 37.25 -4.90 -9.45
CA HIS D 234 37.98 -6.08 -9.88
C HIS D 234 37.27 -6.79 -11.02
N PHE D 235 38.09 -7.40 -11.87
CA PHE D 235 37.61 -8.18 -13.01
C PHE D 235 36.56 -7.44 -13.87
N GLU D 236 36.70 -6.13 -14.07
CA GLU D 236 35.70 -5.41 -14.87
C GLU D 236 36.12 -5.22 -16.32
N ASN D 237 35.14 -5.27 -17.23
CA ASN D 237 35.37 -5.18 -18.67
C ASN D 237 36.19 -6.33 -19.22
N PRO E 1 -18.09 -35.03 -23.50
CA PRO E 1 -17.60 -33.76 -23.01
C PRO E 1 -17.42 -33.74 -21.48
N ALA E 2 -16.92 -32.62 -20.98
CA ALA E 2 -16.65 -32.49 -19.54
C ALA E 2 -17.94 -32.18 -18.79
N GLN E 3 -18.00 -32.58 -17.52
CA GLN E 3 -19.15 -32.34 -16.65
C GLN E 3 -18.72 -31.64 -15.36
N ASP E 4 -19.68 -30.90 -14.77
CA ASP E 4 -19.51 -30.24 -13.48
C ASP E 4 -19.93 -31.20 -12.37
N ASN E 5 -18.97 -31.97 -11.87
CA ASN E 5 -19.28 -32.90 -10.77
C ASN E 5 -18.36 -32.75 -9.57
N SER E 6 -17.42 -31.82 -9.65
CA SER E 6 -16.52 -31.61 -8.54
C SER E 6 -16.34 -30.14 -8.21
N ARG E 7 -15.81 -29.94 -7.01
CA ARG E 7 -15.47 -28.65 -6.46
C ARG E 7 -14.03 -28.65 -5.99
N PHE E 8 -13.41 -27.48 -6.05
CA PHE E 8 -12.03 -27.31 -5.69
C PHE E 8 -11.88 -26.38 -4.50
N VAL E 9 -11.12 -26.82 -3.53
CA VAL E 9 -10.90 -26.09 -2.30
C VAL E 9 -10.45 -24.68 -2.64
N ILE E 10 -11.06 -23.70 -2.00
CA ILE E 10 -10.72 -22.30 -2.24
C ILE E 10 -9.25 -22.00 -1.94
N ARG E 11 -8.62 -21.23 -2.82
CA ARG E 11 -7.23 -20.86 -2.64
C ARG E 11 -6.99 -19.97 -1.43
N ASP E 12 -5.87 -20.21 -0.76
CA ASP E 12 -5.40 -19.34 0.30
C ASP E 12 -4.49 -18.29 -0.30
N ARG E 13 -5.05 -17.11 -0.56
CA ARG E 13 -4.28 -16.04 -1.17
C ARG E 13 -3.38 -15.26 -0.23
N ASN E 14 -3.25 -15.71 1.01
CA ASN E 14 -2.15 -15.29 1.88
C ASN E 14 -1.03 -16.33 2.00
N TRP E 15 -1.24 -17.49 1.38
CA TRP E 15 -0.23 -18.53 1.27
C TRP E 15 0.53 -18.36 -0.03
N HIS E 16 -0.23 -18.30 -1.12
CA HIS E 16 0.28 -17.72 -2.35
C HIS E 16 0.82 -16.31 -2.17
N PRO E 17 1.72 -15.88 -3.07
CA PRO E 17 2.14 -14.50 -3.03
C PRO E 17 0.99 -13.56 -3.39
N LYS E 18 0.95 -12.40 -2.74
CA LYS E 18 0.02 -11.36 -3.13
C LYS E 18 0.48 -10.77 -4.47
N ALA E 19 -0.42 -10.00 -5.09
CA ALA E 19 -0.09 -9.34 -6.36
C ALA E 19 0.94 -8.23 -6.19
N LEU E 20 0.70 -7.37 -5.20
CA LEU E 20 1.55 -6.20 -5.01
C LEU E 20 2.63 -6.53 -3.99
N THR E 21 3.86 -6.72 -4.48
CA THR E 21 5.01 -7.07 -3.64
C THR E 21 6.15 -6.17 -4.10
N PRO E 22 6.19 -4.92 -3.58
CA PRO E 22 7.02 -3.89 -4.26
C PRO E 22 8.52 -4.12 -4.37
N ASP E 23 9.10 -4.95 -3.51
CA ASP E 23 10.53 -5.26 -3.67
C ASP E 23 10.82 -6.01 -4.97
N TYR E 24 9.80 -6.72 -5.49
CA TYR E 24 9.82 -7.25 -6.85
C TYR E 24 9.20 -6.13 -7.71
N LYS E 25 10.09 -5.34 -8.29
CA LYS E 25 9.71 -4.04 -8.84
C LYS E 25 8.65 -4.12 -9.95
N THR E 26 8.77 -5.09 -10.85
CA THR E 26 7.80 -5.23 -11.94
C THR E 26 6.38 -5.49 -11.43
N SER E 27 6.23 -6.00 -10.20
CA SER E 27 4.91 -6.26 -9.69
C SER E 27 4.11 -4.97 -9.41
N ILE E 28 4.79 -3.83 -9.24
CA ILE E 28 4.11 -2.63 -8.81
C ILE E 28 3.08 -2.20 -9.86
N ALA E 29 3.49 -2.17 -11.14
CA ALA E 29 2.61 -1.70 -12.19
C ALA E 29 1.77 -2.84 -12.81
N ARG E 30 2.01 -4.08 -12.39
CA ARG E 30 1.31 -5.22 -13.00
C ARG E 30 0.45 -5.97 -12.00
N SER E 31 0.04 -5.27 -10.95
CA SER E 31 -0.86 -5.79 -9.95
C SER E 31 -2.18 -5.00 -9.95
N PRO E 32 -3.31 -5.68 -9.79
CA PRO E 32 -4.56 -4.95 -9.73
C PRO E 32 -4.61 -4.03 -8.50
N ARG E 33 -5.39 -2.98 -8.60
CA ARG E 33 -5.71 -2.20 -7.41
C ARG E 33 -7.16 -2.31 -6.95
N GLN E 34 -7.99 -3.02 -7.71
CA GLN E 34 -9.33 -3.40 -7.26
C GLN E 34 -9.31 -4.82 -6.74
N ALA E 35 -10.20 -5.10 -5.81
CA ALA E 35 -10.34 -6.45 -5.26
C ALA E 35 -10.75 -7.42 -6.34
N LEU E 36 -10.24 -8.65 -6.25
CA LEU E 36 -10.79 -9.73 -7.06
C LEU E 36 -12.27 -9.92 -6.75
N VAL E 37 -13.05 -10.27 -7.76
CA VAL E 37 -14.48 -10.54 -7.59
C VAL E 37 -14.66 -12.03 -7.44
N SER E 38 -15.14 -12.48 -6.28
CA SER E 38 -15.40 -13.91 -6.08
C SER E 38 -16.64 -14.36 -6.83
N ILE E 39 -16.54 -15.51 -7.48
CA ILE E 39 -17.66 -16.14 -8.16
C ILE E 39 -17.75 -17.61 -7.77
N PRO E 40 -18.98 -18.15 -7.75
CA PRO E 40 -19.11 -19.56 -7.46
C PRO E 40 -18.59 -20.42 -8.57
N GLN E 41 -18.15 -21.62 -8.22
CA GLN E 41 -17.69 -22.55 -9.24
C GLN E 41 -18.86 -23.00 -10.12
N SER E 42 -18.61 -22.99 -11.42
CA SER E 42 -19.49 -23.55 -12.43
C SER E 42 -18.68 -24.52 -13.27
N ILE E 43 -19.34 -25.14 -14.25
CA ILE E 43 -18.64 -26.00 -15.18
C ILE E 43 -17.51 -25.26 -15.92
N SER E 44 -17.63 -23.94 -16.12
CA SER E 44 -16.54 -23.19 -16.73
C SER E 44 -15.22 -23.26 -15.94
N GLU E 45 -15.30 -23.32 -14.61
CA GLU E 45 -14.12 -23.31 -13.77
C GLU E 45 -13.66 -24.68 -13.29
N THR E 46 -14.58 -25.64 -13.25
CA THR E 46 -14.28 -26.94 -12.67
C THR E 46 -13.88 -28.02 -13.69
N THR E 47 -13.79 -27.61 -14.95
CA THR E 47 -13.29 -28.45 -16.02
C THR E 47 -12.03 -27.83 -16.61
N GLY E 48 -11.33 -28.60 -17.44
CA GLY E 48 -10.12 -28.12 -18.07
C GLY E 48 -9.58 -29.20 -18.98
N PRO E 49 -8.54 -28.89 -19.74
CA PRO E 49 -7.98 -29.83 -20.72
C PRO E 49 -7.25 -31.02 -20.06
N ASN E 50 -7.32 -32.16 -20.77
CA ASN E 50 -6.70 -33.42 -20.40
C ASN E 50 -5.83 -33.68 -21.59
N PHE E 51 -4.55 -33.84 -21.32
CA PHE E 51 -3.52 -33.92 -22.35
C PHE E 51 -3.04 -35.35 -22.57
N SER E 52 -3.86 -36.32 -22.17
CA SER E 52 -3.52 -37.73 -22.33
C SER E 52 -3.07 -38.07 -23.74
N HIS E 53 -3.68 -37.44 -24.75
CA HIS E 53 -3.40 -37.73 -26.16
C HIS E 53 -2.64 -36.63 -26.92
N LEU E 54 -2.00 -35.75 -26.18
CA LEU E 54 -1.02 -34.87 -26.76
C LEU E 54 0.13 -35.78 -27.22
N GLY E 55 0.73 -35.47 -28.35
CA GLY E 55 1.81 -36.30 -28.86
C GLY E 55 3.15 -35.87 -28.32
N PHE E 56 3.71 -36.64 -27.40
CA PHE E 56 5.03 -36.33 -26.84
C PHE E 56 6.13 -37.02 -27.65
N GLY E 57 7.19 -36.28 -27.96
CA GLY E 57 8.41 -36.87 -28.50
C GLY E 57 9.15 -37.72 -27.47
N ALA E 58 9.98 -38.64 -27.97
CA ALA E 58 10.67 -39.59 -27.10
C ALA E 58 11.55 -38.92 -26.04
N HIS E 59 12.09 -37.74 -26.36
CA HIS E 59 13.02 -37.04 -25.46
C HIS E 59 12.44 -35.79 -24.83
N ASP E 60 11.12 -35.61 -24.89
CA ASP E 60 10.50 -34.37 -24.41
C ASP E 60 10.81 -34.10 -22.93
N HIS E 61 11.00 -35.16 -22.16
CA HIS E 61 11.29 -35.08 -20.73
C HIS E 61 12.78 -35.08 -20.40
N ASP E 62 13.63 -35.18 -21.42
CA ASP E 62 15.05 -35.38 -21.24
C ASP E 62 15.84 -34.26 -21.91
N LEU E 63 16.18 -33.25 -21.11
CA LEU E 63 16.86 -32.07 -21.60
C LEU E 63 18.34 -32.33 -21.94
N LEU E 64 18.88 -33.49 -21.58
CA LEU E 64 20.24 -33.84 -21.97
C LEU E 64 20.32 -34.33 -23.41
N LEU E 65 19.18 -34.75 -23.95
CA LEU E 65 19.09 -35.29 -25.32
C LEU E 65 18.18 -34.52 -26.28
N ASN E 66 17.33 -33.61 -25.79
CA ASN E 66 16.29 -33.00 -26.63
C ASN E 66 16.71 -31.74 -27.40
N PHE E 67 17.97 -31.31 -27.23
CA PHE E 67 18.57 -30.23 -28.01
C PHE E 67 19.98 -30.65 -28.43
N ASN E 68 20.05 -31.81 -29.06
CA ASN E 68 21.33 -32.45 -29.37
C ASN E 68 21.87 -31.87 -30.68
N ASN E 69 23.03 -31.21 -30.59
CA ASN E 69 23.69 -30.60 -31.74
C ASN E 69 25.15 -31.02 -31.82
N GLY E 70 25.43 -32.27 -31.45
CA GLY E 70 26.77 -32.83 -31.55
C GLY E 70 27.31 -33.41 -30.25
N GLY E 71 26.63 -33.17 -29.12
CA GLY E 71 27.15 -33.63 -27.85
C GLY E 71 26.23 -33.41 -26.66
N LEU E 72 26.80 -33.66 -25.48
CA LEU E 72 26.07 -33.50 -24.22
C LEU E 72 26.21 -32.07 -23.71
N PRO E 73 25.17 -31.57 -23.03
CA PRO E 73 25.35 -30.27 -22.39
C PRO E 73 26.38 -30.34 -21.26
N ILE E 74 26.99 -29.20 -20.99
CA ILE E 74 27.92 -29.02 -19.89
C ILE E 74 27.11 -28.64 -18.65
N GLY E 75 27.41 -29.28 -17.54
CA GLY E 75 26.75 -28.94 -16.27
C GLY E 75 26.42 -30.15 -15.42
N GLU E 76 25.82 -29.87 -14.27
CA GLU E 76 25.53 -30.89 -13.27
C GLU E 76 24.34 -31.72 -13.70
N ARG E 77 24.59 -32.98 -14.04
CA ARG E 77 23.54 -33.88 -14.52
C ARG E 77 22.64 -34.26 -13.36
N ILE E 78 21.36 -33.99 -13.52
CA ILE E 78 20.36 -34.27 -12.48
C ILE E 78 19.05 -34.81 -13.03
N ILE E 79 18.42 -35.67 -12.25
CA ILE E 79 17.06 -36.05 -12.43
C ILE E 79 16.23 -35.16 -11.50
N VAL E 80 15.15 -34.60 -12.02
CA VAL E 80 14.15 -33.92 -11.22
C VAL E 80 12.84 -34.70 -11.31
N ALA E 81 12.38 -35.23 -10.16
CA ALA E 81 11.22 -36.11 -10.14
C ALA E 81 10.36 -35.81 -8.94
N GLY E 82 9.11 -36.23 -9.00
CA GLY E 82 8.21 -36.01 -7.88
C GLY E 82 6.85 -36.55 -8.16
N ARG E 83 5.93 -36.30 -7.23
CA ARG E 83 4.54 -36.69 -7.37
C ARG E 83 3.68 -35.43 -7.38
N VAL E 84 2.65 -35.43 -8.22
CA VAL E 84 1.60 -34.42 -8.16
C VAL E 84 0.41 -35.05 -7.43
N VAL E 85 0.04 -34.41 -6.32
CA VAL E 85 -1.12 -34.81 -5.53
C VAL E 85 -2.03 -33.59 -5.33
N ASP E 86 -3.27 -33.81 -4.88
CA ASP E 86 -4.11 -32.73 -4.45
C ASP E 86 -4.06 -32.55 -2.92
N GLN E 87 -4.78 -31.57 -2.40
CA GLN E 87 -4.66 -31.25 -0.97
C GLN E 87 -5.19 -32.33 -0.05
N TYR E 88 -6.00 -33.24 -0.59
CA TYR E 88 -6.47 -34.40 0.15
C TYR E 88 -5.50 -35.57 0.08
N GLY E 89 -4.37 -35.37 -0.60
CA GLY E 89 -3.34 -36.38 -0.77
C GLY E 89 -3.56 -37.33 -1.92
N LYS E 90 -4.57 -37.07 -2.75
CA LYS E 90 -4.90 -37.95 -3.86
C LYS E 90 -3.97 -37.67 -5.04
N PRO E 91 -3.41 -38.72 -5.64
CA PRO E 91 -2.55 -38.48 -6.80
C PRO E 91 -3.32 -37.86 -7.96
N VAL E 92 -2.60 -37.12 -8.79
CA VAL E 92 -3.15 -36.47 -9.97
C VAL E 92 -2.50 -37.14 -11.18
N PRO E 93 -3.17 -38.17 -11.72
CA PRO E 93 -2.60 -38.90 -12.85
C PRO E 93 -2.83 -38.22 -14.20
N ASN E 94 -1.96 -38.54 -15.16
CA ASN E 94 -2.15 -38.11 -16.55
C ASN E 94 -2.31 -36.59 -16.65
N THR E 95 -1.51 -35.86 -15.88
CA THR E 95 -1.58 -34.40 -15.90
C THR E 95 -0.29 -33.84 -16.55
N LEU E 96 -0.41 -32.70 -17.21
CA LEU E 96 0.72 -32.12 -17.94
C LEU E 96 1.63 -31.30 -17.01
N VAL E 97 2.90 -31.65 -17.00
CA VAL E 97 3.96 -30.93 -16.28
C VAL E 97 4.96 -30.41 -17.31
N GLU E 98 5.14 -29.10 -17.35
CA GLU E 98 6.05 -28.43 -18.26
C GLU E 98 7.09 -27.71 -17.43
N MET E 99 8.29 -27.63 -17.95
CA MET E 99 9.35 -26.94 -17.25
C MET E 99 10.25 -26.20 -18.22
N TRP E 100 10.84 -25.11 -17.73
CA TRP E 100 11.82 -24.38 -18.48
C TRP E 100 12.87 -23.78 -17.58
N GLN E 101 14.08 -23.62 -18.10
CA GLN E 101 15.20 -23.19 -17.26
C GLN E 101 16.35 -22.64 -18.07
N ALA E 102 17.22 -21.90 -17.39
CA ALA E 102 18.50 -21.49 -17.94
C ALA E 102 19.50 -22.66 -17.97
N ASN E 103 20.63 -22.44 -18.63
CA ASN E 103 21.69 -23.41 -18.67
C ASN E 103 22.58 -23.37 -17.42
N ALA E 104 23.69 -24.10 -17.44
CA ALA E 104 24.55 -24.26 -16.26
C ALA E 104 25.12 -22.93 -15.78
N GLY E 105 25.22 -21.98 -16.70
CA GLY E 105 25.76 -20.67 -16.38
C GLY E 105 24.72 -19.57 -16.17
N GLY E 106 23.44 -19.94 -16.14
CA GLY E 106 22.39 -18.96 -15.90
C GLY E 106 21.94 -18.19 -17.13
N ARG E 107 22.32 -18.68 -18.31
CA ARG E 107 21.86 -18.10 -19.56
C ARG E 107 20.63 -18.84 -20.13
N TYR E 108 19.58 -18.10 -20.49
CA TYR E 108 18.42 -18.65 -21.17
C TYR E 108 18.60 -18.60 -22.68
N ARG E 109 18.08 -19.62 -23.34
CA ARG E 109 17.99 -19.64 -24.79
C ARG E 109 16.71 -18.89 -25.20
N HIS E 110 16.76 -17.56 -25.06
CA HIS E 110 15.65 -16.68 -25.40
C HIS E 110 16.27 -15.39 -25.94
N LYS E 111 15.71 -14.90 -27.04
CA LYS E 111 16.17 -13.67 -27.69
C LYS E 111 16.31 -12.46 -26.78
N ASN E 112 15.49 -12.40 -25.73
CA ASN E 112 15.45 -11.26 -24.82
C ASN E 112 16.43 -11.35 -23.66
N ASP E 113 17.14 -12.49 -23.50
CA ASP E 113 18.14 -12.60 -22.41
C ASP E 113 19.45 -11.88 -22.76
N ARG E 114 19.73 -10.78 -22.05
CA ARG E 114 20.92 -9.95 -22.29
C ARG E 114 22.16 -10.37 -21.49
N TYR E 115 22.05 -11.38 -20.62
CA TYR E 115 23.19 -11.80 -19.79
C TYR E 115 24.24 -12.37 -20.71
N LEU E 116 25.49 -12.00 -20.50
CA LEU E 116 26.51 -12.34 -21.47
C LEU E 116 27.16 -13.72 -21.19
N ALA E 117 26.73 -14.43 -20.14
CA ALA E 117 27.15 -15.82 -19.97
C ALA E 117 26.73 -16.62 -21.23
N PRO E 118 27.62 -17.52 -21.72
CA PRO E 118 27.33 -18.13 -23.02
C PRO E 118 26.20 -19.17 -23.06
N LEU E 119 25.58 -19.28 -24.23
CA LEU E 119 24.73 -20.41 -24.55
C LEU E 119 25.56 -21.68 -24.62
N ASP E 120 24.89 -22.78 -24.36
CA ASP E 120 25.44 -24.12 -24.46
C ASP E 120 24.84 -24.70 -25.74
N PRO E 121 25.67 -25.04 -26.74
CA PRO E 121 25.11 -25.48 -28.02
C PRO E 121 24.27 -26.76 -27.95
N ASN E 122 24.41 -27.52 -26.88
CA ASN E 122 23.67 -28.75 -26.70
C ASN E 122 22.59 -28.70 -25.61
N PHE E 123 22.18 -27.48 -25.25
CA PHE E 123 21.13 -27.29 -24.26
C PHE E 123 20.07 -26.29 -24.71
N GLY E 124 18.82 -26.72 -24.63
CA GLY E 124 17.67 -25.89 -24.99
C GLY E 124 16.96 -25.33 -23.76
N GLY E 125 16.69 -26.18 -22.77
CA GLY E 125 16.09 -25.73 -21.52
C GLY E 125 14.59 -25.90 -21.36
N VAL E 126 13.96 -26.68 -22.24
CA VAL E 126 12.51 -26.94 -22.18
C VAL E 126 12.22 -28.43 -22.07
N GLY E 127 11.30 -28.78 -21.18
CA GLY E 127 10.81 -30.15 -21.09
C GLY E 127 9.33 -30.24 -20.79
N ARG E 128 8.75 -31.40 -21.08
CA ARG E 128 7.39 -31.67 -20.66
C ARG E 128 7.19 -33.16 -20.49
N LEU E 130 3.83 -36.10 -18.96
CA LEU E 130 2.57 -36.41 -18.31
C LEU E 130 2.88 -37.23 -17.07
N THR E 131 2.22 -36.90 -15.96
CA THR E 131 2.32 -37.77 -14.80
C THR E 131 1.75 -39.15 -15.15
N ASP E 132 2.31 -40.17 -14.51
CA ASP E 132 1.85 -41.54 -14.69
C ASP E 132 0.54 -41.79 -13.93
N SER E 133 0.08 -43.05 -13.96
CA SER E 133 -1.18 -43.39 -13.34
C SER E 133 -1.19 -43.23 -11.82
N ASP E 134 -0.01 -43.08 -11.21
CA ASP E 134 0.13 -42.91 -9.77
C ASP E 134 0.57 -41.48 -9.41
N GLY E 135 0.55 -40.58 -10.40
CA GLY E 135 0.90 -39.17 -10.15
C GLY E 135 2.35 -38.76 -10.27
N TYR E 136 3.23 -39.68 -10.67
CA TYR E 136 4.66 -39.39 -10.70
C TYR E 136 5.11 -38.83 -12.04
N TYR E 137 6.05 -37.90 -11.98
CA TYR E 137 6.71 -37.34 -13.16
C TYR E 137 8.25 -37.44 -13.00
N SER E 138 8.95 -37.36 -14.12
CA SER E 138 10.42 -37.37 -14.10
C SER E 138 10.97 -36.61 -15.30
N PHE E 139 11.95 -35.77 -15.03
CA PHE E 139 12.79 -35.12 -16.03
C PHE E 139 14.27 -35.44 -15.77
N ARG E 140 15.07 -35.35 -16.83
CA ARG E 140 16.51 -35.35 -16.71
C ARG E 140 17.03 -34.05 -17.32
N THR E 141 17.95 -33.39 -16.63
CA THR E 141 18.39 -32.08 -17.05
C THR E 141 19.78 -31.77 -16.47
N ILE E 142 20.21 -30.51 -16.63
CA ILE E 142 21.36 -29.95 -15.99
C ILE E 142 20.88 -28.97 -14.92
N LYS E 143 21.60 -28.86 -13.80
CA LYS E 143 21.21 -27.91 -12.76
C LYS E 143 21.46 -26.49 -13.32
N PRO E 144 20.42 -25.64 -13.32
CA PRO E 144 20.61 -24.30 -13.84
C PRO E 144 21.48 -23.45 -12.93
N GLY E 145 22.23 -22.51 -13.48
CA GLY E 145 22.93 -21.51 -12.68
C GLY E 145 22.07 -20.34 -12.24
N PRO E 146 22.48 -19.64 -11.15
CA PRO E 146 21.83 -18.40 -10.79
C PRO E 146 22.00 -17.39 -11.87
N TYR E 147 21.19 -16.36 -11.86
CA TYR E 147 21.52 -15.30 -12.77
C TYR E 147 21.07 -13.93 -12.32
N PRO E 148 21.80 -12.94 -12.78
CA PRO E 148 21.60 -11.59 -12.32
C PRO E 148 20.48 -10.97 -13.10
N TRP E 149 19.78 -10.02 -12.49
CA TRP E 149 18.69 -9.37 -13.15
C TRP E 149 18.52 -7.96 -12.64
N ARG E 150 17.89 -7.14 -13.46
CA ARG E 150 17.77 -5.71 -13.19
C ARG E 150 16.54 -5.39 -12.33
N ASN E 151 16.63 -5.76 -11.06
CA ASN E 151 15.65 -5.41 -10.05
C ASN E 151 16.39 -4.37 -9.20
N GLY E 152 16.88 -4.74 -8.03
CA GLY E 152 17.88 -3.94 -7.33
C GLY E 152 19.23 -3.93 -8.05
N PRO E 153 20.20 -3.16 -7.56
CA PRO E 153 21.48 -3.03 -8.27
C PRO E 153 22.42 -4.27 -8.22
N ASN E 154 22.11 -5.23 -7.36
CA ASN E 154 22.92 -6.47 -7.26
C ASN E 154 22.02 -7.63 -6.84
N ASP E 155 20.97 -7.86 -7.60
CA ASP E 155 20.02 -8.96 -7.38
C ASP E 155 20.35 -10.14 -8.29
N TRP E 156 20.22 -11.32 -7.70
CA TRP E 156 20.51 -12.58 -8.37
C TRP E 156 19.42 -13.59 -8.04
N ARG E 157 18.84 -14.20 -9.07
CA ARG E 157 17.87 -15.28 -8.85
C ARG E 157 18.67 -16.47 -8.38
N PRO E 158 18.16 -17.17 -7.35
CA PRO E 158 18.73 -18.48 -7.05
C PRO E 158 18.57 -19.39 -8.26
N ALA E 159 19.37 -20.46 -8.32
CA ALA E 159 19.15 -21.49 -9.32
C ALA E 159 17.68 -21.94 -9.27
N HIS E 160 17.03 -22.01 -10.41
CA HIS E 160 15.61 -22.39 -10.39
C HIS E 160 15.14 -22.95 -11.71
N ILE E 161 14.11 -23.79 -11.61
CA ILE E 161 13.40 -24.33 -12.76
C ILE E 161 11.94 -23.88 -12.70
N HIS E 162 11.46 -23.33 -13.79
CA HIS E 162 10.07 -22.90 -13.87
C HIS E 162 9.22 -24.13 -14.16
N PHE E 163 8.07 -24.24 -13.50
CA PHE E 163 7.13 -25.35 -13.68
C PHE E 163 5.74 -24.84 -13.99
N GLY E 164 5.06 -25.52 -14.92
CA GLY E 164 3.65 -25.35 -15.09
C GLY E 164 2.98 -26.69 -14.96
N ILE E 165 1.86 -26.73 -14.25
CA ILE E 165 1.10 -27.95 -14.01
C ILE E 165 -0.38 -27.71 -14.29
N SER E 166 -0.97 -28.55 -15.15
CA SER E 166 -2.34 -28.31 -15.58
C SER E 166 -3.35 -28.71 -14.51
N GLY E 167 -3.27 -29.94 -14.03
CA GLY E 167 -4.25 -30.44 -13.10
C GLY E 167 -5.58 -30.73 -13.77
N PRO E 168 -6.58 -31.14 -12.97
CA PRO E 168 -7.87 -31.56 -13.55
C PRO E 168 -8.76 -30.45 -14.09
N SER E 169 -8.49 -29.19 -13.75
CA SER E 169 -9.34 -28.10 -14.23
C SER E 169 -8.57 -26.81 -14.38
N ILE E 170 -9.18 -25.82 -15.06
CA ILE E 170 -8.52 -24.51 -15.09
C ILE E 170 -8.41 -23.91 -13.70
N ALA E 171 -9.25 -24.33 -12.75
CA ALA E 171 -9.11 -23.87 -11.37
C ALA E 171 -7.84 -24.36 -10.67
N THR E 172 -7.28 -25.48 -11.13
CA THR E 172 -6.08 -26.08 -10.49
C THR E 172 -4.77 -25.66 -11.17
N LYS E 173 -4.84 -25.12 -12.38
CA LYS E 173 -3.64 -24.79 -13.11
C LYS E 173 -2.74 -23.88 -12.29
N LEU E 174 -1.44 -24.17 -12.34
CA LEU E 174 -0.47 -23.49 -11.50
C LEU E 174 0.83 -23.29 -12.27
N ILE E 175 1.42 -22.12 -12.14
CA ILE E 175 2.81 -21.88 -12.53
C ILE E 175 3.58 -21.55 -11.26
N THR E 176 4.73 -22.18 -11.11
CA THR E 176 5.55 -21.99 -9.92
C THR E 176 7.02 -22.10 -10.27
N GLN E 177 7.89 -22.05 -9.28
CA GLN E 177 9.31 -22.26 -9.50
C GLN E 177 9.85 -23.22 -8.46
N LEU E 178 10.76 -24.07 -8.90
CA LEU E 178 11.54 -24.96 -8.06
C LEU E 178 12.90 -24.31 -7.74
N TYR E 179 13.28 -24.36 -6.47
CA TYR E 179 14.59 -23.94 -5.99
C TYR E 179 15.31 -25.18 -5.42
N PHE E 180 16.59 -25.05 -5.15
CA PHE E 180 17.44 -26.18 -4.75
C PHE E 180 17.91 -26.11 -3.31
N GLU E 181 17.75 -27.24 -2.59
CA GLU E 181 18.14 -27.36 -1.19
C GLU E 181 19.48 -26.69 -0.88
N GLY E 182 19.45 -25.78 0.10
CA GLY E 182 20.66 -25.15 0.63
C GLY E 182 21.17 -23.92 -0.09
N ASP E 183 20.54 -23.53 -1.19
CA ASP E 183 21.04 -22.39 -1.98
C ASP E 183 20.97 -21.11 -1.16
N PRO E 184 22.14 -20.47 -0.89
CA PRO E 184 22.14 -19.29 -0.04
C PRO E 184 21.47 -18.09 -0.68
N LEU E 185 21.23 -18.14 -1.98
CA LEU E 185 20.49 -17.04 -2.63
C LEU E 185 19.00 -17.01 -2.31
N ILE E 186 18.43 -18.13 -1.89
CA ILE E 186 16.98 -18.21 -1.73
C ILE E 186 16.41 -17.13 -0.81
N PRO E 187 16.95 -16.97 0.41
CA PRO E 187 16.34 -15.97 1.31
C PRO E 187 16.56 -14.50 0.90
N MET E 188 17.42 -14.28 -0.08
CA MET E 188 17.73 -12.91 -0.54
C MET E 188 16.90 -12.47 -1.74
N CYS E 189 16.13 -13.38 -2.35
CA CYS E 189 15.48 -13.12 -3.63
C CYS E 189 14.11 -12.46 -3.41
N PRO E 190 13.89 -11.27 -3.98
CA PRO E 190 12.58 -10.63 -3.89
C PRO E 190 11.41 -11.36 -4.58
N ILE E 191 11.70 -12.26 -5.53
CA ILE E 191 10.65 -13.07 -6.11
C ILE E 191 10.28 -14.22 -5.16
N VAL E 192 11.26 -14.91 -4.62
CA VAL E 192 11.00 -15.85 -3.53
C VAL E 192 10.16 -15.18 -2.45
N LYS E 193 10.61 -13.99 -2.04
CA LYS E 193 9.99 -13.30 -0.91
C LYS E 193 8.67 -12.59 -1.24
N SER E 194 8.18 -12.73 -2.49
CA SER E 194 6.80 -12.35 -2.78
C SER E 194 5.83 -13.25 -2.01
N ILE E 195 6.30 -14.46 -1.65
CA ILE E 195 5.57 -15.34 -0.73
C ILE E 195 5.91 -14.86 0.70
N ALA E 196 4.87 -14.40 1.44
CA ALA E 196 5.06 -13.79 2.75
C ALA E 196 5.41 -14.81 3.85
N ASN E 197 4.87 -16.02 3.73
CA ASN E 197 5.02 -17.06 4.76
C ASN E 197 6.25 -17.95 4.45
N PRO E 198 7.31 -17.90 5.28
CA PRO E 198 8.47 -18.78 5.03
C PRO E 198 8.16 -20.26 4.89
N GLU E 199 7.13 -20.76 5.56
CA GLU E 199 6.72 -22.16 5.44
C GLU E 199 6.25 -22.49 4.03
N ALA E 200 5.67 -21.49 3.35
CA ALA E 200 5.22 -21.68 1.97
C ALA E 200 6.42 -21.75 1.04
N VAL E 201 7.43 -20.92 1.29
CA VAL E 201 8.66 -20.95 0.50
C VAL E 201 9.32 -22.34 0.59
N GLN E 202 9.27 -22.94 1.76
CA GLN E 202 9.89 -24.24 1.94
C GLN E 202 9.30 -25.29 0.99
N GLN E 203 8.03 -25.14 0.61
CA GLN E 203 7.36 -26.06 -0.29
C GLN E 203 7.91 -25.97 -1.74
N LEU E 204 8.65 -24.91 -2.04
CA LEU E 204 9.27 -24.77 -3.36
C LEU E 204 10.71 -25.25 -3.43
N ILE E 205 11.24 -25.77 -2.33
CA ILE E 205 12.64 -26.15 -2.26
C ILE E 205 12.74 -27.66 -2.49
N ALA E 206 13.33 -28.02 -3.63
CA ALA E 206 13.57 -29.43 -3.94
C ALA E 206 14.70 -29.99 -3.09
N LYS E 207 14.50 -31.22 -2.60
CA LYS E 207 15.49 -31.86 -1.76
C LYS E 207 16.37 -32.82 -2.56
N LEU E 208 17.65 -32.84 -2.24
CA LEU E 208 18.57 -33.82 -2.80
C LEU E 208 18.04 -35.22 -2.48
N ASP E 209 18.01 -36.07 -3.50
CA ASP E 209 17.35 -37.39 -3.43
C ASP E 209 18.35 -38.47 -3.89
N MET E 210 19.23 -38.88 -2.99
CA MET E 210 20.32 -39.79 -3.38
C MET E 210 19.80 -41.15 -3.84
N ASN E 211 18.66 -41.54 -3.31
CA ASN E 211 18.02 -42.82 -3.66
C ASN E 211 17.61 -42.93 -5.13
N ASN E 212 17.37 -41.78 -5.76
CA ASN E 212 16.98 -41.70 -7.17
C ASN E 212 18.15 -41.39 -8.10
N ALA E 213 19.33 -41.17 -7.54
CA ALA E 213 20.51 -40.92 -8.32
C ALA E 213 20.95 -42.16 -9.07
N ASN E 214 21.56 -41.94 -10.23
CA ASN E 214 22.25 -43.01 -10.95
C ASN E 214 23.74 -42.91 -10.67
N PRO E 215 24.29 -43.88 -9.92
CA PRO E 215 25.71 -43.78 -9.59
C PRO E 215 26.60 -43.61 -10.82
N MET E 216 27.64 -42.82 -10.66
CA MET E 216 28.63 -42.56 -11.69
C MET E 216 28.00 -41.88 -12.89
N ASP E 217 26.87 -41.20 -12.69
CA ASP E 217 26.10 -40.65 -13.84
C ASP E 217 25.43 -39.35 -13.48
N CYS E 218 24.38 -39.40 -12.66
CA CYS E 218 23.63 -38.19 -12.37
C CYS E 218 23.06 -38.20 -10.95
N LEU E 219 22.98 -37.02 -10.35
CA LEU E 219 22.30 -36.86 -9.06
C LEU E 219 20.78 -36.71 -9.30
N ALA E 220 20.01 -36.50 -8.24
CA ALA E 220 18.57 -36.38 -8.33
C ALA E 220 18.04 -35.48 -7.23
N TYR E 221 16.97 -34.78 -7.58
CA TYR E 221 16.21 -33.91 -6.68
C TYR E 221 14.73 -34.32 -6.71
N ARG E 222 14.05 -34.15 -5.58
CA ARG E 222 12.65 -34.49 -5.47
C ARG E 222 11.85 -33.21 -5.25
N PHE E 223 10.80 -33.04 -6.04
CA PHE E 223 9.90 -31.88 -5.98
C PHE E 223 8.47 -32.36 -6.13
N ASP E 224 7.77 -32.48 -5.01
CA ASP E 224 6.37 -32.84 -5.01
C ASP E 224 5.54 -31.57 -5.14
N ILE E 225 4.44 -31.69 -5.85
CA ILE E 225 3.54 -30.59 -6.15
C ILE E 225 2.15 -30.90 -5.58
N VAL E 226 1.55 -29.93 -4.89
CA VAL E 226 0.23 -30.06 -4.33
C VAL E 226 -0.73 -29.07 -5.00
N LEU E 227 -1.71 -29.61 -5.72
CA LEU E 227 -2.78 -28.82 -6.34
C LEU E 227 -4.01 -28.75 -5.42
N ARG E 228 -4.92 -27.84 -5.73
CA ARG E 228 -6.14 -27.66 -4.97
C ARG E 228 -6.90 -28.95 -4.77
N GLY E 229 -7.37 -29.16 -3.56
CA GLY E 229 -8.14 -30.36 -3.27
C GLY E 229 -9.40 -30.42 -4.09
N GLN E 230 -9.70 -31.62 -4.59
CA GLN E 230 -10.90 -31.88 -5.37
C GLN E 230 -11.88 -32.75 -4.58
N ARG E 231 -13.12 -32.30 -4.48
CA ARG E 231 -14.18 -33.11 -3.85
C ARG E 231 -15.44 -33.17 -4.72
N LYS E 232 -16.27 -34.18 -4.48
CA LYS E 232 -17.56 -34.26 -5.10
C LYS E 232 -18.45 -33.14 -4.55
N THR E 233 -19.31 -32.60 -5.41
CA THR E 233 -20.39 -31.74 -4.95
C THR E 233 -21.28 -32.48 -3.95
N HIS E 234 -21.84 -31.76 -2.98
CA HIS E 234 -22.83 -32.32 -2.10
C HIS E 234 -23.86 -31.29 -1.66
N PHE E 235 -25.09 -31.76 -1.45
CA PHE E 235 -26.19 -30.95 -0.94
C PHE E 235 -26.38 -29.61 -1.69
N GLU E 236 -26.18 -29.60 -3.01
CA GLU E 236 -26.35 -28.37 -3.78
C GLU E 236 -27.73 -28.31 -4.45
N ASN E 237 -28.28 -27.10 -4.54
CA ASN E 237 -29.61 -26.86 -5.13
C ASN E 237 -30.73 -27.54 -4.37
N CYS E 238 -30.57 -27.65 -3.07
CA CYS E 238 -31.58 -28.23 -2.18
C CYS E 238 -31.42 -27.70 -0.76
N PRO F 1 -26.10 25.10 26.39
CA PRO F 1 -25.32 24.98 27.61
C PRO F 1 -24.59 23.66 27.82
N ALA F 2 -24.23 22.94 26.75
CA ALA F 2 -23.18 21.93 26.87
C ALA F 2 -21.89 22.73 27.05
N GLN F 3 -21.02 22.31 27.98
CA GLN F 3 -19.77 23.03 28.28
C GLN F 3 -18.57 22.17 27.92
N ASP F 4 -17.52 22.83 27.44
CA ASP F 4 -16.20 22.22 27.26
C ASP F 4 -15.49 22.17 28.61
N ASN F 5 -15.52 21.02 29.25
CA ASN F 5 -14.89 20.89 30.56
C ASN F 5 -14.03 19.64 30.71
N SER F 6 -13.63 19.04 29.59
CA SER F 6 -12.81 17.85 29.63
C SER F 6 -12.10 17.61 28.31
N ARG F 7 -11.12 16.71 28.38
CA ARG F 7 -10.34 16.27 27.24
C ARG F 7 -10.39 14.76 27.20
N PHE F 8 -10.27 14.22 25.99
CA PHE F 8 -10.35 12.80 25.75
C PHE F 8 -9.01 12.30 25.23
N VAL F 9 -8.48 11.26 25.86
CA VAL F 9 -7.19 10.67 25.51
C VAL F 9 -7.17 10.33 24.03
N ILE F 10 -6.08 10.69 23.35
CA ILE F 10 -5.98 10.50 21.90
C ILE F 10 -6.07 9.03 21.52
N ARG F 11 -6.78 8.76 20.44
CA ARG F 11 -6.96 7.36 20.01
C ARG F 11 -5.65 6.74 19.54
N ASP F 12 -5.49 5.45 19.80
CA ASP F 12 -4.37 4.70 19.24
C ASP F 12 -4.84 4.07 17.94
N ARG F 13 -4.47 4.69 16.82
CA ARG F 13 -4.95 4.23 15.53
C ARG F 13 -4.13 3.06 14.96
N ASN F 14 -3.22 2.52 15.77
CA ASN F 14 -2.66 1.22 15.50
C ASN F 14 -3.28 0.10 16.33
N TRP F 15 -4.17 0.45 17.25
CA TRP F 15 -4.92 -0.50 18.04
C TRP F 15 -6.25 -0.76 17.35
N HIS F 16 -6.95 0.32 17.02
CA HIS F 16 -8.05 0.26 16.10
C HIS F 16 -7.58 -0.28 14.76
N PRO F 17 -8.52 -0.80 13.97
CA PRO F 17 -8.18 -1.19 12.60
C PRO F 17 -7.81 0.04 11.78
N LYS F 18 -6.81 -0.10 10.90
CA LYS F 18 -6.53 0.91 9.91
C LYS F 18 -7.66 0.95 8.87
N ALA F 19 -7.72 2.04 8.11
CA ALA F 19 -8.73 2.14 7.07
C ALA F 19 -8.52 1.18 5.92
N LEU F 20 -7.29 1.12 5.41
CA LEU F 20 -6.99 0.24 4.28
C LEU F 20 -6.51 -1.14 4.76
N THR F 21 -7.41 -2.12 4.62
CA THR F 21 -7.16 -3.51 5.04
C THR F 21 -7.64 -4.42 3.91
N PRO F 22 -6.81 -4.58 2.87
CA PRO F 22 -7.34 -5.11 1.59
C PRO F 22 -7.97 -6.49 1.58
N ASP F 23 -7.65 -7.35 2.54
CA ASP F 23 -8.34 -8.66 2.60
C ASP F 23 -9.84 -8.50 2.88
N TYR F 24 -10.20 -7.40 3.54
CA TYR F 24 -11.57 -6.95 3.62
C TYR F 24 -11.82 -6.06 2.39
N LYS F 25 -12.38 -6.65 1.35
CA LYS F 25 -12.28 -6.09 0.00
C LYS F 25 -12.94 -4.72 -0.12
N THR F 26 -14.09 -4.54 0.50
CA THR F 26 -14.82 -3.26 0.41
C THR F 26 -14.02 -2.08 1.02
N SER F 27 -13.08 -2.37 1.90
CA SER F 27 -12.25 -1.31 2.49
C SER F 27 -11.32 -0.66 1.46
N ILE F 28 -11.01 -1.35 0.36
CA ILE F 28 -10.02 -0.83 -0.57
C ILE F 28 -10.48 0.52 -1.19
N ALA F 29 -11.72 0.57 -1.70
CA ALA F 29 -12.26 1.79 -2.29
C ALA F 29 -12.92 2.75 -1.30
N ARG F 30 -13.02 2.36 -0.02
CA ARG F 30 -13.71 3.18 0.97
C ARG F 30 -12.80 3.64 2.10
N SER F 31 -11.50 3.69 1.81
CA SER F 31 -10.47 4.14 2.74
C SER F 31 -9.82 5.39 2.17
N PRO F 32 -9.58 6.41 3.01
CA PRO F 32 -8.88 7.60 2.49
C PRO F 32 -7.48 7.23 1.99
N ARG F 33 -6.95 8.03 1.08
CA ARG F 33 -5.54 7.96 0.73
C ARG F 33 -4.74 9.18 1.17
N GLN F 34 -5.39 10.20 1.73
CA GLN F 34 -4.66 11.29 2.37
C GLN F 34 -4.66 11.05 3.87
N ALA F 35 -3.65 11.54 4.55
CA ALA F 35 -3.59 11.45 6.00
C ALA F 35 -4.73 12.21 6.62
N LEU F 36 -5.22 11.71 7.75
CA LEU F 36 -6.11 12.49 8.59
C LEU F 36 -5.40 13.77 9.07
N VAL F 37 -6.17 14.84 9.21
CA VAL F 37 -5.67 16.10 9.71
C VAL F 37 -5.97 16.20 11.21
N SER F 38 -4.91 16.27 12.02
CA SER F 38 -5.08 16.37 13.47
C SER F 38 -5.50 17.76 13.87
N ILE F 39 -6.50 17.85 14.75
CA ILE F 39 -6.95 19.16 15.28
C ILE F 39 -7.10 19.07 16.79
N PRO F 40 -6.90 20.19 17.49
CA PRO F 40 -7.07 20.18 18.93
C PRO F 40 -8.55 20.02 19.29
N GLN F 41 -8.80 19.54 20.48
CA GLN F 41 -10.17 19.42 20.92
C GLN F 41 -10.76 20.80 21.25
N SER F 42 -11.99 21.01 20.83
CA SER F 42 -12.79 22.18 21.20
C SER F 42 -14.12 21.70 21.72
N ILE F 43 -14.97 22.63 22.14
CA ILE F 43 -16.32 22.29 22.57
C ILE F 43 -17.08 21.47 21.51
N SER F 44 -16.79 21.65 20.22
CA SER F 44 -17.44 20.87 19.17
C SER F 44 -17.19 19.35 19.33
N GLU F 45 -15.98 19.01 19.74
CA GLU F 45 -15.55 17.60 19.85
C GLU F 45 -15.76 17.02 21.24
N THR F 46 -15.76 17.85 22.27
CA THR F 46 -15.73 17.34 23.66
C THR F 46 -17.12 17.27 24.29
N THR F 47 -18.13 17.62 23.51
CA THR F 47 -19.53 17.49 23.88
C THR F 47 -20.23 16.49 22.96
N GLY F 48 -21.44 16.12 23.35
CA GLY F 48 -22.22 15.19 22.56
C GLY F 48 -23.57 14.96 23.23
N PRO F 49 -24.45 14.25 22.53
CA PRO F 49 -25.81 14.05 23.01
C PRO F 49 -25.87 13.20 24.25
N ASN F 50 -26.75 13.56 25.19
CA ASN F 50 -27.12 12.70 26.28
C ASN F 50 -28.54 12.22 26.05
N PHE F 51 -28.73 10.91 26.18
CA PHE F 51 -29.97 10.27 25.80
C PHE F 51 -30.84 9.87 27.00
N SER F 52 -30.57 10.48 28.14
CA SER F 52 -31.33 10.19 29.37
C SER F 52 -32.84 10.30 29.20
N HIS F 53 -33.30 11.22 28.35
CA HIS F 53 -34.74 11.44 28.16
C HIS F 53 -35.25 11.02 26.78
N LEU F 54 -34.53 10.11 26.13
CA LEU F 54 -35.08 9.35 25.03
C LEU F 54 -36.10 8.39 25.65
N GLY F 55 -37.21 8.17 24.96
CA GLY F 55 -38.30 7.37 25.53
C GLY F 55 -38.14 5.93 25.13
N PHE F 56 -37.66 5.12 26.06
CA PHE F 56 -37.42 3.69 25.81
C PHE F 56 -38.68 2.88 26.08
N GLY F 57 -39.07 2.01 25.15
CA GLY F 57 -40.12 1.02 25.40
C GLY F 57 -39.69 -0.04 26.42
N ALA F 58 -40.69 -0.67 27.04
CA ALA F 58 -40.43 -1.68 28.08
C ALA F 58 -39.54 -2.82 27.65
N HIS F 59 -39.61 -3.20 26.36
CA HIS F 59 -38.89 -4.36 25.87
C HIS F 59 -37.75 -3.96 24.92
N ASP F 60 -37.31 -2.70 24.93
CA ASP F 60 -36.31 -2.28 23.96
C ASP F 60 -35.00 -3.04 24.08
N HIS F 61 -34.71 -3.55 25.28
CA HIS F 61 -33.49 -4.27 25.57
C HIS F 61 -33.69 -5.78 25.50
N ASP F 62 -34.92 -6.22 25.20
CA ASP F 62 -35.24 -7.65 25.24
C ASP F 62 -35.71 -8.15 23.87
N LEU F 63 -34.78 -8.71 23.12
CA LEU F 63 -35.03 -9.17 21.75
C LEU F 63 -35.88 -10.45 21.71
N LEU F 64 -36.08 -11.09 22.86
CA LEU F 64 -37.01 -12.23 22.92
C LEU F 64 -38.48 -11.81 22.96
N LEU F 65 -38.74 -10.55 23.32
CA LEU F 65 -40.08 -10.01 23.46
C LEU F 65 -40.40 -8.82 22.57
N ASN F 66 -39.39 -8.17 21.97
CA ASN F 66 -39.62 -6.92 21.25
C ASN F 66 -40.05 -7.01 19.77
N PHE F 67 -40.16 -8.25 19.27
CA PHE F 67 -40.68 -8.55 17.95
C PHE F 67 -41.65 -9.74 18.06
N ASN F 68 -42.60 -9.64 18.99
CA ASN F 68 -43.51 -10.73 19.32
C ASN F 68 -44.65 -10.80 18.30
N ASN F 69 -44.66 -11.85 17.49
CA ASN F 69 -45.71 -12.11 16.50
C ASN F 69 -46.41 -13.47 16.69
N GLY F 70 -46.53 -13.89 17.94
CA GLY F 70 -47.24 -15.11 18.28
C GLY F 70 -46.46 -16.10 19.12
N GLY F 71 -45.16 -15.84 19.31
CA GLY F 71 -44.36 -16.71 20.15
C GLY F 71 -42.91 -16.29 20.34
N LEU F 72 -42.13 -17.21 20.87
CA LEU F 72 -40.71 -16.93 21.18
C LEU F 72 -39.84 -17.21 19.96
N PRO F 73 -38.74 -16.47 19.81
CA PRO F 73 -37.80 -16.83 18.74
C PRO F 73 -37.12 -18.17 19.02
N ILE F 74 -36.73 -18.81 17.93
CA ILE F 74 -35.99 -20.06 17.97
C ILE F 74 -34.50 -19.73 18.10
N GLY F 75 -33.81 -20.41 19.01
CA GLY F 75 -32.38 -20.18 19.17
C GLY F 75 -31.92 -20.19 20.61
N GLU F 76 -30.61 -20.01 20.77
CA GLU F 76 -29.94 -20.11 22.07
C GLU F 76 -30.23 -18.86 22.88
N ARG F 77 -31.06 -18.99 23.91
CA ARG F 77 -31.41 -17.87 24.77
C ARG F 77 -30.19 -17.41 25.57
N ILE F 78 -29.85 -16.13 25.45
CA ILE F 78 -28.70 -15.59 26.16
C ILE F 78 -28.97 -14.18 26.65
N ILE F 79 -28.35 -13.89 27.79
CA ILE F 79 -28.19 -12.51 28.27
C ILE F 79 -26.82 -12.02 27.82
N VAL F 80 -26.76 -10.79 27.31
CA VAL F 80 -25.50 -10.15 26.96
C VAL F 80 -25.43 -8.89 27.83
N ALA F 81 -24.45 -8.84 28.71
CA ALA F 81 -24.35 -7.81 29.74
C ALA F 81 -22.90 -7.41 29.95
N GLY F 82 -22.71 -6.22 30.48
CA GLY F 82 -21.37 -5.74 30.73
C GLY F 82 -21.39 -4.34 31.29
N ARG F 83 -20.20 -3.78 31.42
CA ARG F 83 -20.02 -2.46 31.98
C ARG F 83 -19.34 -1.61 30.93
N VAL F 84 -19.77 -0.35 30.80
CA VAL F 84 -19.07 0.62 29.96
C VAL F 84 -18.23 1.49 30.91
N VAL F 85 -16.92 1.51 30.67
CA VAL F 85 -15.98 2.34 31.43
C VAL F 85 -15.13 3.12 30.46
N ASP F 86 -14.41 4.12 30.96
CA ASP F 86 -13.38 4.78 30.16
C ASP F 86 -12.00 4.22 30.46
N GLN F 87 -10.97 4.70 29.76
CA GLN F 87 -9.64 4.13 29.91
C GLN F 87 -9.02 4.30 31.30
N TYR F 88 -9.57 5.22 32.09
CA TYR F 88 -9.11 5.41 33.48
C TYR F 88 -9.86 4.46 34.44
N GLY F 89 -10.75 3.66 33.89
CA GLY F 89 -11.54 2.70 34.68
C GLY F 89 -12.81 3.30 35.28
N LYS F 90 -13.14 4.55 34.90
CA LYS F 90 -14.35 5.18 35.43
C LYS F 90 -15.61 4.72 34.72
N PRO F 91 -16.66 4.37 35.47
CA PRO F 91 -17.90 3.99 34.77
C PRO F 91 -18.48 5.14 33.92
N VAL F 92 -19.16 4.75 32.85
CA VAL F 92 -19.83 5.70 31.95
C VAL F 92 -21.34 5.50 32.10
N PRO F 93 -21.96 6.26 33.03
CA PRO F 93 -23.36 6.09 33.32
C PRO F 93 -24.28 6.77 32.31
N ASN F 94 -25.52 6.30 32.22
CA ASN F 94 -26.57 6.94 31.42
C ASN F 94 -26.12 7.14 29.97
N THR F 95 -25.44 6.16 29.41
CA THR F 95 -24.97 6.25 28.04
C THR F 95 -25.75 5.28 27.16
N LEU F 96 -25.91 5.65 25.89
CA LEU F 96 -26.72 4.85 24.96
C LEU F 96 -25.93 3.71 24.35
N VAL F 97 -26.47 2.50 24.49
CA VAL F 97 -25.90 1.30 23.90
C VAL F 97 -26.95 0.72 22.97
N GLU F 98 -26.60 0.61 21.68
CA GLU F 98 -27.48 0.06 20.67
C GLU F 98 -26.85 -1.18 20.10
N MET F 99 -27.68 -2.14 19.72
CA MET F 99 -27.15 -3.38 19.16
C MET F 99 -28.06 -3.92 18.06
N TRP F 100 -27.44 -4.61 17.12
CA TRP F 100 -28.17 -5.28 16.07
C TRP F 100 -27.48 -6.55 15.63
N GLN F 101 -28.28 -7.52 15.21
CA GLN F 101 -27.75 -8.84 14.90
C GLN F 101 -28.66 -9.63 14.00
N ALA F 102 -28.10 -10.70 13.43
CA ALA F 102 -28.87 -11.68 12.68
C ALA F 102 -29.60 -12.63 13.64
N ASN F 103 -30.46 -13.46 13.08
CA ASN F 103 -31.15 -14.46 13.85
C ASN F 103 -30.31 -15.72 14.06
N ALA F 104 -30.90 -16.77 14.64
CA ALA F 104 -30.13 -17.96 14.99
C ALA F 104 -29.46 -18.65 13.81
N GLY F 105 -30.00 -18.40 12.63
CA GLY F 105 -29.49 -19.00 11.40
C GLY F 105 -28.60 -18.09 10.58
N GLY F 106 -28.28 -16.91 11.08
CA GLY F 106 -27.39 -16.00 10.35
C GLY F 106 -28.13 -15.09 9.37
N ARG F 107 -29.46 -15.02 9.45
CA ARG F 107 -30.29 -14.20 8.57
C ARG F 107 -30.64 -12.89 9.23
N TYR F 108 -30.38 -11.77 8.53
CA TYR F 108 -30.78 -10.46 9.01
C TYR F 108 -32.13 -10.09 8.48
N ARG F 109 -32.90 -9.38 9.29
CA ARG F 109 -34.19 -8.85 8.90
C ARG F 109 -33.95 -7.50 8.26
N HIS F 110 -33.43 -7.54 7.04
CA HIS F 110 -33.09 -6.36 6.26
C HIS F 110 -33.32 -6.72 4.79
N LYS F 111 -33.91 -5.80 4.03
CA LYS F 111 -34.31 -6.11 2.66
C LYS F 111 -33.13 -6.52 1.75
N ASN F 112 -31.93 -6.05 2.06
CA ASN F 112 -30.72 -6.32 1.26
C ASN F 112 -30.05 -7.66 1.57
N ASP F 113 -30.51 -8.39 2.60
CA ASP F 113 -29.89 -9.67 2.92
C ASP F 113 -30.49 -10.78 2.08
N ARG F 114 -29.70 -11.28 1.12
CA ARG F 114 -30.15 -12.33 0.22
C ARG F 114 -29.68 -13.74 0.61
N TYR F 115 -29.18 -13.92 1.84
CA TYR F 115 -28.86 -15.27 2.33
C TYR F 115 -30.15 -16.03 2.48
N LEU F 116 -30.18 -17.29 2.06
CA LEU F 116 -31.46 -18.01 1.99
C LEU F 116 -31.87 -18.75 3.28
N ALA F 117 -31.10 -18.63 4.36
CA ALA F 117 -31.57 -19.07 5.69
C ALA F 117 -32.80 -18.25 6.07
N PRO F 118 -33.82 -18.92 6.63
CA PRO F 118 -35.08 -18.21 6.84
C PRO F 118 -35.10 -17.18 7.95
N LEU F 119 -35.97 -16.18 7.77
CA LEU F 119 -36.33 -15.30 8.85
C LEU F 119 -37.06 -16.08 9.94
N ASP F 120 -36.99 -15.56 11.15
CA ASP F 120 -37.70 -16.05 12.31
C ASP F 120 -38.84 -15.05 12.56
N PRO F 121 -40.10 -15.51 12.48
CA PRO F 121 -41.22 -14.57 12.60
C PRO F 121 -41.33 -13.85 13.94
N ASN F 122 -40.67 -14.37 14.97
CA ASN F 122 -40.66 -13.77 16.29
C ASN F 122 -39.34 -13.09 16.66
N PHE F 123 -38.49 -12.81 15.66
CA PHE F 123 -37.21 -12.15 15.92
C PHE F 123 -36.94 -11.00 14.97
N GLY F 124 -36.60 -9.85 15.55
CA GLY F 124 -36.31 -8.65 14.79
C GLY F 124 -34.82 -8.38 14.71
N GLY F 125 -34.14 -8.39 15.84
CA GLY F 125 -32.67 -8.23 15.85
C GLY F 125 -32.13 -6.88 16.26
N VAL F 126 -32.96 -6.01 16.83
CA VAL F 126 -32.51 -4.72 17.32
C VAL F 126 -32.81 -4.53 18.80
N GLY F 127 -31.85 -3.95 19.51
CA GLY F 127 -32.02 -3.57 20.89
C GLY F 127 -31.35 -2.25 21.24
N ARG F 128 -31.83 -1.63 22.31
CA ARG F 128 -31.14 -0.48 22.87
C ARG F 128 -31.38 -0.41 24.36
N LEU F 130 -29.94 2.19 28.06
CA LEU F 130 -29.07 3.15 28.67
C LEU F 130 -28.34 2.44 29.79
N THR F 131 -27.03 2.68 29.91
CA THR F 131 -26.31 2.17 31.05
C THR F 131 -26.88 2.78 32.33
N ASP F 132 -26.82 2.02 33.40
CA ASP F 132 -27.27 2.49 34.69
C ASP F 132 -26.26 3.43 35.34
N SER F 133 -26.57 3.88 36.56
CA SER F 133 -25.70 4.82 37.25
C SER F 133 -24.28 4.30 37.54
N ASP F 134 -24.07 2.97 37.44
CA ASP F 134 -22.79 2.34 37.70
C ASP F 134 -22.11 1.88 36.39
N GLY F 135 -22.70 2.26 35.25
CA GLY F 135 -22.12 1.91 33.93
C GLY F 135 -22.58 0.59 33.32
N TYR F 136 -23.50 -0.11 33.97
CA TYR F 136 -23.91 -1.43 33.51
C TYR F 136 -25.06 -1.41 32.50
N TYR F 137 -24.98 -2.31 31.52
CA TYR F 137 -26.06 -2.54 30.56
C TYR F 137 -26.37 -4.05 30.51
N SER F 138 -27.57 -4.38 30.04
N SER F 138 -27.57 -4.36 30.01
CA SER F 138 -27.91 -5.77 29.78
CA SER F 138 -28.03 -5.74 29.85
C SER F 138 -29.00 -5.90 28.72
C SER F 138 -29.01 -5.86 28.69
N PHE F 139 -28.80 -6.87 27.84
CA PHE F 139 -29.76 -7.25 26.81
C PHE F 139 -30.12 -8.73 27.01
N ARG F 140 -31.29 -9.13 26.52
CA ARG F 140 -31.60 -10.55 26.37
C ARG F 140 -31.91 -10.80 24.89
N THR F 141 -31.36 -11.87 24.33
CA THR F 141 -31.46 -12.13 22.91
C THR F 141 -31.28 -13.62 22.63
N ILE F 142 -31.18 -13.98 21.34
CA ILE F 142 -30.72 -15.30 20.98
C ILE F 142 -29.35 -15.17 20.32
N LYS F 143 -28.53 -16.19 20.47
CA LYS F 143 -27.19 -16.16 19.90
C LYS F 143 -27.30 -16.17 18.39
N PRO F 144 -26.72 -15.15 17.72
CA PRO F 144 -26.78 -15.11 16.26
C PRO F 144 -25.94 -16.23 15.63
N GLY F 145 -26.34 -16.70 14.46
CA GLY F 145 -25.53 -17.63 13.71
C GLY F 145 -24.51 -16.94 12.83
N PRO F 146 -23.45 -17.67 12.46
CA PRO F 146 -22.51 -17.15 11.47
C PRO F 146 -23.20 -16.94 10.14
N TYR F 147 -22.61 -16.17 9.26
CA TYR F 147 -23.21 -16.13 7.96
C TYR F 147 -22.21 -15.82 6.85
N PRO F 148 -22.53 -16.33 5.67
CA PRO F 148 -21.57 -16.27 4.60
C PRO F 148 -21.73 -14.92 3.91
N TRP F 149 -20.64 -14.47 3.30
CA TRP F 149 -20.70 -13.18 2.65
C TRP F 149 -19.73 -13.16 1.46
N ARG F 150 -20.00 -12.25 0.52
CA ARG F 150 -19.27 -12.20 -0.75
C ARG F 150 -17.99 -11.36 -0.65
N ASN F 151 -17.02 -11.88 0.09
CA ASN F 151 -15.69 -11.29 0.20
C ASN F 151 -14.79 -12.22 -0.63
N GLY F 152 -14.07 -13.14 0.00
CA GLY F 152 -13.48 -14.26 -0.71
C GLY F 152 -14.54 -15.29 -1.08
N PRO F 153 -14.13 -16.37 -1.77
CA PRO F 153 -15.13 -17.33 -2.25
C PRO F 153 -15.77 -18.27 -1.21
N ASN F 154 -15.24 -18.31 0.01
CA ASN F 154 -15.83 -19.11 1.08
C ASN F 154 -15.58 -18.45 2.42
N ASP F 155 -16.02 -17.21 2.51
CA ASP F 155 -15.87 -16.43 3.73
C ASP F 155 -17.17 -16.42 4.55
N TRP F 156 -16.99 -16.52 5.86
CA TRP F 156 -18.09 -16.61 6.82
C TRP F 156 -17.79 -15.70 8.00
N ARG F 157 -18.71 -14.81 8.33
CA ARG F 157 -18.53 -14.04 9.55
C ARG F 157 -18.75 -14.98 10.75
N PRO F 158 -17.90 -14.85 11.78
CA PRO F 158 -18.25 -15.48 13.05
C PRO F 158 -19.56 -14.96 13.56
N ALA F 159 -20.22 -15.71 14.44
CA ALA F 159 -21.37 -15.19 15.15
C ALA F 159 -21.02 -13.83 15.78
N HIS F 160 -21.85 -12.81 15.57
CA HIS F 160 -21.51 -11.49 16.12
C HIS F 160 -22.74 -10.64 16.34
N ILE F 161 -22.60 -9.69 17.26
CA ILE F 161 -23.60 -8.68 17.49
C ILE F 161 -22.92 -7.33 17.26
N HIS F 162 -23.53 -6.48 16.45
CA HIS F 162 -23.02 -5.14 16.25
C HIS F 162 -23.42 -4.26 17.42
N PHE F 163 -22.54 -3.38 17.85
CA PHE F 163 -22.76 -2.51 19.01
C PHE F 163 -22.43 -1.08 18.63
N GLY F 164 -23.24 -0.14 19.13
CA GLY F 164 -22.92 1.28 19.04
C GLY F 164 -23.02 1.86 20.44
N ILE F 165 -22.03 2.65 20.83
CA ILE F 165 -22.00 3.26 22.18
C ILE F 165 -21.72 4.74 22.02
N SER F 166 -22.56 5.57 22.62
CA SER F 166 -22.41 7.04 22.48
C SER F 166 -21.28 7.61 23.33
N GLY F 167 -21.32 7.33 24.63
CA GLY F 167 -20.37 7.93 25.55
C GLY F 167 -20.61 9.41 25.76
N PRO F 168 -19.72 10.06 26.50
CA PRO F 168 -19.96 11.46 26.88
C PRO F 168 -19.81 12.50 25.78
N SER F 169 -19.21 12.16 24.65
CA SER F 169 -19.01 13.14 23.60
C SER F 169 -18.97 12.50 22.22
N ILE F 170 -19.02 13.31 21.16
CA ILE F 170 -18.84 12.76 19.83
C ILE F 170 -17.44 12.17 19.64
N ALA F 171 -16.46 12.60 20.45
CA ALA F 171 -15.11 12.05 20.41
C ALA F 171 -15.05 10.62 20.95
N THR F 172 -16.01 10.23 21.78
CA THR F 172 -16.02 8.88 22.35
C THR F 172 -16.91 7.88 21.61
N LYS F 173 -17.78 8.36 20.73
CA LYS F 173 -18.71 7.47 20.04
C LYS F 173 -17.96 6.37 19.31
N LEU F 174 -18.48 5.14 19.43
CA LEU F 174 -17.82 3.96 18.85
C LEU F 174 -18.85 2.99 18.29
N ILE F 175 -18.55 2.41 17.13
CA ILE F 175 -19.25 1.24 16.65
C ILE F 175 -18.23 0.11 16.63
N THR F 176 -18.66 -1.05 17.11
CA THR F 176 -17.78 -2.22 17.17
C THR F 176 -18.62 -3.50 17.01
N GLN F 177 -17.98 -4.66 17.15
CA GLN F 177 -18.70 -5.94 17.06
C GLN F 177 -18.24 -6.82 18.20
N LEU F 178 -19.21 -7.57 18.78
CA LEU F 178 -18.99 -8.59 19.80
C LEU F 178 -18.91 -9.95 19.13
N TYR F 179 -17.89 -10.73 19.48
CA TYR F 179 -17.76 -12.12 19.06
C TYR F 179 -17.86 -13.00 20.28
N PHE F 180 -18.01 -14.31 20.08
CA PHE F 180 -18.26 -15.24 21.18
C PHE F 180 -17.10 -16.18 21.47
N GLU F 181 -16.76 -16.32 22.75
CA GLU F 181 -15.68 -17.17 23.23
C GLU F 181 -15.64 -18.50 22.52
N GLY F 182 -14.48 -18.82 21.97
CA GLY F 182 -14.24 -20.14 21.39
C GLY F 182 -14.59 -20.32 19.93
N ASP F 183 -15.26 -19.35 19.30
CA ASP F 183 -15.78 -19.53 17.93
C ASP F 183 -14.60 -19.71 16.98
N PRO F 184 -14.50 -20.87 16.31
CA PRO F 184 -13.35 -21.14 15.46
C PRO F 184 -13.30 -20.27 14.19
N LEU F 185 -14.39 -19.56 13.90
CA LEU F 185 -14.39 -18.64 12.75
C LEU F 185 -13.64 -17.33 12.99
N ILE F 186 -13.44 -16.96 14.23
CA ILE F 186 -12.88 -15.65 14.57
C ILE F 186 -11.52 -15.42 13.91
N PRO F 187 -10.58 -16.38 14.03
CA PRO F 187 -9.23 -16.11 13.46
C PRO F 187 -9.18 -16.10 11.94
N CYS F 189 -11.59 -14.56 9.94
CA CYS F 189 -12.43 -13.48 9.39
C CYS F 189 -11.62 -12.23 9.03
N PRO F 190 -11.68 -11.80 7.75
CA PRO F 190 -10.93 -10.60 7.35
C PRO F 190 -11.43 -9.28 7.98
N ILE F 191 -12.65 -9.26 8.48
CA ILE F 191 -13.14 -8.11 9.24
C ILE F 191 -12.53 -8.09 10.64
N VAL F 192 -12.55 -9.23 11.33
CA VAL F 192 -11.85 -9.34 12.61
C VAL F 192 -10.39 -8.91 12.41
N LYS F 193 -9.75 -9.47 11.39
CA LYS F 193 -8.34 -9.24 11.11
C LYS F 193 -8.01 -7.88 10.48
N SER F 194 -9.02 -7.01 10.29
CA SER F 194 -8.74 -5.59 10.05
C SER F 194 -8.01 -4.98 11.26
N ILE F 195 -8.20 -5.60 12.43
CA ILE F 195 -7.46 -5.24 13.65
C ILE F 195 -6.12 -5.99 13.60
N ALA F 196 -5.01 -5.26 13.50
CA ALA F 196 -3.69 -5.86 13.33
C ALA F 196 -3.15 -6.57 14.57
N ASN F 197 -3.48 -6.06 15.76
CA ASN F 197 -2.94 -6.56 17.04
C ASN F 197 -3.87 -7.66 17.60
N PRO F 198 -3.42 -8.93 17.67
CA PRO F 198 -4.35 -9.93 18.21
C PRO F 198 -4.86 -9.67 19.65
N GLU F 199 -4.10 -8.95 20.46
CA GLU F 199 -4.56 -8.55 21.79
C GLU F 199 -5.75 -7.60 21.73
N ALA F 200 -5.82 -6.78 20.68
CA ALA F 200 -7.00 -5.93 20.50
C ALA F 200 -8.21 -6.79 20.10
N VAL F 201 -8.01 -7.78 19.24
CA VAL F 201 -9.12 -8.67 18.89
C VAL F 201 -9.70 -9.32 20.16
N GLN F 202 -8.83 -9.72 21.09
CA GLN F 202 -9.32 -10.37 22.30
C GLN F 202 -10.32 -9.51 23.09
N GLN F 203 -10.17 -8.20 22.98
CA GLN F 203 -11.10 -7.28 23.62
C GLN F 203 -12.53 -7.33 23.08
N LEU F 204 -12.71 -7.90 21.89
CA LEU F 204 -14.02 -8.02 21.29
C LEU F 204 -14.68 -9.36 21.53
N ILE F 205 -14.02 -10.25 22.29
CA ILE F 205 -14.55 -11.60 22.46
C ILE F 205 -15.28 -11.66 23.81
N ALA F 206 -16.59 -11.83 23.75
CA ALA F 206 -17.45 -11.95 24.96
C ALA F 206 -17.18 -13.29 25.60
N LYS F 207 -17.12 -13.31 26.92
CA LYS F 207 -16.84 -14.53 27.66
C LYS F 207 -18.12 -15.11 28.23
N LEU F 208 -18.24 -16.42 28.14
CA LEU F 208 -19.35 -17.14 28.79
C LEU F 208 -19.33 -16.78 30.29
N ASP F 209 -20.51 -16.43 30.81
CA ASP F 209 -20.65 -15.92 32.17
C ASP F 209 -21.73 -16.72 32.90
N MET F 210 -21.31 -17.85 33.46
CA MET F 210 -22.28 -18.77 34.05
C MET F 210 -22.95 -18.17 35.27
N ASN F 211 -22.25 -17.28 35.95
CA ASN F 211 -22.78 -16.63 37.16
C ASN F 211 -24.01 -15.75 36.84
N ASN F 212 -24.11 -15.27 35.60
CA ASN F 212 -25.21 -14.41 35.20
C ASN F 212 -26.32 -15.18 34.45
N ALA F 213 -26.12 -16.48 34.28
CA ALA F 213 -27.13 -17.30 33.64
C ALA F 213 -28.34 -17.49 34.55
N ASN F 214 -29.49 -17.70 33.92
CA ASN F 214 -30.70 -18.13 34.61
C ASN F 214 -30.86 -19.62 34.40
N PRO F 215 -30.67 -20.42 35.48
CA PRO F 215 -30.79 -21.87 35.31
C PRO F 215 -32.13 -22.27 34.68
N MET F 216 -32.07 -23.29 33.85
CA MET F 216 -33.24 -23.84 33.16
C MET F 216 -33.91 -22.81 32.23
N ASP F 217 -33.14 -21.81 31.80
CA ASP F 217 -33.72 -20.68 31.10
C ASP F 217 -32.76 -20.14 30.02
N CYS F 218 -31.70 -19.47 30.43
CA CYS F 218 -30.81 -18.82 29.46
C CYS F 218 -29.40 -18.75 29.96
N LEU F 219 -28.46 -18.83 29.01
CA LEU F 219 -27.06 -18.59 29.32
C LEU F 219 -26.76 -17.09 29.34
N ALA F 220 -25.50 -16.75 29.53
CA ALA F 220 -25.10 -15.34 29.57
C ALA F 220 -23.66 -15.20 29.11
N TYR F 221 -23.40 -14.05 28.52
CA TYR F 221 -22.09 -13.64 28.04
C TYR F 221 -21.80 -12.23 28.59
N ARG F 222 -20.52 -11.98 28.87
CA ARG F 222 -20.07 -10.71 29.42
C ARG F 222 -19.24 -9.99 28.38
N PHE F 223 -19.60 -8.73 28.13
CA PHE F 223 -18.89 -7.89 27.16
C PHE F 223 -18.71 -6.49 27.77
N ASP F 224 -17.52 -6.22 28.27
CA ASP F 224 -17.19 -4.89 28.81
C ASP F 224 -16.67 -4.03 27.68
N ILE F 225 -16.97 -2.74 27.73
CA ILE F 225 -16.61 -1.79 26.68
C ILE F 225 -15.78 -0.69 27.31
N VAL F 226 -14.67 -0.33 26.67
CA VAL F 226 -13.79 0.73 27.17
C VAL F 226 -13.79 1.87 26.14
N LEU F 227 -14.29 3.03 26.59
CA LEU F 227 -14.25 4.27 25.79
C LEU F 227 -13.02 5.12 26.13
N ARG F 228 -12.72 6.09 25.27
CA ARG F 228 -11.57 6.95 25.52
C ARG F 228 -11.60 7.56 26.92
N GLY F 229 -10.43 7.56 27.57
CA GLY F 229 -10.26 8.21 28.87
C GLY F 229 -10.64 9.68 28.85
N GLN F 230 -11.36 10.11 29.89
CA GLN F 230 -11.80 11.51 30.02
C GLN F 230 -11.07 12.15 31.20
N ARG F 231 -10.41 13.28 30.99
CA ARG F 231 -9.75 14.01 32.08
C ARG F 231 -10.09 15.46 32.03
N LYS F 232 -9.95 16.11 33.18
CA LYS F 232 -10.09 17.56 33.24
C LYS F 232 -8.94 18.19 32.47
N THR F 233 -9.21 19.36 31.90
CA THR F 233 -8.16 20.21 31.35
C THR F 233 -7.22 20.63 32.49
N HIS F 234 -5.96 20.82 32.16
CA HIS F 234 -4.99 21.39 33.08
C HIS F 234 -3.97 22.24 32.35
N PHE F 235 -3.56 23.31 33.01
CA PHE F 235 -2.53 24.22 32.53
C PHE F 235 -2.77 24.72 31.11
N GLU F 236 -4.04 24.96 30.73
CA GLU F 236 -4.32 25.49 29.38
C GLU F 236 -4.55 26.99 29.37
#